data_5JB5
# 
_entry.id   5JB5 
# 
_audit_conform.dict_name       mmcif_pdbx.dic 
_audit_conform.dict_version    5.397 
_audit_conform.dict_location   http://mmcif.pdb.org/dictionaries/ascii/mmcif_pdbx.dic 
# 
loop_
_database_2.database_id 
_database_2.database_code 
_database_2.pdbx_database_accession 
_database_2.pdbx_DOI 
PDB   5JB5         pdb_00005jb5 10.2210/pdb5jb5/pdb 
WWPDB D_1000220293 ?            ?                   
# 
loop_
_pdbx_audit_revision_history.ordinal 
_pdbx_audit_revision_history.data_content_type 
_pdbx_audit_revision_history.major_revision 
_pdbx_audit_revision_history.minor_revision 
_pdbx_audit_revision_history.revision_date 
1 'Structure model' 1 0 2017-04-19 
2 'Structure model' 1 1 2020-02-19 
3 'Structure model' 1 2 2023-11-08 
4 'Structure model' 1 3 2024-10-23 
# 
_pdbx_audit_revision_details.ordinal             1 
_pdbx_audit_revision_details.revision_ordinal    1 
_pdbx_audit_revision_details.data_content_type   'Structure model' 
_pdbx_audit_revision_details.provider            repository 
_pdbx_audit_revision_details.type                'Initial release' 
_pdbx_audit_revision_details.description         ? 
_pdbx_audit_revision_details.details             ? 
# 
loop_
_pdbx_audit_revision_group.ordinal 
_pdbx_audit_revision_group.revision_ordinal 
_pdbx_audit_revision_group.data_content_type 
_pdbx_audit_revision_group.group 
1 2 'Structure model' 'Data collection'        
2 3 'Structure model' 'Data collection'        
3 3 'Structure model' 'Database references'    
4 3 'Structure model' 'Refinement description' 
5 4 'Structure model' 'Structure summary'      
# 
loop_
_pdbx_audit_revision_category.ordinal 
_pdbx_audit_revision_category.revision_ordinal 
_pdbx_audit_revision_category.data_content_type 
_pdbx_audit_revision_category.category 
1 2 'Structure model' diffrn_source                 
2 3 'Structure model' chem_comp_atom                
3 3 'Structure model' chem_comp_bond                
4 3 'Structure model' database_2                    
5 3 'Structure model' pdbx_initial_refinement_model 
6 4 'Structure model' pdbx_entry_details            
7 4 'Structure model' pdbx_modification_feature     
# 
loop_
_pdbx_audit_revision_item.ordinal 
_pdbx_audit_revision_item.revision_ordinal 
_pdbx_audit_revision_item.data_content_type 
_pdbx_audit_revision_item.item 
1 2 'Structure model' '_diffrn_source.pdbx_synchrotron_site' 
2 3 'Structure model' '_database_2.pdbx_DOI'                 
3 3 'Structure model' '_database_2.pdbx_database_accession'  
# 
_pdbx_database_status.status_code                     REL 
_pdbx_database_status.status_code_sf                  REL 
_pdbx_database_status.status_code_mr                  ? 
_pdbx_database_status.entry_id                        5JB5 
_pdbx_database_status.recvd_initial_deposition_date   2016-04-13 
_pdbx_database_status.SG_entry                        N 
_pdbx_database_status.deposit_site                    RCSB 
_pdbx_database_status.process_site                    PDBJ 
_pdbx_database_status.status_code_cs                  ? 
_pdbx_database_status.methods_development_category    ? 
_pdbx_database_status.pdb_format_compatible           Y 
_pdbx_database_status.status_code_nmr_data            ? 
# 
loop_
_pdbx_database_related.db_name 
_pdbx_database_related.details 
_pdbx_database_related.db_id 
_pdbx_database_related.content_type 
PDB . 5JB4 unspecified 
PDB . 5JB6 unspecified 
PDB . 5JB7 unspecified 
# 
_audit_author.name               'Islam, M.M.' 
_audit_author.pdbx_ordinal       1 
_audit_author.identifier_ORCID   ? 
# 
_citation.abstract                  ? 
_citation.abstract_id_CAS           ? 
_citation.book_id_ISBN              ? 
_citation.book_publisher            ? 
_citation.book_publisher_city       ? 
_citation.book_title                ? 
_citation.coordinate_linkage        ? 
_citation.country                   UK 
_citation.database_id_Medline       ? 
_citation.details                   ? 
_citation.id                        primary 
_citation.journal_abbrev            'Sci Rep' 
_citation.journal_id_ASTM           ? 
_citation.journal_id_CSD            ? 
_citation.journal_id_ISSN           2045-2322 
_citation.journal_full              ? 
_citation.journal_issue             ? 
_citation.journal_volume            7 
_citation.language                  ? 
_citation.page_first                41205 
_citation.page_last                 41205 
_citation.title                     
'Crystal structures of highly simplified BPTIs provide insights into hydration-driven increase of unfolding enthalpy' 
_citation.year                      2017 
_citation.database_id_CSD           ? 
_citation.pdbx_database_id_DOI      10.1038/srep41205 
_citation.pdbx_database_id_PubMed   28266637 
_citation.unpublished_flag          ? 
# 
loop_
_citation_author.citation_id 
_citation_author.name 
_citation_author.ordinal 
_citation_author.identifier_ORCID 
primary 'Islam, M.M.'  1 ? 
primary 'Yohda, M.'    2 ? 
primary 'Kidokoro, S.' 3 ? 
primary 'Kuroda, Y.'   4 ? 
# 
loop_
_entity.id 
_entity.type 
_entity.src_method 
_entity.pdbx_description 
_entity.formula_weight 
_entity.pdbx_number_of_molecules 
_entity.pdbx_ec 
_entity.pdbx_mutation 
_entity.pdbx_fragment 
_entity.details 
1 polymer     man 'Pancreatic trypsin inhibitor' 5756.489 3   ? C49G,C73V,M87L ? ? 
2 non-polymer syn 'SULFATE ION'                  96.063   4   ? ?              ? ? 
3 water       nat water                          18.015   283 ? ?              ? ? 
# 
_entity_name_com.entity_id   1 
_entity_name_com.name        'Aprotinin,Basic protease inhibitor,BPTI' 
# 
_entity_poly.entity_id                      1 
_entity_poly.type                           'polypeptide(L)' 
_entity_poly.nstd_linkage                   no 
_entity_poly.nstd_monomer                   no 
_entity_poly.pdbx_seq_one_letter_code       RPAFCLEPPYAGPGAAAIIRYFYNAAAGAAQAFVYGGVAAKRNNFASAADALAACAAA 
_entity_poly.pdbx_seq_one_letter_code_can   RPAFCLEPPYAGPGAAAIIRYFYNAAAGAAQAFVYGGVAAKRNNFASAADALAACAAA 
_entity_poly.pdbx_strand_id                 A,B,C 
_entity_poly.pdbx_target_identifier         ? 
# 
loop_
_pdbx_entity_nonpoly.entity_id 
_pdbx_entity_nonpoly.name 
_pdbx_entity_nonpoly.comp_id 
2 'SULFATE ION' SO4 
3 water         HOH 
# 
loop_
_entity_poly_seq.entity_id 
_entity_poly_seq.num 
_entity_poly_seq.mon_id 
_entity_poly_seq.hetero 
1 1  ARG n 
1 2  PRO n 
1 3  ALA n 
1 4  PHE n 
1 5  CYS n 
1 6  LEU n 
1 7  GLU n 
1 8  PRO n 
1 9  PRO n 
1 10 TYR n 
1 11 ALA n 
1 12 GLY n 
1 13 PRO n 
1 14 GLY n 
1 15 ALA n 
1 16 ALA n 
1 17 ALA n 
1 18 ILE n 
1 19 ILE n 
1 20 ARG n 
1 21 TYR n 
1 22 PHE n 
1 23 TYR n 
1 24 ASN n 
1 25 ALA n 
1 26 ALA n 
1 27 ALA n 
1 28 GLY n 
1 29 ALA n 
1 30 ALA n 
1 31 GLN n 
1 32 ALA n 
1 33 PHE n 
1 34 VAL n 
1 35 TYR n 
1 36 GLY n 
1 37 GLY n 
1 38 VAL n 
1 39 ALA n 
1 40 ALA n 
1 41 LYS n 
1 42 ARG n 
1 43 ASN n 
1 44 ASN n 
1 45 PHE n 
1 46 ALA n 
1 47 SER n 
1 48 ALA n 
1 49 ALA n 
1 50 ASP n 
1 51 ALA n 
1 52 LEU n 
1 53 ALA n 
1 54 ALA n 
1 55 CYS n 
1 56 ALA n 
1 57 ALA n 
1 58 ALA n 
# 
_entity_src_gen.entity_id                          1 
_entity_src_gen.pdbx_src_id                        1 
_entity_src_gen.pdbx_alt_source_flag               sample 
_entity_src_gen.pdbx_seq_type                      'Biological sequence' 
_entity_src_gen.pdbx_beg_seq_num                   1 
_entity_src_gen.pdbx_end_seq_num                   58 
_entity_src_gen.gene_src_common_name               Bovine 
_entity_src_gen.gene_src_genus                     ? 
_entity_src_gen.pdbx_gene_src_gene                 ? 
_entity_src_gen.gene_src_species                   ? 
_entity_src_gen.gene_src_strain                    ? 
_entity_src_gen.gene_src_tissue                    ? 
_entity_src_gen.gene_src_tissue_fraction           ? 
_entity_src_gen.gene_src_details                   ? 
_entity_src_gen.pdbx_gene_src_fragment             ? 
_entity_src_gen.pdbx_gene_src_scientific_name      'Bos taurus' 
_entity_src_gen.pdbx_gene_src_ncbi_taxonomy_id     9913 
_entity_src_gen.pdbx_gene_src_variant              ? 
_entity_src_gen.pdbx_gene_src_cell_line            ? 
_entity_src_gen.pdbx_gene_src_atcc                 ? 
_entity_src_gen.pdbx_gene_src_organ                ? 
_entity_src_gen.pdbx_gene_src_organelle            ? 
_entity_src_gen.pdbx_gene_src_cell                 ? 
_entity_src_gen.pdbx_gene_src_cellular_location    ? 
_entity_src_gen.host_org_common_name               ? 
_entity_src_gen.pdbx_host_org_scientific_name      'Escherichia coli' 
_entity_src_gen.pdbx_host_org_ncbi_taxonomy_id     562 
_entity_src_gen.host_org_genus                     ? 
_entity_src_gen.pdbx_host_org_gene                 ? 
_entity_src_gen.pdbx_host_org_organ                ? 
_entity_src_gen.host_org_species                   ? 
_entity_src_gen.pdbx_host_org_tissue               ? 
_entity_src_gen.pdbx_host_org_tissue_fraction      ? 
_entity_src_gen.pdbx_host_org_strain               ? 
_entity_src_gen.pdbx_host_org_variant              ? 
_entity_src_gen.pdbx_host_org_cell_line            ? 
_entity_src_gen.pdbx_host_org_atcc                 ? 
_entity_src_gen.pdbx_host_org_culture_collection   ? 
_entity_src_gen.pdbx_host_org_cell                 ? 
_entity_src_gen.pdbx_host_org_organelle            ? 
_entity_src_gen.pdbx_host_org_cellular_location    ? 
_entity_src_gen.pdbx_host_org_vector_type          ? 
_entity_src_gen.pdbx_host_org_vector               ? 
_entity_src_gen.host_org_details                   ? 
_entity_src_gen.expression_system_id               ? 
_entity_src_gen.plasmid_name                       ? 
_entity_src_gen.plasmid_details                    ? 
_entity_src_gen.pdbx_description                   ? 
# 
loop_
_chem_comp.id 
_chem_comp.type 
_chem_comp.mon_nstd_flag 
_chem_comp.name 
_chem_comp.pdbx_synonyms 
_chem_comp.formula 
_chem_comp.formula_weight 
ALA 'L-peptide linking' y ALANINE         ? 'C3 H7 N O2'     89.093  
ARG 'L-peptide linking' y ARGININE        ? 'C6 H15 N4 O2 1' 175.209 
ASN 'L-peptide linking' y ASPARAGINE      ? 'C4 H8 N2 O3'    132.118 
ASP 'L-peptide linking' y 'ASPARTIC ACID' ? 'C4 H7 N O4'     133.103 
CYS 'L-peptide linking' y CYSTEINE        ? 'C3 H7 N O2 S'   121.158 
GLN 'L-peptide linking' y GLUTAMINE       ? 'C5 H10 N2 O3'   146.144 
GLU 'L-peptide linking' y 'GLUTAMIC ACID' ? 'C5 H9 N O4'     147.129 
GLY 'peptide linking'   y GLYCINE         ? 'C2 H5 N O2'     75.067  
HOH non-polymer         . WATER           ? 'H2 O'           18.015  
ILE 'L-peptide linking' y ISOLEUCINE      ? 'C6 H13 N O2'    131.173 
LEU 'L-peptide linking' y LEUCINE         ? 'C6 H13 N O2'    131.173 
LYS 'L-peptide linking' y LYSINE          ? 'C6 H15 N2 O2 1' 147.195 
MET 'L-peptide linking' y METHIONINE      ? 'C5 H11 N O2 S'  149.211 
PHE 'L-peptide linking' y PHENYLALANINE   ? 'C9 H11 N O2'    165.189 
PRO 'L-peptide linking' y PROLINE         ? 'C5 H9 N O2'     115.130 
SER 'L-peptide linking' y SERINE          ? 'C3 H7 N O3'     105.093 
SO4 non-polymer         . 'SULFATE ION'   ? 'O4 S -2'        96.063  
THR 'L-peptide linking' y THREONINE       ? 'C4 H9 N O3'     119.119 
TYR 'L-peptide linking' y TYROSINE        ? 'C9 H11 N O3'    181.189 
VAL 'L-peptide linking' y VALINE          ? 'C5 H11 N O2'    117.146 
# 
loop_
_pdbx_poly_seq_scheme.asym_id 
_pdbx_poly_seq_scheme.entity_id 
_pdbx_poly_seq_scheme.seq_id 
_pdbx_poly_seq_scheme.mon_id 
_pdbx_poly_seq_scheme.ndb_seq_num 
_pdbx_poly_seq_scheme.pdb_seq_num 
_pdbx_poly_seq_scheme.auth_seq_num 
_pdbx_poly_seq_scheme.pdb_mon_id 
_pdbx_poly_seq_scheme.auth_mon_id 
_pdbx_poly_seq_scheme.pdb_strand_id 
_pdbx_poly_seq_scheme.pdb_ins_code 
_pdbx_poly_seq_scheme.hetero 
A 1 1  ARG 1  1  1  ARG ARG A . n 
A 1 2  PRO 2  2  2  PRO PRO A . n 
A 1 3  ALA 3  3  3  ALA ALA A . n 
A 1 4  PHE 4  4  4  PHE PHE A . n 
A 1 5  CYS 5  5  5  CYS CYS A . n 
A 1 6  LEU 6  6  6  LEU LEU A . n 
A 1 7  GLU 7  7  7  GLU GLU A . n 
A 1 8  PRO 8  8  8  PRO PRO A . n 
A 1 9  PRO 9  9  9  PRO PRO A . n 
A 1 10 TYR 10 10 10 TYR TYR A . n 
A 1 11 ALA 11 11 11 ALA ALA A . n 
A 1 12 GLY 12 12 12 GLY GLY A . n 
A 1 13 PRO 13 13 13 PRO PRO A . n 
A 1 14 GLY 14 14 14 GLY GLY A . n 
A 1 15 ALA 15 15 15 ALA ALA A . n 
A 1 16 ALA 16 16 16 ALA ALA A . n 
A 1 17 ALA 17 17 17 ALA ALA A . n 
A 1 18 ILE 18 18 18 ILE ILE A . n 
A 1 19 ILE 19 19 19 ILE ILE A . n 
A 1 20 ARG 20 20 20 ARG ARG A . n 
A 1 21 TYR 21 21 21 TYR TYR A . n 
A 1 22 PHE 22 22 22 PHE PHE A . n 
A 1 23 TYR 23 23 23 TYR TYR A . n 
A 1 24 ASN 24 24 24 ASN ASN A . n 
A 1 25 ALA 25 25 25 ALA ALA A . n 
A 1 26 ALA 26 26 26 ALA ALA A . n 
A 1 27 ALA 27 27 27 ALA ALA A . n 
A 1 28 GLY 28 28 28 GLY GLY A . n 
A 1 29 ALA 29 29 29 ALA ALA A . n 
A 1 30 ALA 30 30 30 ALA ALA A . n 
A 1 31 GLN 31 31 31 GLN GLN A . n 
A 1 32 ALA 32 32 32 ALA ALA A . n 
A 1 33 PHE 33 33 33 PHE PHE A . n 
A 1 34 VAL 34 34 34 VAL VAL A . n 
A 1 35 TYR 35 35 35 TYR TYR A . n 
A 1 36 GLY 36 36 36 GLY GLY A . n 
A 1 37 GLY 37 37 37 GLY GLY A . n 
A 1 38 VAL 38 38 38 VAL VAL A . n 
A 1 39 ALA 39 39 39 ALA ALA A . n 
A 1 40 ALA 40 40 40 ALA ALA A . n 
A 1 41 LYS 41 41 41 LYS LYS A . n 
A 1 42 ARG 42 42 42 ARG ARG A . n 
A 1 43 ASN 43 43 43 ASN ASN A . n 
A 1 44 ASN 44 44 44 ASN ASN A . n 
A 1 45 PHE 45 45 45 PHE PHE A . n 
A 1 46 ALA 46 46 46 ALA ALA A . n 
A 1 47 SER 47 47 47 SER SER A . n 
A 1 48 ALA 48 48 48 ALA ALA A . n 
A 1 49 ALA 49 49 49 ALA ALA A . n 
A 1 50 ASP 50 50 50 ASP ASP A . n 
A 1 51 ALA 51 51 51 ALA ALA A . n 
A 1 52 LEU 52 52 52 LEU LEU A . n 
A 1 53 ALA 53 53 53 ALA ALA A . n 
A 1 54 ALA 54 54 54 ALA ALA A . n 
A 1 55 CYS 55 55 55 CYS CYS A . n 
A 1 56 ALA 56 56 56 ALA ALA A . n 
A 1 57 ALA 57 57 57 ALA ALA A . n 
A 1 58 ALA 58 58 ?  ?   ?   A . n 
B 1 1  ARG 1  1  1  ARG ARG B . n 
B 1 2  PRO 2  2  2  PRO PRO B . n 
B 1 3  ALA 3  3  3  ALA ALA B . n 
B 1 4  PHE 4  4  4  PHE PHE B . n 
B 1 5  CYS 5  5  5  CYS CYS B . n 
B 1 6  LEU 6  6  6  LEU LEU B . n 
B 1 7  GLU 7  7  7  GLU GLU B . n 
B 1 8  PRO 8  8  8  PRO PRO B . n 
B 1 9  PRO 9  9  9  PRO PRO B . n 
B 1 10 TYR 10 10 10 TYR TYR B . n 
B 1 11 ALA 11 11 11 ALA ALA B . n 
B 1 12 GLY 12 12 12 GLY GLY B . n 
B 1 13 PRO 13 13 13 PRO PRO B . n 
B 1 14 GLY 14 14 14 GLY GLY B . n 
B 1 15 ALA 15 15 15 ALA ALA B . n 
B 1 16 ALA 16 16 16 ALA ALA B . n 
B 1 17 ALA 17 17 17 ALA ALA B . n 
B 1 18 ILE 18 18 18 ILE ILE B . n 
B 1 19 ILE 19 19 19 ILE ILE B . n 
B 1 20 ARG 20 20 20 ARG ARG B . n 
B 1 21 TYR 21 21 21 TYR TYR B . n 
B 1 22 PHE 22 22 22 PHE PHE B . n 
B 1 23 TYR 23 23 23 TYR TYR B . n 
B 1 24 ASN 24 24 24 ASN ASN B . n 
B 1 25 ALA 25 25 25 ALA ALA B . n 
B 1 26 ALA 26 26 26 ALA ALA B . n 
B 1 27 ALA 27 27 27 ALA ALA B . n 
B 1 28 GLY 28 28 28 GLY GLY B . n 
B 1 29 ALA 29 29 29 ALA ALA B . n 
B 1 30 ALA 30 30 30 ALA ALA B . n 
B 1 31 GLN 31 31 31 GLN GLN B . n 
B 1 32 ALA 32 32 32 ALA ALA B . n 
B 1 33 PHE 33 33 33 PHE PHE B . n 
B 1 34 VAL 34 34 34 VAL VAL B . n 
B 1 35 TYR 35 35 35 TYR TYR B . n 
B 1 36 GLY 36 36 36 GLY GLY B . n 
B 1 37 GLY 37 37 37 GLY GLY B . n 
B 1 38 VAL 38 38 38 VAL VAL B . n 
B 1 39 ALA 39 39 39 ALA ALA B . n 
B 1 40 ALA 40 40 40 ALA ALA B . n 
B 1 41 LYS 41 41 41 LYS LYS B . n 
B 1 42 ARG 42 42 42 ARG ARG B . n 
B 1 43 ASN 43 43 43 ASN ASN B . n 
B 1 44 ASN 44 44 44 ASN ASN B . n 
B 1 45 PHE 45 45 45 PHE PHE B . n 
B 1 46 ALA 46 46 46 ALA ALA B . n 
B 1 47 SER 47 47 47 SER SER B . n 
B 1 48 ALA 48 48 48 ALA ALA B . n 
B 1 49 ALA 49 49 49 ALA ALA B . n 
B 1 50 ASP 50 50 50 ASP ASP B . n 
B 1 51 ALA 51 51 51 ALA ALA B . n 
B 1 52 LEU 52 52 52 LEU LEU B . n 
B 1 53 ALA 53 53 53 ALA ALA B . n 
B 1 54 ALA 54 54 54 ALA ALA B . n 
B 1 55 CYS 55 55 55 CYS CYS B . n 
B 1 56 ALA 56 56 56 ALA ALA B . n 
B 1 57 ALA 57 57 57 ALA ALA B . n 
B 1 58 ALA 58 58 58 ALA ALA B . n 
C 1 1  ARG 1  1  1  ARG ARG C . n 
C 1 2  PRO 2  2  2  PRO PRO C . n 
C 1 3  ALA 3  3  3  ALA ALA C . n 
C 1 4  PHE 4  4  4  PHE PHE C . n 
C 1 5  CYS 5  5  5  CYS CYS C . n 
C 1 6  LEU 6  6  6  LEU LEU C . n 
C 1 7  GLU 7  7  7  GLU GLU C . n 
C 1 8  PRO 8  8  8  PRO PRO C . n 
C 1 9  PRO 9  9  9  PRO PRO C . n 
C 1 10 TYR 10 10 10 TYR TYR C . n 
C 1 11 ALA 11 11 11 ALA ALA C . n 
C 1 12 GLY 12 12 12 GLY GLY C . n 
C 1 13 PRO 13 13 13 PRO PRO C . n 
C 1 14 GLY 14 14 14 GLY GLY C . n 
C 1 15 ALA 15 15 15 ALA ALA C . n 
C 1 16 ALA 16 16 16 ALA ALA C . n 
C 1 17 ALA 17 17 17 ALA ALA C . n 
C 1 18 ILE 18 18 18 ILE ILE C . n 
C 1 19 ILE 19 19 19 ILE ILE C . n 
C 1 20 ARG 20 20 20 ARG ARG C . n 
C 1 21 TYR 21 21 21 TYR TYR C . n 
C 1 22 PHE 22 22 22 PHE PHE C . n 
C 1 23 TYR 23 23 23 TYR TYR C . n 
C 1 24 ASN 24 24 24 ASN ASN C . n 
C 1 25 ALA 25 25 25 ALA ALA C . n 
C 1 26 ALA 26 26 26 ALA ALA C . n 
C 1 27 ALA 27 27 27 ALA ALA C . n 
C 1 28 GLY 28 28 28 GLY GLY C . n 
C 1 29 ALA 29 29 29 ALA ALA C . n 
C 1 30 ALA 30 30 30 ALA ALA C . n 
C 1 31 GLN 31 31 31 GLN GLN C . n 
C 1 32 ALA 32 32 32 ALA ALA C . n 
C 1 33 PHE 33 33 33 PHE PHE C . n 
C 1 34 VAL 34 34 34 VAL VAL C . n 
C 1 35 TYR 35 35 35 TYR TYR C . n 
C 1 36 GLY 36 36 36 GLY GLY C . n 
C 1 37 GLY 37 37 37 GLY GLY C . n 
C 1 38 VAL 38 38 38 VAL VAL C . n 
C 1 39 ALA 39 39 39 ALA ALA C . n 
C 1 40 ALA 40 40 40 ALA ALA C . n 
C 1 41 LYS 41 41 41 LYS LYS C . n 
C 1 42 ARG 42 42 42 ARG ARG C . n 
C 1 43 ASN 43 43 43 ASN ASN C . n 
C 1 44 ASN 44 44 44 ASN ASN C . n 
C 1 45 PHE 45 45 45 PHE PHE C . n 
C 1 46 ALA 46 46 46 ALA ALA C . n 
C 1 47 SER 47 47 47 SER SER C . n 
C 1 48 ALA 48 48 48 ALA ALA C . n 
C 1 49 ALA 49 49 49 ALA ALA C . n 
C 1 50 ASP 50 50 50 ASP ASP C . n 
C 1 51 ALA 51 51 51 ALA ALA C . n 
C 1 52 LEU 52 52 52 LEU LEU C . n 
C 1 53 ALA 53 53 53 ALA ALA C . n 
C 1 54 ALA 54 54 54 ALA ALA C . n 
C 1 55 CYS 55 55 55 CYS CYS C . n 
C 1 56 ALA 56 56 56 ALA ALA C . n 
C 1 57 ALA 57 57 57 ALA ALA C . n 
C 1 58 ALA 58 58 58 ALA ALA C . n 
# 
loop_
_pdbx_nonpoly_scheme.asym_id 
_pdbx_nonpoly_scheme.entity_id 
_pdbx_nonpoly_scheme.mon_id 
_pdbx_nonpoly_scheme.ndb_seq_num 
_pdbx_nonpoly_scheme.pdb_seq_num 
_pdbx_nonpoly_scheme.auth_seq_num 
_pdbx_nonpoly_scheme.pdb_mon_id 
_pdbx_nonpoly_scheme.auth_mon_id 
_pdbx_nonpoly_scheme.pdb_strand_id 
_pdbx_nonpoly_scheme.pdb_ins_code 
D 2 SO4 1   101 101 SO4 SO4 A . 
E 2 SO4 1   101 101 SO4 SO4 B . 
F 2 SO4 1   101 101 SO4 SO4 C . 
G 2 SO4 1   102 102 SO4 SO4 C . 
H 3 HOH 1   201 201 HOH HOH A . 
H 3 HOH 2   202 202 HOH HOH A . 
H 3 HOH 3   203 203 HOH HOH A . 
H 3 HOH 4   204 204 HOH HOH A . 
H 3 HOH 5   205 205 HOH HOH A . 
H 3 HOH 6   206 206 HOH HOH A . 
H 3 HOH 7   207 207 HOH HOH A . 
H 3 HOH 8   208 208 HOH HOH A . 
H 3 HOH 9   209 209 HOH HOH A . 
H 3 HOH 10  210 210 HOH HOH A . 
H 3 HOH 11  211 211 HOH HOH A . 
H 3 HOH 12  212 212 HOH HOH A . 
H 3 HOH 13  213 213 HOH HOH A . 
H 3 HOH 14  214 214 HOH HOH A . 
H 3 HOH 15  215 215 HOH HOH A . 
H 3 HOH 16  216 216 HOH HOH A . 
H 3 HOH 17  217 217 HOH HOH A . 
H 3 HOH 18  218 218 HOH HOH A . 
H 3 HOH 19  219 219 HOH HOH A . 
H 3 HOH 20  220 220 HOH HOH A . 
H 3 HOH 21  221 221 HOH HOH A . 
H 3 HOH 22  222 222 HOH HOH A . 
H 3 HOH 23  223 223 HOH HOH A . 
H 3 HOH 24  224 224 HOH HOH A . 
H 3 HOH 25  225 225 HOH HOH A . 
H 3 HOH 26  226 226 HOH HOH A . 
H 3 HOH 27  227 227 HOH HOH A . 
H 3 HOH 28  228 228 HOH HOH A . 
H 3 HOH 29  229 229 HOH HOH A . 
H 3 HOH 30  230 230 HOH HOH A . 
H 3 HOH 31  231 231 HOH HOH A . 
H 3 HOH 32  232 232 HOH HOH A . 
H 3 HOH 33  233 233 HOH HOH A . 
H 3 HOH 34  234 234 HOH HOH A . 
H 3 HOH 35  235 235 HOH HOH A . 
H 3 HOH 36  236 236 HOH HOH A . 
H 3 HOH 37  237 237 HOH HOH A . 
H 3 HOH 38  238 238 HOH HOH A . 
H 3 HOH 39  239 239 HOH HOH A . 
H 3 HOH 40  240 240 HOH HOH A . 
H 3 HOH 41  241 241 HOH HOH A . 
H 3 HOH 42  242 242 HOH HOH A . 
H 3 HOH 43  243 243 HOH HOH A . 
H 3 HOH 44  244 244 HOH HOH A . 
H 3 HOH 45  245 245 HOH HOH A . 
H 3 HOH 46  246 246 HOH HOH A . 
H 3 HOH 47  247 247 HOH HOH A . 
H 3 HOH 48  248 248 HOH HOH A . 
H 3 HOH 49  249 249 HOH HOH A . 
H 3 HOH 50  250 250 HOH HOH A . 
H 3 HOH 51  251 251 HOH HOH A . 
H 3 HOH 52  252 252 HOH HOH A . 
H 3 HOH 53  253 253 HOH HOH A . 
H 3 HOH 54  254 254 HOH HOH A . 
H 3 HOH 55  255 255 HOH HOH A . 
H 3 HOH 56  256 256 HOH HOH A . 
H 3 HOH 57  257 257 HOH HOH A . 
H 3 HOH 58  258 258 HOH HOH A . 
H 3 HOH 59  259 259 HOH HOH A . 
H 3 HOH 60  260 260 HOH HOH A . 
H 3 HOH 61  261 261 HOH HOH A . 
H 3 HOH 62  262 262 HOH HOH A . 
H 3 HOH 63  263 263 HOH HOH A . 
H 3 HOH 64  264 264 HOH HOH A . 
H 3 HOH 65  265 265 HOH HOH A . 
H 3 HOH 66  266 266 HOH HOH A . 
H 3 HOH 67  267 267 HOH HOH A . 
H 3 HOH 68  268 268 HOH HOH A . 
H 3 HOH 69  269 269 HOH HOH A . 
H 3 HOH 70  270 270 HOH HOH A . 
H 3 HOH 71  271 271 HOH HOH A . 
H 3 HOH 72  272 272 HOH HOH A . 
H 3 HOH 73  273 273 HOH HOH A . 
H 3 HOH 74  274 274 HOH HOH A . 
H 3 HOH 75  275 275 HOH HOH A . 
H 3 HOH 76  276 276 HOH HOH A . 
H 3 HOH 77  277 277 HOH HOH A . 
H 3 HOH 78  278 278 HOH HOH A . 
H 3 HOH 79  279 279 HOH HOH A . 
H 3 HOH 80  280 280 HOH HOH A . 
H 3 HOH 81  281 281 HOH HOH A . 
H 3 HOH 82  282 282 HOH HOH A . 
H 3 HOH 83  283 283 HOH HOH A . 
H 3 HOH 84  284 284 HOH HOH A . 
H 3 HOH 85  285 285 HOH HOH A . 
H 3 HOH 86  286 286 HOH HOH A . 
H 3 HOH 87  287 287 HOH HOH A . 
H 3 HOH 88  288 288 HOH HOH A . 
H 3 HOH 89  289 289 HOH HOH A . 
H 3 HOH 90  290 290 HOH HOH A . 
H 3 HOH 91  291 291 HOH HOH A . 
H 3 HOH 92  292 292 HOH HOH A . 
H 3 HOH 93  293 293 HOH HOH A . 
H 3 HOH 94  294 294 HOH HOH A . 
H 3 HOH 95  295 295 HOH HOH A . 
H 3 HOH 96  296 296 HOH HOH A . 
H 3 HOH 97  297 297 HOH HOH A . 
H 3 HOH 98  298 298 HOH HOH A . 
H 3 HOH 99  299 299 HOH HOH A . 
H 3 HOH 100 300 300 HOH HOH A . 
H 3 HOH 101 301 301 HOH HOH A . 
H 3 HOH 102 302 302 HOH HOH A . 
I 3 HOH 1   201 201 HOH HOH B . 
I 3 HOH 2   202 202 HOH HOH B . 
I 3 HOH 3   203 203 HOH HOH B . 
I 3 HOH 4   204 204 HOH HOH B . 
I 3 HOH 5   205 205 HOH HOH B . 
I 3 HOH 6   206 206 HOH HOH B . 
I 3 HOH 7   207 207 HOH HOH B . 
I 3 HOH 8   208 208 HOH HOH B . 
I 3 HOH 9   209 209 HOH HOH B . 
I 3 HOH 10  210 210 HOH HOH B . 
I 3 HOH 11  211 211 HOH HOH B . 
I 3 HOH 12  212 212 HOH HOH B . 
I 3 HOH 13  213 213 HOH HOH B . 
I 3 HOH 14  214 214 HOH HOH B . 
I 3 HOH 15  215 215 HOH HOH B . 
I 3 HOH 16  216 216 HOH HOH B . 
I 3 HOH 17  217 217 HOH HOH B . 
I 3 HOH 18  218 218 HOH HOH B . 
I 3 HOH 19  219 219 HOH HOH B . 
I 3 HOH 20  220 220 HOH HOH B . 
I 3 HOH 21  221 221 HOH HOH B . 
I 3 HOH 22  222 222 HOH HOH B . 
I 3 HOH 23  223 223 HOH HOH B . 
I 3 HOH 24  224 224 HOH HOH B . 
I 3 HOH 25  225 225 HOH HOH B . 
I 3 HOH 26  226 226 HOH HOH B . 
I 3 HOH 27  227 227 HOH HOH B . 
I 3 HOH 28  228 228 HOH HOH B . 
I 3 HOH 29  229 229 HOH HOH B . 
I 3 HOH 30  230 230 HOH HOH B . 
I 3 HOH 31  231 231 HOH HOH B . 
I 3 HOH 32  232 232 HOH HOH B . 
I 3 HOH 33  233 233 HOH HOH B . 
I 3 HOH 34  234 234 HOH HOH B . 
I 3 HOH 35  235 235 HOH HOH B . 
I 3 HOH 36  236 236 HOH HOH B . 
I 3 HOH 37  237 237 HOH HOH B . 
I 3 HOH 38  238 238 HOH HOH B . 
I 3 HOH 39  239 239 HOH HOH B . 
I 3 HOH 40  240 240 HOH HOH B . 
I 3 HOH 41  241 241 HOH HOH B . 
I 3 HOH 42  242 242 HOH HOH B . 
I 3 HOH 43  243 243 HOH HOH B . 
I 3 HOH 44  244 244 HOH HOH B . 
I 3 HOH 45  245 245 HOH HOH B . 
I 3 HOH 46  246 246 HOH HOH B . 
I 3 HOH 47  247 247 HOH HOH B . 
I 3 HOH 48  248 248 HOH HOH B . 
I 3 HOH 49  249 249 HOH HOH B . 
I 3 HOH 50  250 250 HOH HOH B . 
I 3 HOH 51  251 251 HOH HOH B . 
I 3 HOH 52  252 252 HOH HOH B . 
I 3 HOH 53  253 253 HOH HOH B . 
I 3 HOH 54  254 254 HOH HOH B . 
I 3 HOH 55  255 255 HOH HOH B . 
I 3 HOH 56  256 256 HOH HOH B . 
I 3 HOH 57  257 257 HOH HOH B . 
I 3 HOH 58  258 258 HOH HOH B . 
I 3 HOH 59  259 259 HOH HOH B . 
I 3 HOH 60  260 260 HOH HOH B . 
I 3 HOH 61  261 261 HOH HOH B . 
I 3 HOH 62  262 262 HOH HOH B . 
I 3 HOH 63  263 263 HOH HOH B . 
I 3 HOH 64  264 264 HOH HOH B . 
I 3 HOH 65  265 265 HOH HOH B . 
I 3 HOH 66  266 266 HOH HOH B . 
I 3 HOH 67  267 267 HOH HOH B . 
I 3 HOH 68  268 268 HOH HOH B . 
I 3 HOH 69  269 269 HOH HOH B . 
I 3 HOH 70  270 270 HOH HOH B . 
I 3 HOH 71  271 271 HOH HOH B . 
I 3 HOH 72  272 272 HOH HOH B . 
I 3 HOH 73  273 273 HOH HOH B . 
I 3 HOH 74  274 274 HOH HOH B . 
I 3 HOH 75  275 275 HOH HOH B . 
I 3 HOH 76  276 276 HOH HOH B . 
I 3 HOH 77  277 277 HOH HOH B . 
I 3 HOH 78  278 278 HOH HOH B . 
I 3 HOH 79  279 279 HOH HOH B . 
I 3 HOH 80  280 280 HOH HOH B . 
I 3 HOH 81  281 281 HOH HOH B . 
I 3 HOH 82  282 282 HOH HOH B . 
I 3 HOH 83  283 283 HOH HOH B . 
I 3 HOH 84  284 284 HOH HOH B . 
I 3 HOH 85  285 285 HOH HOH B . 
I 3 HOH 86  286 286 HOH HOH B . 
I 3 HOH 87  287 287 HOH HOH B . 
I 3 HOH 88  288 288 HOH HOH B . 
I 3 HOH 89  289 289 HOH HOH B . 
I 3 HOH 90  290 290 HOH HOH B . 
I 3 HOH 91  291 291 HOH HOH B . 
I 3 HOH 92  292 292 HOH HOH B . 
I 3 HOH 93  293 293 HOH HOH B . 
I 3 HOH 94  294 294 HOH HOH B . 
I 3 HOH 95  295 295 HOH HOH B . 
I 3 HOH 96  296 296 HOH HOH B . 
I 3 HOH 97  297 297 HOH HOH B . 
J 3 HOH 1   201 201 HOH HOH C . 
J 3 HOH 2   202 202 HOH HOH C . 
J 3 HOH 3   203 203 HOH HOH C . 
J 3 HOH 4   204 204 HOH HOH C . 
J 3 HOH 5   205 205 HOH HOH C . 
J 3 HOH 6   206 206 HOH HOH C . 
J 3 HOH 7   207 207 HOH HOH C . 
J 3 HOH 8   208 208 HOH HOH C . 
J 3 HOH 9   209 209 HOH HOH C . 
J 3 HOH 10  210 210 HOH HOH C . 
J 3 HOH 11  211 211 HOH HOH C . 
J 3 HOH 12  212 212 HOH HOH C . 
J 3 HOH 13  213 213 HOH HOH C . 
J 3 HOH 14  214 214 HOH HOH C . 
J 3 HOH 15  215 215 HOH HOH C . 
J 3 HOH 16  216 216 HOH HOH C . 
J 3 HOH 17  217 217 HOH HOH C . 
J 3 HOH 18  218 218 HOH HOH C . 
J 3 HOH 19  219 219 HOH HOH C . 
J 3 HOH 20  220 220 HOH HOH C . 
J 3 HOH 21  221 221 HOH HOH C . 
J 3 HOH 22  222 222 HOH HOH C . 
J 3 HOH 23  223 223 HOH HOH C . 
J 3 HOH 24  224 224 HOH HOH C . 
J 3 HOH 25  225 225 HOH HOH C . 
J 3 HOH 26  226 226 HOH HOH C . 
J 3 HOH 27  227 227 HOH HOH C . 
J 3 HOH 28  228 228 HOH HOH C . 
J 3 HOH 29  229 229 HOH HOH C . 
J 3 HOH 30  230 230 HOH HOH C . 
J 3 HOH 31  231 231 HOH HOH C . 
J 3 HOH 32  232 232 HOH HOH C . 
J 3 HOH 33  233 233 HOH HOH C . 
J 3 HOH 34  234 234 HOH HOH C . 
J 3 HOH 35  235 235 HOH HOH C . 
J 3 HOH 36  236 236 HOH HOH C . 
J 3 HOH 37  237 237 HOH HOH C . 
J 3 HOH 38  238 238 HOH HOH C . 
J 3 HOH 39  239 239 HOH HOH C . 
J 3 HOH 40  240 240 HOH HOH C . 
J 3 HOH 41  241 241 HOH HOH C . 
J 3 HOH 42  242 242 HOH HOH C . 
J 3 HOH 43  243 243 HOH HOH C . 
J 3 HOH 44  244 244 HOH HOH C . 
J 3 HOH 45  245 245 HOH HOH C . 
J 3 HOH 46  246 246 HOH HOH C . 
J 3 HOH 47  247 247 HOH HOH C . 
J 3 HOH 48  248 248 HOH HOH C . 
J 3 HOH 49  249 249 HOH HOH C . 
J 3 HOH 50  250 250 HOH HOH C . 
J 3 HOH 51  251 251 HOH HOH C . 
J 3 HOH 52  252 252 HOH HOH C . 
J 3 HOH 53  253 253 HOH HOH C . 
J 3 HOH 54  254 254 HOH HOH C . 
J 3 HOH 55  255 255 HOH HOH C . 
J 3 HOH 56  256 256 HOH HOH C . 
J 3 HOH 57  257 257 HOH HOH C . 
J 3 HOH 58  258 258 HOH HOH C . 
J 3 HOH 59  259 259 HOH HOH C . 
J 3 HOH 60  260 260 HOH HOH C . 
J 3 HOH 61  261 261 HOH HOH C . 
J 3 HOH 62  262 262 HOH HOH C . 
J 3 HOH 63  263 263 HOH HOH C . 
J 3 HOH 64  264 264 HOH HOH C . 
J 3 HOH 65  265 265 HOH HOH C . 
J 3 HOH 66  266 266 HOH HOH C . 
J 3 HOH 67  267 267 HOH HOH C . 
J 3 HOH 68  268 268 HOH HOH C . 
J 3 HOH 69  269 269 HOH HOH C . 
J 3 HOH 70  270 270 HOH HOH C . 
J 3 HOH 71  271 271 HOH HOH C . 
J 3 HOH 72  272 272 HOH HOH C . 
J 3 HOH 73  273 273 HOH HOH C . 
J 3 HOH 74  274 274 HOH HOH C . 
J 3 HOH 75  275 275 HOH HOH C . 
J 3 HOH 76  276 276 HOH HOH C . 
J 3 HOH 77  277 277 HOH HOH C . 
J 3 HOH 78  278 278 HOH HOH C . 
J 3 HOH 79  279 279 HOH HOH C . 
J 3 HOH 80  280 280 HOH HOH C . 
J 3 HOH 81  281 281 HOH HOH C . 
J 3 HOH 82  282 282 HOH HOH C . 
J 3 HOH 83  283 283 HOH HOH C . 
J 3 HOH 84  284 284 HOH HOH C . 
# 
loop_
_software.citation_id 
_software.classification 
_software.compiler_name 
_software.compiler_version 
_software.contact_author 
_software.contact_author_email 
_software.date 
_software.description 
_software.dependencies 
_software.hardware 
_software.language 
_software.location 
_software.mods 
_software.name 
_software.os 
_software.os_version 
_software.type 
_software.version 
_software.pdbx_ordinal 
? 'data reduction' ? ? ? ? ? ? ? ? ? ? ? DENZO    ? ? ? .        1 
? 'data scaling'   ? ? ? ? ? ? ? ? ? ? ? SCALA    ? ? ? .        2 
? phasing          ? ? ? ? ? ? ? ? ? ? ? HKL-2000 ? ? ? .        3 
? refinement       ? ? ? ? ? ? ? ? ? ? ? REFMAC   ? ? ? 5.8.0049 4 
# 
_cell.angle_alpha                  90.00 
_cell.angle_alpha_esd              ? 
_cell.angle_beta                   90.00 
_cell.angle_beta_esd               ? 
_cell.angle_gamma                  90.00 
_cell.angle_gamma_esd              ? 
_cell.entry_id                     5JB5 
_cell.details                      ? 
_cell.formula_units_Z              ? 
_cell.length_a                     60.989 
_cell.length_a_esd                 ? 
_cell.length_b                     99.184 
_cell.length_b_esd                 ? 
_cell.length_c                     61.731 
_cell.length_c_esd                 ? 
_cell.volume                       ? 
_cell.volume_esd                   ? 
_cell.Z_PDB                        24 
_cell.reciprocal_angle_alpha       ? 
_cell.reciprocal_angle_beta        ? 
_cell.reciprocal_angle_gamma       ? 
_cell.reciprocal_angle_alpha_esd   ? 
_cell.reciprocal_angle_beta_esd    ? 
_cell.reciprocal_angle_gamma_esd   ? 
_cell.reciprocal_length_a          ? 
_cell.reciprocal_length_b          ? 
_cell.reciprocal_length_c          ? 
_cell.reciprocal_length_a_esd      ? 
_cell.reciprocal_length_b_esd      ? 
_cell.reciprocal_length_c_esd      ? 
_cell.pdbx_unique_axis             ? 
# 
_symmetry.entry_id                         5JB5 
_symmetry.cell_setting                     ? 
_symmetry.Int_Tables_number                20 
_symmetry.space_group_name_Hall            ? 
_symmetry.space_group_name_H-M             'C 2 2 21' 
_symmetry.pdbx_full_space_group_name_H-M   ? 
# 
_exptl.absorpt_coefficient_mu     ? 
_exptl.absorpt_correction_T_max   ? 
_exptl.absorpt_correction_T_min   ? 
_exptl.absorpt_correction_type    ? 
_exptl.absorpt_process_details    ? 
_exptl.entry_id                   5JB5 
_exptl.crystals_number            1 
_exptl.details                    ? 
_exptl.method                     'X-RAY DIFFRACTION' 
_exptl.method_details             ? 
# 
_exptl_crystal.colour                      ? 
_exptl_crystal.density_diffrn              ? 
_exptl_crystal.density_Matthews            2.70 
_exptl_crystal.density_method              ? 
_exptl_crystal.density_percent_sol         54.49 
_exptl_crystal.description                 ? 
_exptl_crystal.F_000                       ? 
_exptl_crystal.id                          1 
_exptl_crystal.preparation                 ? 
_exptl_crystal.size_max                    ? 
_exptl_crystal.size_mid                    ? 
_exptl_crystal.size_min                    ? 
_exptl_crystal.size_rad                    ? 
_exptl_crystal.colour_lustre               ? 
_exptl_crystal.colour_modifier             ? 
_exptl_crystal.colour_primary              ? 
_exptl_crystal.density_meas                ? 
_exptl_crystal.density_meas_esd            ? 
_exptl_crystal.density_meas_gt             ? 
_exptl_crystal.density_meas_lt             ? 
_exptl_crystal.density_meas_temp           ? 
_exptl_crystal.density_meas_temp_esd       ? 
_exptl_crystal.density_meas_temp_gt        ? 
_exptl_crystal.density_meas_temp_lt        ? 
_exptl_crystal.pdbx_crystal_image_url      ? 
_exptl_crystal.pdbx_crystal_image_format   ? 
_exptl_crystal.pdbx_mosaicity              ? 
_exptl_crystal.pdbx_mosaicity_esd          ? 
# 
_exptl_crystal_grow.apparatus       ? 
_exptl_crystal_grow.atmosphere      ? 
_exptl_crystal_grow.crystal_id      1 
_exptl_crystal_grow.details         ? 
_exptl_crystal_grow.method          'VAPOR DIFFUSION, HANGING DROP' 
_exptl_crystal_grow.method_ref      ? 
_exptl_crystal_grow.pH              8.5 
_exptl_crystal_grow.pressure        ? 
_exptl_crystal_grow.pressure_esd    ? 
_exptl_crystal_grow.seeding         ? 
_exptl_crystal_grow.seeding_ref     ? 
_exptl_crystal_grow.temp            293 
_exptl_crystal_grow.temp_details    ? 
_exptl_crystal_grow.temp_esd        ? 
_exptl_crystal_grow.time            ? 
_exptl_crystal_grow.pdbx_details    'PEG 4000, LITIUM SULFATE, TRIS-HCL' 
_exptl_crystal_grow.pdbx_pH_range   ? 
# 
_diffrn.ambient_environment    ? 
_diffrn.ambient_temp           95 
_diffrn.ambient_temp_details   ? 
_diffrn.ambient_temp_esd       ? 
_diffrn.crystal_id             1 
_diffrn.crystal_support        ? 
_diffrn.crystal_treatment      ? 
_diffrn.details                ? 
_diffrn.id                     1 
_diffrn.ambient_pressure       ? 
_diffrn.ambient_pressure_esd   ? 
_diffrn.ambient_pressure_gt    ? 
_diffrn.ambient_pressure_lt    ? 
_diffrn.ambient_temp_gt        ? 
_diffrn.ambient_temp_lt        ? 
# 
_diffrn_detector.details                      ? 
_diffrn_detector.detector                     CCD 
_diffrn_detector.diffrn_id                    1 
_diffrn_detector.type                         'ADSC QUANTUM 1' 
_diffrn_detector.area_resol_mean              ? 
_diffrn_detector.dtime                        ? 
_diffrn_detector.pdbx_frames_total            ? 
_diffrn_detector.pdbx_collection_time_total   ? 
_diffrn_detector.pdbx_collection_date         2008-06-06 
# 
_diffrn_radiation.collimation                      ? 
_diffrn_radiation.diffrn_id                        1 
_diffrn_radiation.filter_edge                      ? 
_diffrn_radiation.inhomogeneity                    ? 
_diffrn_radiation.monochromator                    ? 
_diffrn_radiation.polarisn_norm                    ? 
_diffrn_radiation.polarisn_ratio                   ? 
_diffrn_radiation.probe                            ? 
_diffrn_radiation.type                             ? 
_diffrn_radiation.xray_symbol                      ? 
_diffrn_radiation.wavelength_id                    1 
_diffrn_radiation.pdbx_monochromatic_or_laue_m_l   M 
_diffrn_radiation.pdbx_wavelength_list             ? 
_diffrn_radiation.pdbx_wavelength                  ? 
_diffrn_radiation.pdbx_diffrn_protocol             'SINGLE WAVELENGTH' 
_diffrn_radiation.pdbx_analyzer                    ? 
_diffrn_radiation.pdbx_scattering_type             x-ray 
# 
_diffrn_radiation_wavelength.id           1 
_diffrn_radiation_wavelength.wavelength   1.0 
_diffrn_radiation_wavelength.wt           1.0 
# 
_diffrn_source.current                     ? 
_diffrn_source.details                     ? 
_diffrn_source.diffrn_id                   1 
_diffrn_source.power                       ? 
_diffrn_source.size                        ? 
_diffrn_source.source                      SYNCHROTRON 
_diffrn_source.target                      ? 
_diffrn_source.type                        'PHOTON FACTORY BEAMLINE BL-5A' 
_diffrn_source.voltage                     ? 
_diffrn_source.take-off_angle              ? 
_diffrn_source.pdbx_wavelength_list        1.0 
_diffrn_source.pdbx_wavelength             ? 
_diffrn_source.pdbx_synchrotron_beamline   BL-5A 
_diffrn_source.pdbx_synchrotron_site       'Photon Factory' 
# 
_reflns.B_iso_Wilson_estimate            ? 
_reflns.entry_id                         5JB5 
_reflns.data_reduction_details           ? 
_reflns.data_reduction_method            ? 
_reflns.d_resolution_high                1.598 
_reflns.d_resolution_low                 50.000 
_reflns.details                          ? 
_reflns.limit_h_max                      ? 
_reflns.limit_h_min                      ? 
_reflns.limit_k_max                      ? 
_reflns.limit_k_min                      ? 
_reflns.limit_l_max                      ? 
_reflns.limit_l_min                      ? 
_reflns.number_all                       ? 
_reflns.number_obs                       23855 
_reflns.observed_criterion               ? 
_reflns.observed_criterion_F_max         ? 
_reflns.observed_criterion_F_min         ? 
_reflns.observed_criterion_I_max         ? 
_reflns.observed_criterion_I_min         ? 
_reflns.observed_criterion_sigma_F       ? 
_reflns.observed_criterion_sigma_I       -3.000 
_reflns.percent_possible_obs             95.6 
_reflns.R_free_details                   ? 
_reflns.Rmerge_F_all                     ? 
_reflns.Rmerge_F_obs                     ? 
_reflns.Friedel_coverage                 ? 
_reflns.number_gt                        ? 
_reflns.threshold_expression             ? 
_reflns.pdbx_redundancy                  3.200 
_reflns.pdbx_Rmerge_I_obs                0.10900 
_reflns.pdbx_Rmerge_I_all                ? 
_reflns.pdbx_Rsym_value                  0.10900 
_reflns.pdbx_netI_over_av_sigmaI         ? 
_reflns.pdbx_netI_over_sigmaI            6.8000 
_reflns.pdbx_res_netI_over_av_sigmaI_2   ? 
_reflns.pdbx_res_netI_over_sigmaI_2      ? 
_reflns.pdbx_chi_squared                 ? 
_reflns.pdbx_scaling_rejects             ? 
_reflns.pdbx_d_res_high_opt              ? 
_reflns.pdbx_d_res_low_opt               ? 
_reflns.pdbx_d_res_opt_method            ? 
_reflns.phase_calculation_details        ? 
_reflns.pdbx_Rrim_I_all                  ? 
_reflns.pdbx_Rpim_I_all                  ? 
_reflns.pdbx_d_opt                       ? 
_reflns.pdbx_number_measured_all         ? 
_reflns.pdbx_diffrn_id                   1 
_reflns.pdbx_ordinal                     1 
_reflns.pdbx_CC_half                     ? 
_reflns.pdbx_R_split                     ? 
# 
_reflns_shell.d_res_high                  1.60 
_reflns_shell.d_res_low                   1.66 
_reflns_shell.meanI_over_sigI_all         ? 
_reflns_shell.meanI_over_sigI_obs         5.600 
_reflns_shell.number_measured_all         ? 
_reflns_shell.number_measured_obs         ? 
_reflns_shell.number_possible             ? 
_reflns_shell.number_unique_all           ? 
_reflns_shell.number_unique_obs           ? 
_reflns_shell.percent_possible_all        99.9 
_reflns_shell.percent_possible_obs        ? 
_reflns_shell.Rmerge_F_all                ? 
_reflns_shell.Rmerge_F_obs                ? 
_reflns_shell.Rmerge_I_all                ? 
_reflns_shell.Rmerge_I_obs                0.27600 
_reflns_shell.meanI_over_sigI_gt          ? 
_reflns_shell.meanI_over_uI_all           ? 
_reflns_shell.meanI_over_uI_gt            ? 
_reflns_shell.number_measured_gt          ? 
_reflns_shell.number_unique_gt            ? 
_reflns_shell.percent_possible_gt         ? 
_reflns_shell.Rmerge_F_gt                 ? 
_reflns_shell.Rmerge_I_gt                 ? 
_reflns_shell.pdbx_redundancy             6.30 
_reflns_shell.pdbx_Rsym_value             ? 
_reflns_shell.pdbx_chi_squared            ? 
_reflns_shell.pdbx_netI_over_sigmaI_all   ? 
_reflns_shell.pdbx_netI_over_sigmaI_obs   ? 
_reflns_shell.pdbx_Rrim_I_all             ? 
_reflns_shell.pdbx_Rpim_I_all             ? 
_reflns_shell.pdbx_rejects                ? 
_reflns_shell.pdbx_ordinal                1 
_reflns_shell.pdbx_diffrn_id              1 
_reflns_shell.pdbx_CC_half                ? 
_reflns_shell.pdbx_R_split                ? 
# 
_refine.aniso_B[1][1]                            0.09000 
_refine.aniso_B[1][2]                            0.00000 
_refine.aniso_B[1][3]                            0.00000 
_refine.aniso_B[2][2]                            -0.09000 
_refine.aniso_B[2][3]                            0.00000 
_refine.aniso_B[3][3]                            0.00000 
_refine.B_iso_max                                ? 
_refine.B_iso_mean                               11.69 
_refine.B_iso_min                                ? 
_refine.correlation_coeff_Fo_to_Fc               0.954 
_refine.correlation_coeff_Fo_to_Fc_free          0.945 
_refine.details                                  
;HYDROGENS HAVE BEEN ADDED IN THE RIDING
 POSITIONS
;
_refine.diff_density_max                         ? 
_refine.diff_density_max_esd                     ? 
_refine.diff_density_min                         ? 
_refine.diff_density_min_esd                     ? 
_refine.diff_density_rms                         ? 
_refine.diff_density_rms_esd                     ? 
_refine.entry_id                                 5JB5 
_refine.pdbx_refine_id                           'X-RAY DIFFRACTION' 
_refine.ls_abs_structure_details                 ? 
_refine.ls_abs_structure_Flack                   ? 
_refine.ls_abs_structure_Flack_esd               ? 
_refine.ls_abs_structure_Rogers                  ? 
_refine.ls_abs_structure_Rogers_esd              ? 
_refine.ls_d_res_high                            1.60 
_refine.ls_d_res_low                             26.54 
_refine.ls_extinction_coef                       ? 
_refine.ls_extinction_coef_esd                   ? 
_refine.ls_extinction_expression                 ? 
_refine.ls_extinction_method                     ? 
_refine.ls_goodness_of_fit_all                   ? 
_refine.ls_goodness_of_fit_all_esd               ? 
_refine.ls_goodness_of_fit_obs                   ? 
_refine.ls_goodness_of_fit_obs_esd               ? 
_refine.ls_hydrogen_treatment                    ? 
_refine.ls_matrix_type                           ? 
_refine.ls_number_constraints                    ? 
_refine.ls_number_parameters                     ? 
_refine.ls_number_reflns_all                     ? 
_refine.ls_number_reflns_obs                     23855 
_refine.ls_number_reflns_R_free                  1283 
_refine.ls_number_reflns_R_work                  ? 
_refine.ls_number_restraints                     ? 
_refine.ls_percent_reflns_obs                    99.9 
_refine.ls_percent_reflns_R_free                 5.100 
_refine.ls_R_factor_all                          ? 
_refine.ls_R_factor_obs                          0.169 
_refine.ls_R_factor_R_free                       0.194 
_refine.ls_R_factor_R_free_error                 ? 
_refine.ls_R_factor_R_free_error_details         ? 
_refine.ls_R_factor_R_work                       0.167 
_refine.ls_R_Fsqd_factor_obs                     ? 
_refine.ls_R_I_factor_obs                        ? 
_refine.ls_redundancy_reflns_all                 ? 
_refine.ls_redundancy_reflns_obs                 ? 
_refine.ls_restrained_S_all                      ? 
_refine.ls_restrained_S_obs                      ? 
_refine.ls_shift_over_esd_max                    ? 
_refine.ls_shift_over_esd_mean                   ? 
_refine.ls_structure_factor_coef                 ? 
_refine.ls_weighting_details                     ? 
_refine.ls_weighting_scheme                      ? 
_refine.ls_wR_factor_all                         ? 
_refine.ls_wR_factor_obs                         ? 
_refine.ls_wR_factor_R_free                      ? 
_refine.ls_wR_factor_R_work                      ? 
_refine.occupancy_max                            ? 
_refine.occupancy_min                            ? 
_refine.solvent_model_details                    ? 
_refine.solvent_model_param_bsol                 ? 
_refine.solvent_model_param_ksol                 ? 
_refine.ls_R_factor_gt                           ? 
_refine.ls_goodness_of_fit_gt                    ? 
_refine.ls_goodness_of_fit_ref                   ? 
_refine.ls_shift_over_su_max                     ? 
_refine.ls_shift_over_su_max_lt                  ? 
_refine.ls_shift_over_su_mean                    ? 
_refine.ls_shift_over_su_mean_lt                 ? 
_refine.pdbx_ls_sigma_I                          ? 
_refine.pdbx_ls_sigma_F                          ? 
_refine.pdbx_ls_sigma_Fsqd                       ? 
_refine.pdbx_data_cutoff_high_absF               ? 
_refine.pdbx_data_cutoff_high_rms_absF           ? 
_refine.pdbx_data_cutoff_low_absF                ? 
_refine.pdbx_isotropic_thermal_model             ? 
_refine.pdbx_ls_cross_valid_method               THROUGHOUT 
_refine.pdbx_method_to_determine_struct          'MOLECULAR REPLACEMENT' 
_refine.pdbx_starting_model                      3AUB 
_refine.pdbx_stereochemistry_target_values       ? 
_refine.pdbx_R_Free_selection_details            RANDOM 
_refine.pdbx_stereochem_target_val_spec_case     ? 
_refine.pdbx_overall_ESU_R                       0.080 
_refine.pdbx_overall_ESU_R_Free                  0.080 
_refine.pdbx_solvent_vdw_probe_radii             1.20 
_refine.pdbx_solvent_ion_probe_radii             0.80 
_refine.pdbx_solvent_shrinkage_radii             0.80 
_refine.pdbx_real_space_R                        ? 
_refine.pdbx_density_correlation                 ? 
_refine.pdbx_pd_number_of_powder_patterns        ? 
_refine.pdbx_pd_number_of_points                 ? 
_refine.pdbx_pd_meas_number_of_points            ? 
_refine.pdbx_pd_proc_ls_prof_R_factor            ? 
_refine.pdbx_pd_proc_ls_prof_wR_factor           ? 
_refine.pdbx_pd_Marquardt_correlation_coeff      ? 
_refine.pdbx_pd_Fsqrd_R_factor                   ? 
_refine.pdbx_pd_ls_matrix_band_width             ? 
_refine.pdbx_overall_phase_error                 ? 
_refine.pdbx_overall_SU_R_free_Cruickshank_DPI   ? 
_refine.pdbx_overall_SU_R_free_Blow_DPI          ? 
_refine.pdbx_overall_SU_R_Blow_DPI               ? 
_refine.pdbx_TLS_residual_ADP_flag               ? 
_refine.pdbx_diffrn_id                           1 
_refine.overall_SU_B                             1.370 
_refine.overall_SU_ML                            0.049 
_refine.overall_SU_R_Cruickshank_DPI             ? 
_refine.overall_SU_R_free                        ? 
_refine.overall_FOM_free_R_set                   ? 
_refine.overall_FOM_work_R_set                   ? 
_refine.pdbx_average_fsc_overall                 ? 
_refine.pdbx_average_fsc_work                    ? 
_refine.pdbx_average_fsc_free                    ? 
# 
_refine_hist.pdbx_refine_id                   'X-RAY DIFFRACTION' 
_refine_hist.cycle_id                         LAST 
_refine_hist.pdbx_number_atoms_protein        1215 
_refine_hist.pdbx_number_atoms_nucleic_acid   0 
_refine_hist.pdbx_number_atoms_ligand         20 
_refine_hist.number_atoms_solvent             283 
_refine_hist.number_atoms_total               1518 
_refine_hist.d_res_high                       1.60 
_refine_hist.d_res_low                        26.54 
# 
loop_
_refine_ls_restr.pdbx_refine_id 
_refine_ls_restr.criterion 
_refine_ls_restr.dev_ideal 
_refine_ls_restr.dev_ideal_target 
_refine_ls_restr.number 
_refine_ls_restr.rejects 
_refine_ls_restr.type 
_refine_ls_restr.weight 
_refine_ls_restr.pdbx_restraint_function 
'X-RAY DIFFRACTION' ? 0.019  0.019  1275 ? r_bond_refined_d             ? ? 
'X-RAY DIFFRACTION' ? 0.001  0.020  1157 ? r_bond_other_d               ? ? 
'X-RAY DIFFRACTION' ? 1.892  1.950  1747 ? r_angle_refined_deg          ? ? 
'X-RAY DIFFRACTION' ? 0.853  3.000  2622 ? r_angle_other_deg            ? ? 
'X-RAY DIFFRACTION' ? 6.259  5.000  172  ? r_dihedral_angle_1_deg       ? ? 
'X-RAY DIFFRACTION' ? 17.385 21.923 52   ? r_dihedral_angle_2_deg       ? ? 
'X-RAY DIFFRACTION' ? 10.179 15.000 128  ? r_dihedral_angle_3_deg       ? ? 
'X-RAY DIFFRACTION' ? 14.683 15.000 9    ? r_dihedral_angle_4_deg       ? ? 
'X-RAY DIFFRACTION' ? 0.108  0.200  181  ? r_chiral_restr               ? ? 
'X-RAY DIFFRACTION' ? 0.011  0.021  1548 ? r_gen_planes_refined         ? ? 
'X-RAY DIFFRACTION' ? 0.001  0.020  329  ? r_gen_planes_other           ? ? 
'X-RAY DIFFRACTION' ? ?      ?      ?    ? r_nbd_refined                ? ? 
'X-RAY DIFFRACTION' ? ?      ?      ?    ? r_nbd_other                  ? ? 
'X-RAY DIFFRACTION' ? ?      ?      ?    ? r_nbtor_refined              ? ? 
'X-RAY DIFFRACTION' ? ?      ?      ?    ? r_nbtor_other                ? ? 
'X-RAY DIFFRACTION' ? ?      ?      ?    ? r_xyhbond_nbd_refined        ? ? 
'X-RAY DIFFRACTION' ? ?      ?      ?    ? r_xyhbond_nbd_other          ? ? 
'X-RAY DIFFRACTION' ? ?      ?      ?    ? r_metal_ion_refined          ? ? 
'X-RAY DIFFRACTION' ? ?      ?      ?    ? r_metal_ion_other            ? ? 
'X-RAY DIFFRACTION' ? ?      ?      ?    ? r_symmetry_vdw_refined       ? ? 
'X-RAY DIFFRACTION' ? ?      ?      ?    ? r_symmetry_vdw_other         ? ? 
'X-RAY DIFFRACTION' ? ?      ?      ?    ? r_symmetry_hbond_refined     ? ? 
'X-RAY DIFFRACTION' ? ?      ?      ?    ? r_symmetry_hbond_other       ? ? 
'X-RAY DIFFRACTION' ? ?      ?      ?    ? r_symmetry_metal_ion_refined ? ? 
'X-RAY DIFFRACTION' ? ?      ?      ?    ? r_symmetry_metal_ion_other   ? ? 
'X-RAY DIFFRACTION' ? 1.170  0.975  691  ? r_mcbond_it                  ? ? 
'X-RAY DIFFRACTION' ? 1.167  0.973  690  ? r_mcbond_other               ? ? 
'X-RAY DIFFRACTION' ? 1.734  1.447  859  ? r_mcangle_it                 ? ? 
'X-RAY DIFFRACTION' ? 1.734  1.448  860  ? r_mcangle_other              ? ? 
'X-RAY DIFFRACTION' ? 1.789  1.116  584  ? r_scbond_it                  ? ? 
'X-RAY DIFFRACTION' ? 1.617  1.076  568  ? r_scbond_other               ? ? 
'X-RAY DIFFRACTION' ? ?      ?      ?    ? r_scangle_it                 ? ? 
'X-RAY DIFFRACTION' ? 2.495  1.585  863  ? r_scangle_other              ? ? 
'X-RAY DIFFRACTION' ? 5.090  9.922  1696 ? r_long_range_B_refined       ? ? 
'X-RAY DIFFRACTION' ? 4.549  8.788  1495 ? r_long_range_B_other         ? ? 
'X-RAY DIFFRACTION' ? ?      ?      ?    ? r_rigid_bond_restr           ? ? 
'X-RAY DIFFRACTION' ? ?      ?      ?    ? r_sphericity_free            ? ? 
'X-RAY DIFFRACTION' ? ?      ?      ?    ? r_sphericity_bonded          ? ? 
# 
_refine_ls_shell.pdbx_refine_id                   'X-RAY DIFFRACTION' 
_refine_ls_shell.d_res_high                       1.60 
_refine_ls_shell.d_res_low                        1.64 
_refine_ls_shell.number_reflns_all                ? 
_refine_ls_shell.number_reflns_obs                ? 
_refine_ls_shell.number_reflns_R_free             100 
_refine_ls_shell.number_reflns_R_work             1693 
_refine_ls_shell.percent_reflns_obs               98.62 
_refine_ls_shell.percent_reflns_R_free            ? 
_refine_ls_shell.R_factor_all                     ? 
_refine_ls_shell.R_factor_obs                     ? 
_refine_ls_shell.R_factor_R_free                  0.2250 
_refine_ls_shell.R_factor_R_free_error            ? 
_refine_ls_shell.R_factor_R_work                  0.1760 
_refine_ls_shell.redundancy_reflns_all            ? 
_refine_ls_shell.redundancy_reflns_obs            ? 
_refine_ls_shell.wR_factor_all                    ? 
_refine_ls_shell.wR_factor_obs                    ? 
_refine_ls_shell.wR_factor_R_free                 ? 
_refine_ls_shell.wR_factor_R_work                 ? 
_refine_ls_shell.pdbx_total_number_of_bins_used   20 
_refine_ls_shell.pdbx_phase_error                 ? 
_refine_ls_shell.pdbx_fsc_work                    ? 
_refine_ls_shell.pdbx_fsc_free                    ? 
# 
_struct.entry_id                     5JB5 
_struct.title                        'A simplified BPTI variant containing 22 alanines out of 58 residues' 
_struct.pdbx_model_details           ? 
_struct.pdbx_formula_weight          ? 
_struct.pdbx_formula_weight_method   ? 
_struct.pdbx_model_type_details      ? 
_struct.pdbx_CASP_flag               N 
# 
_struct_keywords.entry_id        5JB5 
_struct_keywords.text            'PROTEINASE INHIBITOR, HYDROLASE INHIBITOR' 
_struct_keywords.pdbx_keywords   'HYDROLASE INHIBITOR' 
# 
loop_
_struct_asym.id 
_struct_asym.pdbx_blank_PDB_chainid_flag 
_struct_asym.pdbx_modified 
_struct_asym.entity_id 
_struct_asym.details 
A N N 1 ? 
B N N 1 ? 
C N N 1 ? 
D N N 2 ? 
E N N 2 ? 
F N N 2 ? 
G N N 2 ? 
H N N 3 ? 
I N N 3 ? 
J N N 3 ? 
# 
_struct_ref.id                         1 
_struct_ref.db_name                    UNP 
_struct_ref.db_code                    BPT1_BOVIN 
_struct_ref.pdbx_db_accession          P00974 
_struct_ref.pdbx_db_isoform            ? 
_struct_ref.entity_id                  1 
_struct_ref.pdbx_seq_one_letter_code   RPDFCLEPPYTGPCKARIIRYFYNAKAGLCQTFVYGGCRAKRNNFKSAEDCMRTCGGA 
_struct_ref.pdbx_align_begin           36 
# 
loop_
_struct_ref_seq.align_id 
_struct_ref_seq.ref_id 
_struct_ref_seq.pdbx_PDB_id_code 
_struct_ref_seq.pdbx_strand_id 
_struct_ref_seq.seq_align_beg 
_struct_ref_seq.pdbx_seq_align_beg_ins_code 
_struct_ref_seq.seq_align_end 
_struct_ref_seq.pdbx_seq_align_end_ins_code 
_struct_ref_seq.pdbx_db_accession 
_struct_ref_seq.db_align_beg 
_struct_ref_seq.pdbx_db_align_beg_ins_code 
_struct_ref_seq.db_align_end 
_struct_ref_seq.pdbx_db_align_end_ins_code 
_struct_ref_seq.pdbx_auth_seq_align_beg 
_struct_ref_seq.pdbx_auth_seq_align_end 
1 1 5JB5 A 1 ? 58 ? P00974 36 ? 93 ? 1 58 
2 1 5JB5 B 1 ? 58 ? P00974 36 ? 93 ? 1 58 
3 1 5JB5 C 1 ? 58 ? P00974 36 ? 93 ? 1 58 
# 
loop_
_struct_ref_seq_dif.align_id 
_struct_ref_seq_dif.pdbx_pdb_id_code 
_struct_ref_seq_dif.mon_id 
_struct_ref_seq_dif.pdbx_pdb_strand_id 
_struct_ref_seq_dif.seq_num 
_struct_ref_seq_dif.pdbx_pdb_ins_code 
_struct_ref_seq_dif.pdbx_seq_db_name 
_struct_ref_seq_dif.pdbx_seq_db_accession_code 
_struct_ref_seq_dif.db_mon_id 
_struct_ref_seq_dif.pdbx_seq_db_seq_num 
_struct_ref_seq_dif.details 
_struct_ref_seq_dif.pdbx_auth_seq_num 
_struct_ref_seq_dif.pdbx_ordinal 
1 5JB5 ALA A 3  ? UNP P00974 ASP 38 variant               3  1  
1 5JB5 ALA A 11 ? UNP P00974 THR 46 variant               11 2  
1 5JB5 GLY A 14 ? UNP P00974 CYS 49 'engineered mutation' 14 3  
1 5JB5 ALA A 15 ? UNP P00974 LYS 50 variant               15 4  
1 5JB5 ALA A 17 ? UNP P00974 ARG 52 variant               17 5  
1 5JB5 ALA A 26 ? UNP P00974 LYS 61 variant               26 6  
1 5JB5 ALA A 29 ? UNP P00974 LEU 64 variant               29 7  
1 5JB5 ALA A 30 ? UNP P00974 CYS 65 variant               30 8  
1 5JB5 ALA A 32 ? UNP P00974 THR 67 variant               32 9  
1 5JB5 VAL A 38 ? UNP P00974 CYS 73 'engineered mutation' 38 10 
1 5JB5 ALA A 39 ? UNP P00974 ARG 74 variant               39 11 
1 5JB5 ALA A 46 ? UNP P00974 LYS 81 variant               46 12 
1 5JB5 ALA A 49 ? UNP P00974 GLU 84 variant               49 13 
1 5JB5 ALA A 51 ? UNP P00974 CYS 86 variant               51 14 
1 5JB5 LEU A 52 ? UNP P00974 MET 87 'engineered mutation' 52 15 
1 5JB5 ALA A 53 ? UNP P00974 ARG 88 variant               53 16 
1 5JB5 ALA A 54 ? UNP P00974 THR 89 variant               54 17 
1 5JB5 ALA A 56 ? UNP P00974 GLY 91 variant               56 18 
1 5JB5 ALA A 57 ? UNP P00974 GLY 92 variant               57 19 
2 5JB5 ALA B 3  ? UNP P00974 ASP 38 variant               3  20 
2 5JB5 ALA B 11 ? UNP P00974 THR 46 variant               11 21 
2 5JB5 GLY B 14 ? UNP P00974 CYS 49 'engineered mutation' 14 22 
2 5JB5 ALA B 15 ? UNP P00974 LYS 50 variant               15 23 
2 5JB5 ALA B 17 ? UNP P00974 ARG 52 variant               17 24 
2 5JB5 ALA B 26 ? UNP P00974 LYS 61 variant               26 25 
2 5JB5 ALA B 29 ? UNP P00974 LEU 64 variant               29 26 
2 5JB5 ALA B 30 ? UNP P00974 CYS 65 variant               30 27 
2 5JB5 ALA B 32 ? UNP P00974 THR 67 variant               32 28 
2 5JB5 VAL B 38 ? UNP P00974 CYS 73 'engineered mutation' 38 29 
2 5JB5 ALA B 39 ? UNP P00974 ARG 74 variant               39 30 
2 5JB5 ALA B 46 ? UNP P00974 LYS 81 variant               46 31 
2 5JB5 ALA B 49 ? UNP P00974 GLU 84 variant               49 32 
2 5JB5 ALA B 51 ? UNP P00974 CYS 86 variant               51 33 
2 5JB5 LEU B 52 ? UNP P00974 MET 87 'engineered mutation' 52 34 
2 5JB5 ALA B 53 ? UNP P00974 ARG 88 variant               53 35 
2 5JB5 ALA B 54 ? UNP P00974 THR 89 variant               54 36 
2 5JB5 ALA B 56 ? UNP P00974 GLY 91 variant               56 37 
2 5JB5 ALA B 57 ? UNP P00974 GLY 92 variant               57 38 
3 5JB5 ALA C 3  ? UNP P00974 ASP 38 variant               3  39 
3 5JB5 ALA C 11 ? UNP P00974 THR 46 variant               11 40 
3 5JB5 GLY C 14 ? UNP P00974 CYS 49 'engineered mutation' 14 41 
3 5JB5 ALA C 15 ? UNP P00974 LYS 50 variant               15 42 
3 5JB5 ALA C 17 ? UNP P00974 ARG 52 variant               17 43 
3 5JB5 ALA C 26 ? UNP P00974 LYS 61 variant               26 44 
3 5JB5 ALA C 29 ? UNP P00974 LEU 64 variant               29 45 
3 5JB5 ALA C 30 ? UNP P00974 CYS 65 variant               30 46 
3 5JB5 ALA C 32 ? UNP P00974 THR 67 variant               32 47 
3 5JB5 VAL C 38 ? UNP P00974 CYS 73 'engineered mutation' 38 48 
3 5JB5 ALA C 39 ? UNP P00974 ARG 74 variant               39 49 
3 5JB5 ALA C 46 ? UNP P00974 LYS 81 variant               46 50 
3 5JB5 ALA C 49 ? UNP P00974 GLU 84 variant               49 51 
3 5JB5 ALA C 51 ? UNP P00974 CYS 86 variant               51 52 
3 5JB5 LEU C 52 ? UNP P00974 MET 87 'engineered mutation' 52 53 
3 5JB5 ALA C 53 ? UNP P00974 ARG 88 variant               53 54 
3 5JB5 ALA C 54 ? UNP P00974 THR 89 variant               54 55 
3 5JB5 ALA C 56 ? UNP P00974 GLY 91 variant               56 56 
3 5JB5 ALA C 57 ? UNP P00974 GLY 92 variant               57 57 
# 
loop_
_pdbx_struct_assembly.id 
_pdbx_struct_assembly.details 
_pdbx_struct_assembly.method_details 
_pdbx_struct_assembly.oligomeric_details 
_pdbx_struct_assembly.oligomeric_count 
1 author_and_software_defined_assembly PISA monomeric 1 
2 author_and_software_defined_assembly PISA monomeric 1 
3 author_and_software_defined_assembly PISA monomeric 1 
# 
loop_
_pdbx_struct_assembly_prop.biol_id 
_pdbx_struct_assembly_prop.type 
_pdbx_struct_assembly_prop.value 
_pdbx_struct_assembly_prop.details 
1 'ABSA (A^2)' 0    ? 
1 MORE         0    ? 
1 'SSA (A^2)'  3360 ? 
2 'ABSA (A^2)' 0    ? 
2 MORE         0    ? 
2 'SSA (A^2)'  3410 ? 
3 'ABSA (A^2)' 210  ? 
3 MORE         -16  ? 
3 'SSA (A^2)'  3360 ? 
# 
loop_
_pdbx_struct_assembly_gen.assembly_id 
_pdbx_struct_assembly_gen.oper_expression 
_pdbx_struct_assembly_gen.asym_id_list 
1 1 A,D,H   
2 1 B,E,I   
3 1 C,F,G,J 
# 
_pdbx_struct_oper_list.id                   1 
_pdbx_struct_oper_list.type                 'identity operation' 
_pdbx_struct_oper_list.name                 1_555 
_pdbx_struct_oper_list.symmetry_operation   x,y,z 
_pdbx_struct_oper_list.matrix[1][1]         1.0000000000 
_pdbx_struct_oper_list.matrix[1][2]         0.0000000000 
_pdbx_struct_oper_list.matrix[1][3]         0.0000000000 
_pdbx_struct_oper_list.vector[1]            0.0000000000 
_pdbx_struct_oper_list.matrix[2][1]         0.0000000000 
_pdbx_struct_oper_list.matrix[2][2]         1.0000000000 
_pdbx_struct_oper_list.matrix[2][3]         0.0000000000 
_pdbx_struct_oper_list.vector[2]            0.0000000000 
_pdbx_struct_oper_list.matrix[3][1]         0.0000000000 
_pdbx_struct_oper_list.matrix[3][2]         0.0000000000 
_pdbx_struct_oper_list.matrix[3][3]         1.0000000000 
_pdbx_struct_oper_list.vector[3]            0.0000000000 
# 
loop_
_struct_conf.conf_type_id 
_struct_conf.id 
_struct_conf.pdbx_PDB_helix_id 
_struct_conf.beg_label_comp_id 
_struct_conf.beg_label_asym_id 
_struct_conf.beg_label_seq_id 
_struct_conf.pdbx_beg_PDB_ins_code 
_struct_conf.end_label_comp_id 
_struct_conf.end_label_asym_id 
_struct_conf.end_label_seq_id 
_struct_conf.pdbx_end_PDB_ins_code 
_struct_conf.beg_auth_comp_id 
_struct_conf.beg_auth_asym_id 
_struct_conf.beg_auth_seq_id 
_struct_conf.end_auth_comp_id 
_struct_conf.end_auth_asym_id 
_struct_conf.end_auth_seq_id 
_struct_conf.pdbx_PDB_helix_class 
_struct_conf.details 
_struct_conf.pdbx_PDB_helix_length 
HELX_P HELX_P1 AA1 PRO A 2  ? GLU A 7  ? PRO A 2  GLU A 7  5 ? 6  
HELX_P HELX_P2 AA2 SER A 47 ? ALA A 56 ? SER A 47 ALA A 56 1 ? 10 
HELX_P HELX_P3 AA3 PRO B 2  ? GLU B 7  ? PRO B 2  GLU B 7  5 ? 6  
HELX_P HELX_P4 AA4 SER B 47 ? ALA B 56 ? SER B 47 ALA B 56 1 ? 10 
HELX_P HELX_P5 AA5 PRO C 2  ? GLU C 7  ? PRO C 2  GLU C 7  5 ? 6  
HELX_P HELX_P6 AA6 SER C 47 ? ALA C 56 ? SER C 47 ALA C 56 1 ? 10 
# 
_struct_conf_type.id          HELX_P 
_struct_conf_type.criteria    ? 
_struct_conf_type.reference   ? 
# 
loop_
_struct_conn.id 
_struct_conn.conn_type_id 
_struct_conn.pdbx_leaving_atom_flag 
_struct_conn.pdbx_PDB_id 
_struct_conn.ptnr1_label_asym_id 
_struct_conn.ptnr1_label_comp_id 
_struct_conn.ptnr1_label_seq_id 
_struct_conn.ptnr1_label_atom_id 
_struct_conn.pdbx_ptnr1_label_alt_id 
_struct_conn.pdbx_ptnr1_PDB_ins_code 
_struct_conn.pdbx_ptnr1_standard_comp_id 
_struct_conn.ptnr1_symmetry 
_struct_conn.ptnr2_label_asym_id 
_struct_conn.ptnr2_label_comp_id 
_struct_conn.ptnr2_label_seq_id 
_struct_conn.ptnr2_label_atom_id 
_struct_conn.pdbx_ptnr2_label_alt_id 
_struct_conn.pdbx_ptnr2_PDB_ins_code 
_struct_conn.ptnr1_auth_asym_id 
_struct_conn.ptnr1_auth_comp_id 
_struct_conn.ptnr1_auth_seq_id 
_struct_conn.ptnr2_auth_asym_id 
_struct_conn.ptnr2_auth_comp_id 
_struct_conn.ptnr2_auth_seq_id 
_struct_conn.ptnr2_symmetry 
_struct_conn.pdbx_ptnr3_label_atom_id 
_struct_conn.pdbx_ptnr3_label_seq_id 
_struct_conn.pdbx_ptnr3_label_comp_id 
_struct_conn.pdbx_ptnr3_label_asym_id 
_struct_conn.pdbx_ptnr3_label_alt_id 
_struct_conn.pdbx_ptnr3_PDB_ins_code 
_struct_conn.details 
_struct_conn.pdbx_dist_value 
_struct_conn.pdbx_value_order 
_struct_conn.pdbx_role 
disulf1 disulf ? ? A CYS 5 SG ? ? ? 1_555 A CYS 55 SG ? ? A CYS 5 A CYS 55 1_555 ? ? ? ? ? ? ? 2.046 ? ? 
disulf2 disulf ? ? B CYS 5 SG ? ? ? 1_555 B CYS 55 SG ? ? B CYS 5 B CYS 55 1_555 ? ? ? ? ? ? ? 2.087 ? ? 
disulf3 disulf ? ? C CYS 5 SG ? ? ? 1_555 C CYS 55 SG ? ? C CYS 5 C CYS 55 1_555 ? ? ? ? ? ? ? 2.086 ? ? 
# 
_struct_conn_type.id          disulf 
_struct_conn_type.criteria    ? 
_struct_conn_type.reference   ? 
# 
loop_
_pdbx_modification_feature.ordinal 
_pdbx_modification_feature.label_comp_id 
_pdbx_modification_feature.label_asym_id 
_pdbx_modification_feature.label_seq_id 
_pdbx_modification_feature.label_alt_id 
_pdbx_modification_feature.modified_residue_label_comp_id 
_pdbx_modification_feature.modified_residue_label_asym_id 
_pdbx_modification_feature.modified_residue_label_seq_id 
_pdbx_modification_feature.modified_residue_label_alt_id 
_pdbx_modification_feature.auth_comp_id 
_pdbx_modification_feature.auth_asym_id 
_pdbx_modification_feature.auth_seq_id 
_pdbx_modification_feature.PDB_ins_code 
_pdbx_modification_feature.symmetry 
_pdbx_modification_feature.modified_residue_auth_comp_id 
_pdbx_modification_feature.modified_residue_auth_asym_id 
_pdbx_modification_feature.modified_residue_auth_seq_id 
_pdbx_modification_feature.modified_residue_PDB_ins_code 
_pdbx_modification_feature.modified_residue_symmetry 
_pdbx_modification_feature.comp_id_linking_atom 
_pdbx_modification_feature.modified_residue_id_linking_atom 
_pdbx_modification_feature.modified_residue_id 
_pdbx_modification_feature.ref_pcm_id 
_pdbx_modification_feature.ref_comp_id 
_pdbx_modification_feature.type 
_pdbx_modification_feature.category 
1 CYS A 5 ? CYS A 55 ? CYS A 5 ? 1_555 CYS A 55 ? 1_555 SG SG . . . None 'Disulfide bridge' 
2 CYS B 5 ? CYS B 55 ? CYS B 5 ? 1_555 CYS B 55 ? 1_555 SG SG . . . None 'Disulfide bridge' 
3 CYS C 5 ? CYS C 55 ? CYS C 5 ? 1_555 CYS C 55 ? 1_555 SG SG . . . None 'Disulfide bridge' 
# 
loop_
_struct_sheet.id 
_struct_sheet.type 
_struct_sheet.number_strands 
_struct_sheet.details 
AA1 ? 2 ? 
AA2 ? 2 ? 
AA3 ? 2 ? 
# 
loop_
_struct_sheet_order.sheet_id 
_struct_sheet_order.range_id_1 
_struct_sheet_order.range_id_2 
_struct_sheet_order.offset 
_struct_sheet_order.sense 
AA1 1 2 ? anti-parallel 
AA2 1 2 ? anti-parallel 
AA3 1 2 ? anti-parallel 
# 
loop_
_struct_sheet_range.sheet_id 
_struct_sheet_range.id 
_struct_sheet_range.beg_label_comp_id 
_struct_sheet_range.beg_label_asym_id 
_struct_sheet_range.beg_label_seq_id 
_struct_sheet_range.pdbx_beg_PDB_ins_code 
_struct_sheet_range.end_label_comp_id 
_struct_sheet_range.end_label_asym_id 
_struct_sheet_range.end_label_seq_id 
_struct_sheet_range.pdbx_end_PDB_ins_code 
_struct_sheet_range.beg_auth_comp_id 
_struct_sheet_range.beg_auth_asym_id 
_struct_sheet_range.beg_auth_seq_id 
_struct_sheet_range.end_auth_comp_id 
_struct_sheet_range.end_auth_asym_id 
_struct_sheet_range.end_auth_seq_id 
AA1 1 ILE A 18 ? ASN A 24 ? ILE A 18 ASN A 24 
AA1 2 ALA A 29 ? TYR A 35 ? ALA A 29 TYR A 35 
AA2 1 ILE B 18 ? ASN B 24 ? ILE B 18 ASN B 24 
AA2 2 ALA B 29 ? TYR B 35 ? ALA B 29 TYR B 35 
AA3 1 ILE C 18 ? ASN C 24 ? ILE C 18 ASN C 24 
AA3 2 ALA C 29 ? TYR C 35 ? ALA C 29 TYR C 35 
# 
loop_
_pdbx_struct_sheet_hbond.sheet_id 
_pdbx_struct_sheet_hbond.range_id_1 
_pdbx_struct_sheet_hbond.range_id_2 
_pdbx_struct_sheet_hbond.range_1_label_atom_id 
_pdbx_struct_sheet_hbond.range_1_label_comp_id 
_pdbx_struct_sheet_hbond.range_1_label_asym_id 
_pdbx_struct_sheet_hbond.range_1_label_seq_id 
_pdbx_struct_sheet_hbond.range_1_PDB_ins_code 
_pdbx_struct_sheet_hbond.range_1_auth_atom_id 
_pdbx_struct_sheet_hbond.range_1_auth_comp_id 
_pdbx_struct_sheet_hbond.range_1_auth_asym_id 
_pdbx_struct_sheet_hbond.range_1_auth_seq_id 
_pdbx_struct_sheet_hbond.range_2_label_atom_id 
_pdbx_struct_sheet_hbond.range_2_label_comp_id 
_pdbx_struct_sheet_hbond.range_2_label_asym_id 
_pdbx_struct_sheet_hbond.range_2_label_seq_id 
_pdbx_struct_sheet_hbond.range_2_PDB_ins_code 
_pdbx_struct_sheet_hbond.range_2_auth_atom_id 
_pdbx_struct_sheet_hbond.range_2_auth_comp_id 
_pdbx_struct_sheet_hbond.range_2_auth_asym_id 
_pdbx_struct_sheet_hbond.range_2_auth_seq_id 
AA1 1 2 N ASN A 24 ? N ASN A 24 O ALA A 29 ? O ALA A 29 
AA2 1 2 N ILE B 18 ? N ILE B 18 O TYR B 35 ? O TYR B 35 
AA3 1 2 N ILE C 18 ? N ILE C 18 O TYR C 35 ? O TYR C 35 
# 
loop_
_struct_site.id 
_struct_site.pdbx_evidence_code 
_struct_site.pdbx_auth_asym_id 
_struct_site.pdbx_auth_comp_id 
_struct_site.pdbx_auth_seq_id 
_struct_site.pdbx_auth_ins_code 
_struct_site.pdbx_num_residues 
_struct_site.details 
AC1 Software A SO4 101 ? 6 'binding site for residue SO4 A 101' 
AC2 Software B SO4 101 ? 3 'binding site for residue SO4 B 101' 
AC3 Software C SO4 101 ? 3 'binding site for residue SO4 C 101' 
AC4 Software C SO4 102 ? 4 'binding site for residue SO4 C 102' 
# 
loop_
_struct_site_gen.id 
_struct_site_gen.site_id 
_struct_site_gen.pdbx_num_res 
_struct_site_gen.label_comp_id 
_struct_site_gen.label_asym_id 
_struct_site_gen.label_seq_id 
_struct_site_gen.pdbx_auth_ins_code 
_struct_site_gen.auth_comp_id 
_struct_site_gen.auth_asym_id 
_struct_site_gen.auth_seq_id 
_struct_site_gen.label_atom_id 
_struct_site_gen.label_alt_id 
_struct_site_gen.symmetry 
_struct_site_gen.details 
1  AC1 6 ARG A 20 ? ARG A 20  . ? 1_555 ? 
2  AC1 6 TYR A 35 ? TYR A 35  . ? 1_555 ? 
3  AC1 6 HOH H .  ? HOH A 203 . ? 1_555 ? 
4  AC1 6 HOH H .  ? HOH A 212 . ? 1_555 ? 
5  AC1 6 HOH H .  ? HOH A 259 . ? 1_555 ? 
6  AC1 6 ARG B 20 ? ARG B 20  . ? 1_555 ? 
7  AC2 3 GLU B 7  ? GLU B 7   . ? 1_555 ? 
8  AC2 3 ARG B 42 ? ARG B 42  . ? 1_555 ? 
9  AC2 3 HOH I .  ? HOH B 201 . ? 1_555 ? 
10 AC3 3 ARG C 20 ? ARG C 20  . ? 1_555 ? 
11 AC3 3 ALA C 46 ? ALA C 46  . ? 1_555 ? 
12 AC3 3 HOH J .  ? HOH C 232 . ? 1_555 ? 
13 AC4 4 GLU C 7  ? GLU C 7   . ? 1_555 ? 
14 AC4 4 ARG C 42 ? ARG C 42  . ? 1_555 ? 
15 AC4 4 HOH J .  ? HOH C 201 . ? 1_555 ? 
16 AC4 4 HOH J .  ? HOH C 207 . ? 1_555 ? 
# 
_pdbx_entry_details.entry_id                   5JB5 
_pdbx_entry_details.compound_details           ? 
_pdbx_entry_details.source_details             ? 
_pdbx_entry_details.nonpolymer_details         ? 
_pdbx_entry_details.sequence_details           ? 
_pdbx_entry_details.has_ligand_of_interest     ? 
_pdbx_entry_details.has_protein_modification   Y 
# 
loop_
_pdbx_validate_close_contact.id 
_pdbx_validate_close_contact.PDB_model_num 
_pdbx_validate_close_contact.auth_atom_id_1 
_pdbx_validate_close_contact.auth_asym_id_1 
_pdbx_validate_close_contact.auth_comp_id_1 
_pdbx_validate_close_contact.auth_seq_id_1 
_pdbx_validate_close_contact.PDB_ins_code_1 
_pdbx_validate_close_contact.label_alt_id_1 
_pdbx_validate_close_contact.auth_atom_id_2 
_pdbx_validate_close_contact.auth_asym_id_2 
_pdbx_validate_close_contact.auth_comp_id_2 
_pdbx_validate_close_contact.auth_seq_id_2 
_pdbx_validate_close_contact.PDB_ins_code_2 
_pdbx_validate_close_contact.label_alt_id_2 
_pdbx_validate_close_contact.dist 
1 1 O B HOH 246 ? ? O B HOH 267 ? ? 2.00 
2 1 C A ALA 57  ? ? O A HOH 201 ? ? 2.15 
3 1 O A HOH 224 ? ? O A HOH 238 ? ? 2.18 
# 
_pdbx_validate_rmsd_angle.id                         1 
_pdbx_validate_rmsd_angle.PDB_model_num              1 
_pdbx_validate_rmsd_angle.auth_atom_id_1             NE 
_pdbx_validate_rmsd_angle.auth_asym_id_1             C 
_pdbx_validate_rmsd_angle.auth_comp_id_1             ARG 
_pdbx_validate_rmsd_angle.auth_seq_id_1              20 
_pdbx_validate_rmsd_angle.PDB_ins_code_1             ? 
_pdbx_validate_rmsd_angle.label_alt_id_1             ? 
_pdbx_validate_rmsd_angle.auth_atom_id_2             CZ 
_pdbx_validate_rmsd_angle.auth_asym_id_2             C 
_pdbx_validate_rmsd_angle.auth_comp_id_2             ARG 
_pdbx_validate_rmsd_angle.auth_seq_id_2              20 
_pdbx_validate_rmsd_angle.PDB_ins_code_2             ? 
_pdbx_validate_rmsd_angle.label_alt_id_2             ? 
_pdbx_validate_rmsd_angle.auth_atom_id_3             NH2 
_pdbx_validate_rmsd_angle.auth_asym_id_3             C 
_pdbx_validate_rmsd_angle.auth_comp_id_3             ARG 
_pdbx_validate_rmsd_angle.auth_seq_id_3              20 
_pdbx_validate_rmsd_angle.PDB_ins_code_3             ? 
_pdbx_validate_rmsd_angle.label_alt_id_3             ? 
_pdbx_validate_rmsd_angle.angle_value                117.11 
_pdbx_validate_rmsd_angle.angle_target_value         120.30 
_pdbx_validate_rmsd_angle.angle_deviation            -3.19 
_pdbx_validate_rmsd_angle.angle_standard_deviation   0.50 
_pdbx_validate_rmsd_angle.linker_flag                N 
# 
loop_
_pdbx_validate_torsion.id 
_pdbx_validate_torsion.PDB_model_num 
_pdbx_validate_torsion.auth_comp_id 
_pdbx_validate_torsion.auth_asym_id 
_pdbx_validate_torsion.auth_seq_id 
_pdbx_validate_torsion.PDB_ins_code 
_pdbx_validate_torsion.label_alt_id 
_pdbx_validate_torsion.phi 
_pdbx_validate_torsion.psi 
1 1 ASN B 44 ? ? -164.62 109.19 
2 1 ALA B 56 ? ? -105.94 67.88  
3 1 ASN C 44 ? ? -163.91 106.60 
# 
loop_
_pdbx_struct_special_symmetry.id 
_pdbx_struct_special_symmetry.PDB_model_num 
_pdbx_struct_special_symmetry.auth_asym_id 
_pdbx_struct_special_symmetry.auth_comp_id 
_pdbx_struct_special_symmetry.auth_seq_id 
_pdbx_struct_special_symmetry.PDB_ins_code 
_pdbx_struct_special_symmetry.label_asym_id 
_pdbx_struct_special_symmetry.label_comp_id 
_pdbx_struct_special_symmetry.label_seq_id 
1 1 B HOH 249 ? I HOH . 
2 1 C HOH 250 ? J HOH . 
3 1 C HOH 278 ? J HOH . 
# 
loop_
_pdbx_distant_solvent_atoms.id 
_pdbx_distant_solvent_atoms.PDB_model_num 
_pdbx_distant_solvent_atoms.auth_atom_id 
_pdbx_distant_solvent_atoms.label_alt_id 
_pdbx_distant_solvent_atoms.auth_asym_id 
_pdbx_distant_solvent_atoms.auth_comp_id 
_pdbx_distant_solvent_atoms.auth_seq_id 
_pdbx_distant_solvent_atoms.PDB_ins_code 
_pdbx_distant_solvent_atoms.neighbor_macromolecule_distance 
_pdbx_distant_solvent_atoms.neighbor_ligand_distance 
1 1 O ? A HOH 302 ? 5.94 . 
2 1 O ? B HOH 296 ? 5.89 . 
3 1 O ? B HOH 297 ? 6.27 . 
# 
_pdbx_unobs_or_zero_occ_residues.id               1 
_pdbx_unobs_or_zero_occ_residues.PDB_model_num    1 
_pdbx_unobs_or_zero_occ_residues.polymer_flag     Y 
_pdbx_unobs_or_zero_occ_residues.occupancy_flag   1 
_pdbx_unobs_or_zero_occ_residues.auth_asym_id     A 
_pdbx_unobs_or_zero_occ_residues.auth_comp_id     ALA 
_pdbx_unobs_or_zero_occ_residues.auth_seq_id      58 
_pdbx_unobs_or_zero_occ_residues.PDB_ins_code     ? 
_pdbx_unobs_or_zero_occ_residues.label_asym_id    A 
_pdbx_unobs_or_zero_occ_residues.label_comp_id    ALA 
_pdbx_unobs_or_zero_occ_residues.label_seq_id     58 
# 
loop_
_chem_comp_atom.comp_id 
_chem_comp_atom.atom_id 
_chem_comp_atom.type_symbol 
_chem_comp_atom.pdbx_aromatic_flag 
_chem_comp_atom.pdbx_stereo_config 
_chem_comp_atom.pdbx_ordinal 
ALA N    N N N 1   
ALA CA   C N S 2   
ALA C    C N N 3   
ALA O    O N N 4   
ALA CB   C N N 5   
ALA OXT  O N N 6   
ALA H    H N N 7   
ALA H2   H N N 8   
ALA HA   H N N 9   
ALA HB1  H N N 10  
ALA HB2  H N N 11  
ALA HB3  H N N 12  
ALA HXT  H N N 13  
ARG N    N N N 14  
ARG CA   C N S 15  
ARG C    C N N 16  
ARG O    O N N 17  
ARG CB   C N N 18  
ARG CG   C N N 19  
ARG CD   C N N 20  
ARG NE   N N N 21  
ARG CZ   C N N 22  
ARG NH1  N N N 23  
ARG NH2  N N N 24  
ARG OXT  O N N 25  
ARG H    H N N 26  
ARG H2   H N N 27  
ARG HA   H N N 28  
ARG HB2  H N N 29  
ARG HB3  H N N 30  
ARG HG2  H N N 31  
ARG HG3  H N N 32  
ARG HD2  H N N 33  
ARG HD3  H N N 34  
ARG HE   H N N 35  
ARG HH11 H N N 36  
ARG HH12 H N N 37  
ARG HH21 H N N 38  
ARG HH22 H N N 39  
ARG HXT  H N N 40  
ASN N    N N N 41  
ASN CA   C N S 42  
ASN C    C N N 43  
ASN O    O N N 44  
ASN CB   C N N 45  
ASN CG   C N N 46  
ASN OD1  O N N 47  
ASN ND2  N N N 48  
ASN OXT  O N N 49  
ASN H    H N N 50  
ASN H2   H N N 51  
ASN HA   H N N 52  
ASN HB2  H N N 53  
ASN HB3  H N N 54  
ASN HD21 H N N 55  
ASN HD22 H N N 56  
ASN HXT  H N N 57  
ASP N    N N N 58  
ASP CA   C N S 59  
ASP C    C N N 60  
ASP O    O N N 61  
ASP CB   C N N 62  
ASP CG   C N N 63  
ASP OD1  O N N 64  
ASP OD2  O N N 65  
ASP OXT  O N N 66  
ASP H    H N N 67  
ASP H2   H N N 68  
ASP HA   H N N 69  
ASP HB2  H N N 70  
ASP HB3  H N N 71  
ASP HD2  H N N 72  
ASP HXT  H N N 73  
CYS N    N N N 74  
CYS CA   C N R 75  
CYS C    C N N 76  
CYS O    O N N 77  
CYS CB   C N N 78  
CYS SG   S N N 79  
CYS OXT  O N N 80  
CYS H    H N N 81  
CYS H2   H N N 82  
CYS HA   H N N 83  
CYS HB2  H N N 84  
CYS HB3  H N N 85  
CYS HG   H N N 86  
CYS HXT  H N N 87  
GLN N    N N N 88  
GLN CA   C N S 89  
GLN C    C N N 90  
GLN O    O N N 91  
GLN CB   C N N 92  
GLN CG   C N N 93  
GLN CD   C N N 94  
GLN OE1  O N N 95  
GLN NE2  N N N 96  
GLN OXT  O N N 97  
GLN H    H N N 98  
GLN H2   H N N 99  
GLN HA   H N N 100 
GLN HB2  H N N 101 
GLN HB3  H N N 102 
GLN HG2  H N N 103 
GLN HG3  H N N 104 
GLN HE21 H N N 105 
GLN HE22 H N N 106 
GLN HXT  H N N 107 
GLU N    N N N 108 
GLU CA   C N S 109 
GLU C    C N N 110 
GLU O    O N N 111 
GLU CB   C N N 112 
GLU CG   C N N 113 
GLU CD   C N N 114 
GLU OE1  O N N 115 
GLU OE2  O N N 116 
GLU OXT  O N N 117 
GLU H    H N N 118 
GLU H2   H N N 119 
GLU HA   H N N 120 
GLU HB2  H N N 121 
GLU HB3  H N N 122 
GLU HG2  H N N 123 
GLU HG3  H N N 124 
GLU HE2  H N N 125 
GLU HXT  H N N 126 
GLY N    N N N 127 
GLY CA   C N N 128 
GLY C    C N N 129 
GLY O    O N N 130 
GLY OXT  O N N 131 
GLY H    H N N 132 
GLY H2   H N N 133 
GLY HA2  H N N 134 
GLY HA3  H N N 135 
GLY HXT  H N N 136 
HOH O    O N N 137 
HOH H1   H N N 138 
HOH H2   H N N 139 
ILE N    N N N 140 
ILE CA   C N S 141 
ILE C    C N N 142 
ILE O    O N N 143 
ILE CB   C N S 144 
ILE CG1  C N N 145 
ILE CG2  C N N 146 
ILE CD1  C N N 147 
ILE OXT  O N N 148 
ILE H    H N N 149 
ILE H2   H N N 150 
ILE HA   H N N 151 
ILE HB   H N N 152 
ILE HG12 H N N 153 
ILE HG13 H N N 154 
ILE HG21 H N N 155 
ILE HG22 H N N 156 
ILE HG23 H N N 157 
ILE HD11 H N N 158 
ILE HD12 H N N 159 
ILE HD13 H N N 160 
ILE HXT  H N N 161 
LEU N    N N N 162 
LEU CA   C N S 163 
LEU C    C N N 164 
LEU O    O N N 165 
LEU CB   C N N 166 
LEU CG   C N N 167 
LEU CD1  C N N 168 
LEU CD2  C N N 169 
LEU OXT  O N N 170 
LEU H    H N N 171 
LEU H2   H N N 172 
LEU HA   H N N 173 
LEU HB2  H N N 174 
LEU HB3  H N N 175 
LEU HG   H N N 176 
LEU HD11 H N N 177 
LEU HD12 H N N 178 
LEU HD13 H N N 179 
LEU HD21 H N N 180 
LEU HD22 H N N 181 
LEU HD23 H N N 182 
LEU HXT  H N N 183 
LYS N    N N N 184 
LYS CA   C N S 185 
LYS C    C N N 186 
LYS O    O N N 187 
LYS CB   C N N 188 
LYS CG   C N N 189 
LYS CD   C N N 190 
LYS CE   C N N 191 
LYS NZ   N N N 192 
LYS OXT  O N N 193 
LYS H    H N N 194 
LYS H2   H N N 195 
LYS HA   H N N 196 
LYS HB2  H N N 197 
LYS HB3  H N N 198 
LYS HG2  H N N 199 
LYS HG3  H N N 200 
LYS HD2  H N N 201 
LYS HD3  H N N 202 
LYS HE2  H N N 203 
LYS HE3  H N N 204 
LYS HZ1  H N N 205 
LYS HZ2  H N N 206 
LYS HZ3  H N N 207 
LYS HXT  H N N 208 
MET N    N N N 209 
MET CA   C N S 210 
MET C    C N N 211 
MET O    O N N 212 
MET CB   C N N 213 
MET CG   C N N 214 
MET SD   S N N 215 
MET CE   C N N 216 
MET OXT  O N N 217 
MET H    H N N 218 
MET H2   H N N 219 
MET HA   H N N 220 
MET HB2  H N N 221 
MET HB3  H N N 222 
MET HG2  H N N 223 
MET HG3  H N N 224 
MET HE1  H N N 225 
MET HE2  H N N 226 
MET HE3  H N N 227 
MET HXT  H N N 228 
PHE N    N N N 229 
PHE CA   C N S 230 
PHE C    C N N 231 
PHE O    O N N 232 
PHE CB   C N N 233 
PHE CG   C Y N 234 
PHE CD1  C Y N 235 
PHE CD2  C Y N 236 
PHE CE1  C Y N 237 
PHE CE2  C Y N 238 
PHE CZ   C Y N 239 
PHE OXT  O N N 240 
PHE H    H N N 241 
PHE H2   H N N 242 
PHE HA   H N N 243 
PHE HB2  H N N 244 
PHE HB3  H N N 245 
PHE HD1  H N N 246 
PHE HD2  H N N 247 
PHE HE1  H N N 248 
PHE HE2  H N N 249 
PHE HZ   H N N 250 
PHE HXT  H N N 251 
PRO N    N N N 252 
PRO CA   C N S 253 
PRO C    C N N 254 
PRO O    O N N 255 
PRO CB   C N N 256 
PRO CG   C N N 257 
PRO CD   C N N 258 
PRO OXT  O N N 259 
PRO H    H N N 260 
PRO HA   H N N 261 
PRO HB2  H N N 262 
PRO HB3  H N N 263 
PRO HG2  H N N 264 
PRO HG3  H N N 265 
PRO HD2  H N N 266 
PRO HD3  H N N 267 
PRO HXT  H N N 268 
SER N    N N N 269 
SER CA   C N S 270 
SER C    C N N 271 
SER O    O N N 272 
SER CB   C N N 273 
SER OG   O N N 274 
SER OXT  O N N 275 
SER H    H N N 276 
SER H2   H N N 277 
SER HA   H N N 278 
SER HB2  H N N 279 
SER HB3  H N N 280 
SER HG   H N N 281 
SER HXT  H N N 282 
SO4 S    S N N 283 
SO4 O1   O N N 284 
SO4 O2   O N N 285 
SO4 O3   O N N 286 
SO4 O4   O N N 287 
THR N    N N N 288 
THR CA   C N S 289 
THR C    C N N 290 
THR O    O N N 291 
THR CB   C N R 292 
THR OG1  O N N 293 
THR CG2  C N N 294 
THR OXT  O N N 295 
THR H    H N N 296 
THR H2   H N N 297 
THR HA   H N N 298 
THR HB   H N N 299 
THR HG1  H N N 300 
THR HG21 H N N 301 
THR HG22 H N N 302 
THR HG23 H N N 303 
THR HXT  H N N 304 
TYR N    N N N 305 
TYR CA   C N S 306 
TYR C    C N N 307 
TYR O    O N N 308 
TYR CB   C N N 309 
TYR CG   C Y N 310 
TYR CD1  C Y N 311 
TYR CD2  C Y N 312 
TYR CE1  C Y N 313 
TYR CE2  C Y N 314 
TYR CZ   C Y N 315 
TYR OH   O N N 316 
TYR OXT  O N N 317 
TYR H    H N N 318 
TYR H2   H N N 319 
TYR HA   H N N 320 
TYR HB2  H N N 321 
TYR HB3  H N N 322 
TYR HD1  H N N 323 
TYR HD2  H N N 324 
TYR HE1  H N N 325 
TYR HE2  H N N 326 
TYR HH   H N N 327 
TYR HXT  H N N 328 
VAL N    N N N 329 
VAL CA   C N S 330 
VAL C    C N N 331 
VAL O    O N N 332 
VAL CB   C N N 333 
VAL CG1  C N N 334 
VAL CG2  C N N 335 
VAL OXT  O N N 336 
VAL H    H N N 337 
VAL H2   H N N 338 
VAL HA   H N N 339 
VAL HB   H N N 340 
VAL HG11 H N N 341 
VAL HG12 H N N 342 
VAL HG13 H N N 343 
VAL HG21 H N N 344 
VAL HG22 H N N 345 
VAL HG23 H N N 346 
VAL HXT  H N N 347 
# 
loop_
_chem_comp_bond.comp_id 
_chem_comp_bond.atom_id_1 
_chem_comp_bond.atom_id_2 
_chem_comp_bond.value_order 
_chem_comp_bond.pdbx_aromatic_flag 
_chem_comp_bond.pdbx_stereo_config 
_chem_comp_bond.pdbx_ordinal 
ALA N   CA   sing N N 1   
ALA N   H    sing N N 2   
ALA N   H2   sing N N 3   
ALA CA  C    sing N N 4   
ALA CA  CB   sing N N 5   
ALA CA  HA   sing N N 6   
ALA C   O    doub N N 7   
ALA C   OXT  sing N N 8   
ALA CB  HB1  sing N N 9   
ALA CB  HB2  sing N N 10  
ALA CB  HB3  sing N N 11  
ALA OXT HXT  sing N N 12  
ARG N   CA   sing N N 13  
ARG N   H    sing N N 14  
ARG N   H2   sing N N 15  
ARG CA  C    sing N N 16  
ARG CA  CB   sing N N 17  
ARG CA  HA   sing N N 18  
ARG C   O    doub N N 19  
ARG C   OXT  sing N N 20  
ARG CB  CG   sing N N 21  
ARG CB  HB2  sing N N 22  
ARG CB  HB3  sing N N 23  
ARG CG  CD   sing N N 24  
ARG CG  HG2  sing N N 25  
ARG CG  HG3  sing N N 26  
ARG CD  NE   sing N N 27  
ARG CD  HD2  sing N N 28  
ARG CD  HD3  sing N N 29  
ARG NE  CZ   sing N N 30  
ARG NE  HE   sing N N 31  
ARG CZ  NH1  sing N N 32  
ARG CZ  NH2  doub N N 33  
ARG NH1 HH11 sing N N 34  
ARG NH1 HH12 sing N N 35  
ARG NH2 HH21 sing N N 36  
ARG NH2 HH22 sing N N 37  
ARG OXT HXT  sing N N 38  
ASN N   CA   sing N N 39  
ASN N   H    sing N N 40  
ASN N   H2   sing N N 41  
ASN CA  C    sing N N 42  
ASN CA  CB   sing N N 43  
ASN CA  HA   sing N N 44  
ASN C   O    doub N N 45  
ASN C   OXT  sing N N 46  
ASN CB  CG   sing N N 47  
ASN CB  HB2  sing N N 48  
ASN CB  HB3  sing N N 49  
ASN CG  OD1  doub N N 50  
ASN CG  ND2  sing N N 51  
ASN ND2 HD21 sing N N 52  
ASN ND2 HD22 sing N N 53  
ASN OXT HXT  sing N N 54  
ASP N   CA   sing N N 55  
ASP N   H    sing N N 56  
ASP N   H2   sing N N 57  
ASP CA  C    sing N N 58  
ASP CA  CB   sing N N 59  
ASP CA  HA   sing N N 60  
ASP C   O    doub N N 61  
ASP C   OXT  sing N N 62  
ASP CB  CG   sing N N 63  
ASP CB  HB2  sing N N 64  
ASP CB  HB3  sing N N 65  
ASP CG  OD1  doub N N 66  
ASP CG  OD2  sing N N 67  
ASP OD2 HD2  sing N N 68  
ASP OXT HXT  sing N N 69  
CYS N   CA   sing N N 70  
CYS N   H    sing N N 71  
CYS N   H2   sing N N 72  
CYS CA  C    sing N N 73  
CYS CA  CB   sing N N 74  
CYS CA  HA   sing N N 75  
CYS C   O    doub N N 76  
CYS C   OXT  sing N N 77  
CYS CB  SG   sing N N 78  
CYS CB  HB2  sing N N 79  
CYS CB  HB3  sing N N 80  
CYS SG  HG   sing N N 81  
CYS OXT HXT  sing N N 82  
GLN N   CA   sing N N 83  
GLN N   H    sing N N 84  
GLN N   H2   sing N N 85  
GLN CA  C    sing N N 86  
GLN CA  CB   sing N N 87  
GLN CA  HA   sing N N 88  
GLN C   O    doub N N 89  
GLN C   OXT  sing N N 90  
GLN CB  CG   sing N N 91  
GLN CB  HB2  sing N N 92  
GLN CB  HB3  sing N N 93  
GLN CG  CD   sing N N 94  
GLN CG  HG2  sing N N 95  
GLN CG  HG3  sing N N 96  
GLN CD  OE1  doub N N 97  
GLN CD  NE2  sing N N 98  
GLN NE2 HE21 sing N N 99  
GLN NE2 HE22 sing N N 100 
GLN OXT HXT  sing N N 101 
GLU N   CA   sing N N 102 
GLU N   H    sing N N 103 
GLU N   H2   sing N N 104 
GLU CA  C    sing N N 105 
GLU CA  CB   sing N N 106 
GLU CA  HA   sing N N 107 
GLU C   O    doub N N 108 
GLU C   OXT  sing N N 109 
GLU CB  CG   sing N N 110 
GLU CB  HB2  sing N N 111 
GLU CB  HB3  sing N N 112 
GLU CG  CD   sing N N 113 
GLU CG  HG2  sing N N 114 
GLU CG  HG3  sing N N 115 
GLU CD  OE1  doub N N 116 
GLU CD  OE2  sing N N 117 
GLU OE2 HE2  sing N N 118 
GLU OXT HXT  sing N N 119 
GLY N   CA   sing N N 120 
GLY N   H    sing N N 121 
GLY N   H2   sing N N 122 
GLY CA  C    sing N N 123 
GLY CA  HA2  sing N N 124 
GLY CA  HA3  sing N N 125 
GLY C   O    doub N N 126 
GLY C   OXT  sing N N 127 
GLY OXT HXT  sing N N 128 
HOH O   H1   sing N N 129 
HOH O   H2   sing N N 130 
ILE N   CA   sing N N 131 
ILE N   H    sing N N 132 
ILE N   H2   sing N N 133 
ILE CA  C    sing N N 134 
ILE CA  CB   sing N N 135 
ILE CA  HA   sing N N 136 
ILE C   O    doub N N 137 
ILE C   OXT  sing N N 138 
ILE CB  CG1  sing N N 139 
ILE CB  CG2  sing N N 140 
ILE CB  HB   sing N N 141 
ILE CG1 CD1  sing N N 142 
ILE CG1 HG12 sing N N 143 
ILE CG1 HG13 sing N N 144 
ILE CG2 HG21 sing N N 145 
ILE CG2 HG22 sing N N 146 
ILE CG2 HG23 sing N N 147 
ILE CD1 HD11 sing N N 148 
ILE CD1 HD12 sing N N 149 
ILE CD1 HD13 sing N N 150 
ILE OXT HXT  sing N N 151 
LEU N   CA   sing N N 152 
LEU N   H    sing N N 153 
LEU N   H2   sing N N 154 
LEU CA  C    sing N N 155 
LEU CA  CB   sing N N 156 
LEU CA  HA   sing N N 157 
LEU C   O    doub N N 158 
LEU C   OXT  sing N N 159 
LEU CB  CG   sing N N 160 
LEU CB  HB2  sing N N 161 
LEU CB  HB3  sing N N 162 
LEU CG  CD1  sing N N 163 
LEU CG  CD2  sing N N 164 
LEU CG  HG   sing N N 165 
LEU CD1 HD11 sing N N 166 
LEU CD1 HD12 sing N N 167 
LEU CD1 HD13 sing N N 168 
LEU CD2 HD21 sing N N 169 
LEU CD2 HD22 sing N N 170 
LEU CD2 HD23 sing N N 171 
LEU OXT HXT  sing N N 172 
LYS N   CA   sing N N 173 
LYS N   H    sing N N 174 
LYS N   H2   sing N N 175 
LYS CA  C    sing N N 176 
LYS CA  CB   sing N N 177 
LYS CA  HA   sing N N 178 
LYS C   O    doub N N 179 
LYS C   OXT  sing N N 180 
LYS CB  CG   sing N N 181 
LYS CB  HB2  sing N N 182 
LYS CB  HB3  sing N N 183 
LYS CG  CD   sing N N 184 
LYS CG  HG2  sing N N 185 
LYS CG  HG3  sing N N 186 
LYS CD  CE   sing N N 187 
LYS CD  HD2  sing N N 188 
LYS CD  HD3  sing N N 189 
LYS CE  NZ   sing N N 190 
LYS CE  HE2  sing N N 191 
LYS CE  HE3  sing N N 192 
LYS NZ  HZ1  sing N N 193 
LYS NZ  HZ2  sing N N 194 
LYS NZ  HZ3  sing N N 195 
LYS OXT HXT  sing N N 196 
MET N   CA   sing N N 197 
MET N   H    sing N N 198 
MET N   H2   sing N N 199 
MET CA  C    sing N N 200 
MET CA  CB   sing N N 201 
MET CA  HA   sing N N 202 
MET C   O    doub N N 203 
MET C   OXT  sing N N 204 
MET CB  CG   sing N N 205 
MET CB  HB2  sing N N 206 
MET CB  HB3  sing N N 207 
MET CG  SD   sing N N 208 
MET CG  HG2  sing N N 209 
MET CG  HG3  sing N N 210 
MET SD  CE   sing N N 211 
MET CE  HE1  sing N N 212 
MET CE  HE2  sing N N 213 
MET CE  HE3  sing N N 214 
MET OXT HXT  sing N N 215 
PHE N   CA   sing N N 216 
PHE N   H    sing N N 217 
PHE N   H2   sing N N 218 
PHE CA  C    sing N N 219 
PHE CA  CB   sing N N 220 
PHE CA  HA   sing N N 221 
PHE C   O    doub N N 222 
PHE C   OXT  sing N N 223 
PHE CB  CG   sing N N 224 
PHE CB  HB2  sing N N 225 
PHE CB  HB3  sing N N 226 
PHE CG  CD1  doub Y N 227 
PHE CG  CD2  sing Y N 228 
PHE CD1 CE1  sing Y N 229 
PHE CD1 HD1  sing N N 230 
PHE CD2 CE2  doub Y N 231 
PHE CD2 HD2  sing N N 232 
PHE CE1 CZ   doub Y N 233 
PHE CE1 HE1  sing N N 234 
PHE CE2 CZ   sing Y N 235 
PHE CE2 HE2  sing N N 236 
PHE CZ  HZ   sing N N 237 
PHE OXT HXT  sing N N 238 
PRO N   CA   sing N N 239 
PRO N   CD   sing N N 240 
PRO N   H    sing N N 241 
PRO CA  C    sing N N 242 
PRO CA  CB   sing N N 243 
PRO CA  HA   sing N N 244 
PRO C   O    doub N N 245 
PRO C   OXT  sing N N 246 
PRO CB  CG   sing N N 247 
PRO CB  HB2  sing N N 248 
PRO CB  HB3  sing N N 249 
PRO CG  CD   sing N N 250 
PRO CG  HG2  sing N N 251 
PRO CG  HG3  sing N N 252 
PRO CD  HD2  sing N N 253 
PRO CD  HD3  sing N N 254 
PRO OXT HXT  sing N N 255 
SER N   CA   sing N N 256 
SER N   H    sing N N 257 
SER N   H2   sing N N 258 
SER CA  C    sing N N 259 
SER CA  CB   sing N N 260 
SER CA  HA   sing N N 261 
SER C   O    doub N N 262 
SER C   OXT  sing N N 263 
SER CB  OG   sing N N 264 
SER CB  HB2  sing N N 265 
SER CB  HB3  sing N N 266 
SER OG  HG   sing N N 267 
SER OXT HXT  sing N N 268 
SO4 S   O1   doub N N 269 
SO4 S   O2   doub N N 270 
SO4 S   O3   sing N N 271 
SO4 S   O4   sing N N 272 
THR N   CA   sing N N 273 
THR N   H    sing N N 274 
THR N   H2   sing N N 275 
THR CA  C    sing N N 276 
THR CA  CB   sing N N 277 
THR CA  HA   sing N N 278 
THR C   O    doub N N 279 
THR C   OXT  sing N N 280 
THR CB  OG1  sing N N 281 
THR CB  CG2  sing N N 282 
THR CB  HB   sing N N 283 
THR OG1 HG1  sing N N 284 
THR CG2 HG21 sing N N 285 
THR CG2 HG22 sing N N 286 
THR CG2 HG23 sing N N 287 
THR OXT HXT  sing N N 288 
TYR N   CA   sing N N 289 
TYR N   H    sing N N 290 
TYR N   H2   sing N N 291 
TYR CA  C    sing N N 292 
TYR CA  CB   sing N N 293 
TYR CA  HA   sing N N 294 
TYR C   O    doub N N 295 
TYR C   OXT  sing N N 296 
TYR CB  CG   sing N N 297 
TYR CB  HB2  sing N N 298 
TYR CB  HB3  sing N N 299 
TYR CG  CD1  doub Y N 300 
TYR CG  CD2  sing Y N 301 
TYR CD1 CE1  sing Y N 302 
TYR CD1 HD1  sing N N 303 
TYR CD2 CE2  doub Y N 304 
TYR CD2 HD2  sing N N 305 
TYR CE1 CZ   doub Y N 306 
TYR CE1 HE1  sing N N 307 
TYR CE2 CZ   sing Y N 308 
TYR CE2 HE2  sing N N 309 
TYR CZ  OH   sing N N 310 
TYR OH  HH   sing N N 311 
TYR OXT HXT  sing N N 312 
VAL N   CA   sing N N 313 
VAL N   H    sing N N 314 
VAL N   H2   sing N N 315 
VAL CA  C    sing N N 316 
VAL CA  CB   sing N N 317 
VAL CA  HA   sing N N 318 
VAL C   O    doub N N 319 
VAL C   OXT  sing N N 320 
VAL CB  CG1  sing N N 321 
VAL CB  CG2  sing N N 322 
VAL CB  HB   sing N N 323 
VAL CG1 HG11 sing N N 324 
VAL CG1 HG12 sing N N 325 
VAL CG1 HG13 sing N N 326 
VAL CG2 HG21 sing N N 327 
VAL CG2 HG22 sing N N 328 
VAL CG2 HG23 sing N N 329 
VAL OXT HXT  sing N N 330 
# 
_pdbx_initial_refinement_model.id               1 
_pdbx_initial_refinement_model.entity_id_list   ? 
_pdbx_initial_refinement_model.type             'experimental model' 
_pdbx_initial_refinement_model.source_name      PDB 
_pdbx_initial_refinement_model.accession_code   3AUB 
_pdbx_initial_refinement_model.details          ? 
# 
_atom_sites.entry_id                    5JB5 
_atom_sites.fract_transf_matrix[1][1]   0.00555170 
_atom_sites.fract_transf_matrix[1][2]   -0.01189869 
_atom_sites.fract_transf_matrix[1][3]   -0.00981981 
_atom_sites.fract_transf_matrix[2][1]   0.00269826 
_atom_sites.fract_transf_matrix[2][2]   0.00690116 
_atom_sites.fract_transf_matrix[2][3]   -0.00683667 
_atom_sites.fract_transf_matrix[3][1]   0.01461256 
_atom_sites.fract_transf_matrix[3][2]   0.00112290 
_atom_sites.fract_transf_matrix[3][3]   0.00690070 
_atom_sites.fract_transf_vector[1]      -0.115590 
_atom_sites.fract_transf_vector[2]      -0.178513 
_atom_sites.fract_transf_vector[3]      0.082818 
# 
loop_
_atom_type.symbol 
C 
N 
O 
S 
# 
loop_
_atom_site.group_PDB 
_atom_site.id 
_atom_site.type_symbol 
_atom_site.label_atom_id 
_atom_site.label_alt_id 
_atom_site.label_comp_id 
_atom_site.label_asym_id 
_atom_site.label_entity_id 
_atom_site.label_seq_id 
_atom_site.pdbx_PDB_ins_code 
_atom_site.Cartn_x 
_atom_site.Cartn_y 
_atom_site.Cartn_z 
_atom_site.occupancy 
_atom_site.B_iso_or_equiv 
_atom_site.pdbx_formal_charge 
_atom_site.auth_seq_id 
_atom_site.auth_comp_id 
_atom_site.auth_asym_id 
_atom_site.auth_atom_id 
_atom_site.pdbx_PDB_model_num 
ATOM   1    N N   . ARG A 1 1  ? -6.839  15.518  -5.730  1.00 19.63 ? 1   ARG A N   1 
ATOM   2    C CA  . ARG A 1 1  ? -7.213  14.156  -6.170  1.00 16.87 ? 1   ARG A CA  1 
ATOM   3    C C   . ARG A 1 1  ? -5.881  13.564  -6.635  1.00 13.87 ? 1   ARG A C   1 
ATOM   4    O O   . ARG A 1 1  ? -5.264  14.113  -7.548  1.00 12.97 ? 1   ARG A O   1 
ATOM   5    C CB  . ARG A 1 1  ? -8.186  14.222  -7.343  1.00 17.73 ? 1   ARG A CB  1 
ATOM   6    C CG  . ARG A 1 1  ? -8.524  12.890  -7.977  1.00 17.78 ? 1   ARG A CG  1 
ATOM   7    C CD  . ARG A 1 1  ? -9.263  13.059  -9.277  1.00 17.85 ? 1   ARG A CD  1 
ATOM   8    N NE  . ARG A 1 1  ? -8.439  13.840  -10.204 1.00 18.18 ? 1   ARG A NE  1 
ATOM   9    C CZ  . ARG A 1 1  ? -8.776  14.964  -10.814 1.00 16.45 ? 1   ARG A CZ  1 
ATOM   10   N NH1 . ARG A 1 1  ? -9.988  15.481  -10.707 1.00 16.69 ? 1   ARG A NH1 1 
ATOM   11   N NH2 . ARG A 1 1  ? -7.873  15.564  -11.552 1.00 15.86 ? 1   ARG A NH2 1 
ATOM   12   N N   . PRO A 1 2  ? -5.397  12.518  -5.952  1.00 11.50 ? 2   PRO A N   1 
ATOM   13   C CA  . PRO A 1 2  ? -4.133  11.920  -6.379  1.00 10.82 ? 2   PRO A CA  1 
ATOM   14   C C   . PRO A 1 2  ? -4.238  11.554  -7.873  1.00 9.65  ? 2   PRO A C   1 
ATOM   15   O O   . PRO A 1 2  ? -5.292  11.054  -8.343  1.00 9.65  ? 2   PRO A O   1 
ATOM   16   C CB  . PRO A 1 2  ? -4.043  10.690  -5.501  1.00 10.47 ? 2   PRO A CB  1 
ATOM   17   C CG  . PRO A 1 2  ? -4.714  11.098  -4.212  1.00 11.64 ? 2   PRO A CG  1 
ATOM   18   C CD  . PRO A 1 2  ? -5.897  11.904  -4.722  1.00 11.34 ? 2   PRO A CD  1 
ATOM   19   N N   . ALA A 1 3  ? -3.128  11.660  -8.610  1.00 9.13  ? 3   ALA A N   1 
ATOM   20   C CA  . ALA A 1 3  ? -3.092  11.384  -10.017 1.00 9.63  ? 3   ALA A CA  1 
ATOM   21   C C   . ALA A 1 3  ? -3.461  9.965   -10.369 1.00 8.99  ? 3   ALA A C   1 
ATOM   22   O O   . ALA A 1 3  ? -4.046  9.697   -11.389 1.00 8.83  ? 3   ALA A O   1 
ATOM   23   C CB  . ALA A 1 3  ? -1.715  11.706  -10.572 1.00 10.82 ? 3   ALA A CB  1 
ATOM   24   N N   . PHE A 1 4  ? -3.204  9.015   -9.467  1.00 7.52  ? 4   PHE A N   1 
ATOM   25   C CA  . PHE A 1 4  ? -3.570  7.639   -9.744  1.00 6.90  ? 4   PHE A CA  1 
ATOM   26   C C   . PHE A 1 4  ? -5.065  7.422   -9.909  1.00 7.36  ? 4   PHE A C   1 
ATOM   27   O O   . PHE A 1 4  ? -5.501  6.436   -10.472 1.00 7.32  ? 4   PHE A O   1 
ATOM   28   C CB  . PHE A 1 4  ? -2.949  6.637   -8.745  1.00 7.38  ? 4   PHE A CB  1 
ATOM   29   C CG  . PHE A 1 4  ? -3.630  6.569   -7.419  1.00 6.79  ? 4   PHE A CG  1 
ATOM   30   C CD1 . PHE A 1 4  ? -4.800  5.873   -7.269  1.00 6.85  ? 4   PHE A CD1 1 
ATOM   31   C CD2 . PHE A 1 4  ? -3.108  7.214   -6.276  1.00 6.81  ? 4   PHE A CD2 1 
ATOM   32   C CE1 . PHE A 1 4  ? -5.475  5.824   -6.076  1.00 7.45  ? 4   PHE A CE1 1 
ATOM   33   C CE2 . PHE A 1 4  ? -3.759  7.120   -5.090  1.00 6.74  ? 4   PHE A CE2 1 
ATOM   34   C CZ  . PHE A 1 4  ? -4.965  6.437   -4.988  1.00 6.88  ? 4   PHE A CZ  1 
ATOM   35   N N   . CYS A 1 5  ? -5.817  8.334   -9.349  1.00 7.52  ? 5   CYS A N   1 
ATOM   36   C CA  . CYS A 1 5  ? -7.267  8.278   -9.422  1.00 7.62  ? 5   CYS A CA  1 
ATOM   37   C C   . CYS A 1 5  ? -7.787  8.434   -10.826 1.00 8.14  ? 5   CYS A C   1 
ATOM   38   O O   . CYS A 1 5  ? -8.976  8.163   -11.102 1.00 7.54  ? 5   CYS A O   1 
ATOM   39   C CB  . CYS A 1 5  ? -7.899  9.315   -8.493  1.00 8.11  ? 5   CYS A CB  1 
ATOM   40   S SG  . CYS A 1 5  ? -7.419  9.146   -6.769  1.00 9.50  ? 5   CYS A SG  1 
ATOM   41   N N   . LEU A 1 6  ? -6.939  8.904   -11.731 1.00 8.69  ? 6   LEU A N   1 
ATOM   42   C CA  . LEU A 1 6  ? -7.322  9.009   -13.140 1.00 8.40  ? 6   LEU A CA  1 
ATOM   43   C C   . LEU A 1 6  ? -7.015  7.771   -13.966 1.00 8.47  ? 6   LEU A C   1 
ATOM   44   O O   . LEU A 1 6  ? -7.317  7.657   -15.167 1.00 10.41 ? 6   LEU A O   1 
ATOM   45   C CB  . LEU A 1 6  ? -6.579  10.214  -13.750 1.00 8.31  ? 6   LEU A CB  1 
ATOM   46   C CG  . LEU A 1 6  ? -6.897  11.577  -13.186 1.00 8.40  ? 6   LEU A CG  1 
ATOM   47   C CD1 . LEU A 1 6  ? -6.091  12.622  -13.982 1.00 9.40  ? 6   LEU A CD1 1 
ATOM   48   C CD2 . LEU A 1 6  ? -8.407  11.953  -13.152 1.00 9.46  ? 6   LEU A CD2 1 
ATOM   49   N N   . GLU A 1 7  ? -6.355  6.789   -13.377 1.00 7.73  ? 7   GLU A N   1 
ATOM   50   C CA  . GLU A 1 7  ? -6.051  5.562   -14.109 1.00 7.27  ? 7   GLU A CA  1 
ATOM   51   C C   . GLU A 1 7  ? -7.317  4.799   -14.500 1.00 8.15  ? 7   GLU A C   1 
ATOM   52   O O   . GLU A 1 7  ? -8.176  4.560   -13.654 1.00 8.03  ? 7   GLU A O   1 
ATOM   53   C CB  . GLU A 1 7  ? -5.274  4.561   -13.255 0.70 6.29  ? 7   GLU A CB  1 
ATOM   54   C CG  . GLU A 1 7  ? -3.863  4.927   -12.922 0.70 6.11  ? 7   GLU A CG  1 
ATOM   55   C CD  . GLU A 1 7  ? -3.283  4.052   -11.805 0.70 5.70  ? 7   GLU A CD  1 
ATOM   56   O OE1 . GLU A 1 7  ? -2.071  4.315   -11.508 0.70 6.50  ? 7   GLU A OE1 1 
ATOM   57   O OE2 . GLU A 1 7  ? -3.956  3.165   -11.185 0.70 4.58  ? 7   GLU A OE2 1 
ATOM   58   N N   . PRO A 1 8  ? -7.373  4.268   -15.736 1.00 9.59  ? 8   PRO A N   1 
ATOM   59   C CA  . PRO A 1 8  ? -8.375  3.241   -16.003 1.00 9.41  ? 8   PRO A CA  1 
ATOM   60   C C   . PRO A 1 8  ? -8.231  2.031   -15.074 1.00 8.96  ? 8   PRO A C   1 
ATOM   61   O O   . PRO A 1 8  ? -7.119  1.730   -14.640 1.00 9.99  ? 8   PRO A O   1 
ATOM   62   C CB  . PRO A 1 8  ? -8.079  2.825   -17.448 1.00 10.61 ? 8   PRO A CB  1 
ATOM   63   C CG  . PRO A 1 8  ? -7.279  3.923   -18.040 1.00 11.85 ? 8   PRO A CG  1 
ATOM   64   C CD  . PRO A 1 8  ? -6.503  4.534   -16.909 1.00 10.62 ? 8   PRO A CD  1 
ATOM   65   N N   . PRO A 1 9  ? -9.352  1.341   -14.780 1.00 8.22  ? 9   PRO A N   1 
ATOM   66   C CA  . PRO A 1 9  ? -9.276  0.148   -13.993 1.00 8.15  ? 9   PRO A CA  1 
ATOM   67   C C   . PRO A 1 9  ? -8.392  -0.908  -14.684 1.00 8.01  ? 9   PRO A C   1 
ATOM   68   O O   . PRO A 1 9  ? -8.379  -1.032  -15.931 1.00 9.68  ? 9   PRO A O   1 
ATOM   69   C CB  . PRO A 1 9  ? -10.730 -0.253  -13.863 1.00 8.54  ? 9   PRO A CB  1 
ATOM   70   C CG  . PRO A 1 9  ? -11.344 0.261   -15.113 1.00 8.63  ? 9   PRO A CG  1 
ATOM   71   C CD  . PRO A 1 9  ? -10.702 1.543   -15.385 1.00 8.80  ? 9   PRO A CD  1 
ATOM   72   N N   . TYR A 1 10 ? -7.691  -1.710  -13.878 1.00 7.08  ? 10  TYR A N   1 
ATOM   73   C CA  . TYR A 1 10 ? -6.711  -2.657  -14.405 1.00 7.04  ? 10  TYR A CA  1 
ATOM   74   C C   . TYR A 1 10 ? -6.987  -4.026  -13.855 1.00 6.80  ? 10  TYR A C   1 
ATOM   75   O O   . TYR A 1 10 ? -6.667  -4.366  -12.698 1.00 6.05  ? 10  TYR A O   1 
ATOM   76   C CB  . TYR A 1 10 ? -5.300  -2.211  -13.998 1.00 7.71  ? 10  TYR A CB  1 
ATOM   77   C CG  . TYR A 1 10 ? -4.188  -2.991  -14.678 1.00 8.38  ? 10  TYR A CG  1 
ATOM   78   C CD1 . TYR A 1 10 ? -3.882  -2.788  -16.003 1.00 8.74  ? 10  TYR A CD1 1 
ATOM   79   C CD2 . TYR A 1 10 ? -3.405  -3.881  -13.970 1.00 7.94  ? 10  TYR A CD2 1 
ATOM   80   C CE1 . TYR A 1 10 ? -2.848  -3.497  -16.608 1.00 9.47  ? 10  TYR A CE1 1 
ATOM   81   C CE2 . TYR A 1 10 ? -2.360  -4.531  -14.559 1.00 8.96  ? 10  TYR A CE2 1 
ATOM   82   C CZ  . TYR A 1 10 ? -2.116  -4.363  -15.863 1.00 9.81  ? 10  TYR A CZ  1 
ATOM   83   O OH  . TYR A 1 10 ? -1.044  -5.034  -16.483 1.00 12.23 ? 10  TYR A OH  1 
ATOM   84   N N   . ALA A 1 11 ? -7.573  -4.877  -14.698 1.00 7.29  ? 11  ALA A N   1 
ATOM   85   C CA  . ALA A 1 11 ? -7.895  -6.231  -14.248 1.00 7.81  ? 11  ALA A CA  1 
ATOM   86   C C   . ALA A 1 11 ? -6.677  -7.084  -14.005 1.00 7.84  ? 11  ALA A C   1 
ATOM   87   O O   . ALA A 1 11 ? -6.705  -7.930  -13.136 1.00 7.77  ? 11  ALA A O   1 
ATOM   88   C CB  . ALA A 1 11 ? -8.788  -6.905  -15.326 1.00 9.62  ? 11  ALA A CB  1 
ATOM   89   N N   . GLY A 1 12 ? -5.645  -6.843  -14.826 1.00 8.38  ? 12  GLY A N   1 
ATOM   90   C CA  . GLY A 1 12 ? -4.392  -7.583  -14.790 1.00 8.26  ? 12  GLY A CA  1 
ATOM   91   C C   . GLY A 1 12 ? -4.557  -8.934  -15.410 1.00 8.87  ? 12  GLY A C   1 
ATOM   92   O O   . GLY A 1 12 ? -5.605  -9.249  -16.002 1.00 9.74  ? 12  GLY A O   1 
ATOM   93   N N   . PRO A 1 13 ? -3.504  -9.730  -15.337 1.00 8.31  ? 13  PRO A N   1 
ATOM   94   C CA  . PRO A 1 13 ? -3.407  -10.975 -16.098 1.00 8.81  ? 13  PRO A CA  1 
ATOM   95   C C   . PRO A 1 13 ? -3.986  -12.201 -15.407 1.00 9.06  ? 13  PRO A C   1 
ATOM   96   O O   . PRO A 1 13 ? -4.061  -13.293 -15.992 1.00 8.77  ? 13  PRO A O   1 
ATOM   97   C CB  . PRO A 1 13 ? -1.912  -11.118 -16.289 1.00 9.27  ? 13  PRO A CB  1 
ATOM   98   C CG  . PRO A 1 13 ? -1.337  -10.563 -15.039 1.00 8.57  ? 13  PRO A CG  1 
ATOM   99   C CD  . PRO A 1 13 ? -2.191  -9.331  -14.787 1.00 8.58  ? 13  PRO A CD  1 
ATOM   100  N N   . GLY A 1 14 ? -4.332  -12.034 -14.143 1.00 9.09  ? 14  GLY A N   1 
ATOM   101  C CA  . GLY A 1 14 ? -4.822  -13.158 -13.316 1.00 8.45  ? 14  GLY A CA  1 
ATOM   102  C C   . GLY A 1 14 ? -6.145  -13.728 -13.798 1.00 8.62  ? 14  GLY A C   1 
ATOM   103  O O   . GLY A 1 14 ? -6.897  -13.062 -14.535 1.00 9.04  ? 14  GLY A O   1 
ATOM   104  N N   . ALA A 1 15 ? -6.428  -14.959 -13.315 1.00 9.94  ? 15  ALA A N   1 
ATOM   105  C CA  . ALA A 1 15 ? -7.631  -15.680 -13.717 1.00 11.64 ? 15  ALA A CA  1 
ATOM   106  C C   . ALA A 1 15 ? -8.692  -15.689 -12.614 1.00 12.40 ? 15  ALA A C   1 
ATOM   107  O O   . ALA A 1 15 ? -9.777  -16.319 -12.811 1.00 14.41 ? 15  ALA A O   1 
ATOM   108  C CB  . ALA A 1 15 ? -7.236  -17.116 -14.136 1.00 12.64 ? 15  ALA A CB  1 
ATOM   109  N N   . ALA A 1 16 ? -8.438  -15.003 -11.488 1.00 12.53 ? 16  ALA A N   1 
ATOM   110  C CA  . ALA A 1 16 ? -9.435  -14.915 -10.465 1.00 13.46 ? 16  ALA A CA  1 
ATOM   111  C C   . ALA A 1 16 ? -10.469 -13.921 -10.966 1.00 13.23 ? 16  ALA A C   1 
ATOM   112  O O   . ALA A 1 16 ? -10.289 -13.210 -11.953 1.00 12.92 ? 16  ALA A O   1 
ATOM   113  C CB  . ALA A 1 16 ? -8.876  -14.561 -9.092  1.00 15.05 ? 16  ALA A CB  1 
ATOM   114  N N   . ALA A 1 17 ? -11.600 -13.905 -10.310 1.00 12.58 ? 17  ALA A N   1 
ATOM   115  C CA  . ALA A 1 17 ? -12.646 -12.922 -10.650 1.00 13.23 ? 17  ALA A CA  1 
ATOM   116  C C   . ALA A 1 17 ? -13.105 -12.289 -9.357  1.00 11.56 ? 17  ALA A C   1 
ATOM   117  O O   . ALA A 1 17 ? -14.081 -12.650 -8.787  1.00 16.53 ? 17  ALA A O   1 
ATOM   118  C CB  . ALA A 1 17 ? -13.801 -13.565 -11.394 1.00 13.55 ? 17  ALA A CB  1 
ATOM   119  N N   . ILE A 1 18 ? -12.324 -11.356 -8.880  1.00 10.77 ? 18  ILE A N   1 
ATOM   120  C CA  . ILE A 1 18 ? -12.522 -10.698 -7.602  1.00 10.87 ? 18  ILE A CA  1 
ATOM   121  C C   . ILE A 1 18 ? -13.183 -9.356  -7.838  1.00 9.76  ? 18  ILE A C   1 
ATOM   122  O O   . ILE A 1 18 ? -12.675 -8.568  -8.599  1.00 8.83  ? 18  ILE A O   1 
ATOM   123  C CB  . ILE A 1 18 ? -11.148 -10.488 -6.922  1.00 11.74 ? 18  ILE A CB  1 
ATOM   124  C CG1 . ILE A 1 18 ? -10.492 -11.824 -6.697  1.00 13.04 ? 18  ILE A CG1 1 
ATOM   125  C CG2 . ILE A 1 18 ? -11.288 -9.810  -5.554  1.00 11.28 ? 18  ILE A CG2 1 
ATOM   126  C CD1 . ILE A 1 18 ? -9.041  -11.718 -6.326  1.00 15.34 ? 18  ILE A CD1 1 
ATOM   127  N N   . ILE A 1 19 ? -14.235 -9.027  -7.091  1.00 8.58  ? 19  ILE A N   1 
ATOM   128  C CA  . ILE A 1 19 ? -14.834 -7.688  -7.208  1.00 9.23  ? 19  ILE A CA  1 
ATOM   129  C C   . ILE A 1 19 ? -14.040 -6.666  -6.391  1.00 8.28  ? 19  ILE A C   1 
ATOM   130  O O   . ILE A 1 19 ? -13.835 -6.840  -5.180  1.00 9.01  ? 19  ILE A O   1 
ATOM   131  C CB  . ILE A 1 19 ? -16.289 -7.672  -6.653  1.00 11.16 ? 19  ILE A CB  1 
ATOM   132  C CG1 . ILE A 1 19 ? -17.136 -8.753  -7.290  1.00 14.43 ? 19  ILE A CG1 1 
ATOM   133  C CG2 . ILE A 1 19 ? -16.885 -6.253  -6.706  1.00 11.56 ? 19  ILE A CG2 1 
ATOM   134  C CD1 . ILE A 1 19 ? -17.472 -8.462  -8.642  1.00 15.69 ? 19  ILE A CD1 1 
ATOM   135  N N   . ARG A 1 20 ? -13.522 -5.659  -7.081  1.00 6.60  ? 20  ARG A N   1 
ATOM   136  C CA  . ARG A 1 20 ? -12.873 -4.517  -6.463  1.00 6.21  ? 20  ARG A CA  1 
ATOM   137  C C   . ARG A 1 20 ? -13.509 -3.223  -6.973  1.00 6.12  ? 20  ARG A C   1 
ATOM   138  O O   . ARG A 1 20 ? -14.439 -3.264  -7.806  1.00 5.12  ? 20  ARG A O   1 
ATOM   139  C CB  . ARG A 1 20 ? -11.351 -4.547  -6.825  1.00 5.98  ? 20  ARG A CB  1 
ATOM   140  C CG  . ARG A 1 20 ? -10.594 -5.686  -6.246  1.00 6.30  ? 20  ARG A CG  1 
ATOM   141  C CD  . ARG A 1 20 ? -10.450 -5.645  -4.748  1.00 6.55  ? 20  ARG A CD  1 
ATOM   142  N NE  . ARG A 1 20 ? -9.739  -6.755  -4.214  1.00 7.10  ? 20  ARG A NE  1 
ATOM   143  C CZ  . ARG A 1 20 ? -8.394  -6.880  -4.207  1.00 6.91  ? 20  ARG A CZ  1 
ATOM   144  N NH1 . ARG A 1 20 ? -7.578  -5.982  -4.772  1.00 7.76  ? 20  ARG A NH1 1 
ATOM   145  N NH2 . ARG A 1 20 ? -7.837  -8.008  -3.732  1.00 7.55  ? 20  ARG A NH2 1 
ATOM   146  N N   . TYR A 1 21 ? -13.067 -2.075  -6.435  1.00 6.14  ? 21  TYR A N   1 
ATOM   147  C CA  . TYR A 1 21 ? -13.641 -0.799  -6.802  1.00 6.24  ? 21  TYR A CA  1 
ATOM   148  C C   . TYR A 1 21 ? -12.508 0.116   -7.321  1.00 6.26  ? 21  TYR A C   1 
ATOM   149  O O   . TYR A 1 21 ? -11.392 0.110   -6.807  1.00 6.47  ? 21  TYR A O   1 
ATOM   150  C CB  . TYR A 1 21 ? -14.383 -0.171  -5.585  1.00 6.93  ? 21  TYR A CB  1 
ATOM   151  C CG  . TYR A 1 21 ? -15.605 -0.955  -5.271  1.00 7.21  ? 21  TYR A CG  1 
ATOM   152  C CD1 . TYR A 1 21 ? -15.510 -2.127  -4.529  1.00 8.25  ? 21  TYR A CD1 1 
ATOM   153  C CD2 . TYR A 1 21 ? -16.843 -0.622  -5.827  1.00 8.89  ? 21  TYR A CD2 1 
ATOM   154  C CE1 . TYR A 1 21 ? -16.643 -2.913  -4.295  1.00 8.27  ? 21  TYR A CE1 1 
ATOM   155  C CE2 . TYR A 1 21 ? -17.937 -1.432  -5.580  1.00 9.06  ? 21  TYR A CE2 1 
ATOM   156  C CZ  . TYR A 1 21 ? -17.807 -2.543  -4.841  1.00 8.62  ? 21  TYR A CZ  1 
ATOM   157  O OH  . TYR A 1 21 ? -18.919 -3.318  -4.623  1.00 12.03 ? 21  TYR A OH  1 
ATOM   158  N N   . PHE A 1 22 ? -12.849 0.936   -8.293  1.00 5.91  ? 22  PHE A N   1 
ATOM   159  C CA  . PHE A 1 22 ? -11.969 2.010   -8.780  1.00 6.11  ? 22  PHE A CA  1 
ATOM   160  C C   . PHE A 1 22 ? -12.700 3.305   -8.753  1.00 6.11  ? 22  PHE A C   1 
ATOM   161  O O   . PHE A 1 22 ? -13.962 3.305   -8.839  1.00 6.54  ? 22  PHE A O   1 
ATOM   162  C CB  . PHE A 1 22 ? -11.445 1.724   -10.210 1.00 6.12  ? 22  PHE A CB  1 
ATOM   163  C CG  . PHE A 1 22 ? -12.471 1.908   -11.329 1.00 6.05  ? 22  PHE A CG  1 
ATOM   164  C CD1 . PHE A 1 22 ? -13.434 0.954   -11.569 1.00 6.49  ? 22  PHE A CD1 1 
ATOM   165  C CD2 . PHE A 1 22 ? -12.402 2.961   -12.150 1.00 6.44  ? 22  PHE A CD2 1 
ATOM   166  C CE1 . PHE A 1 22 ? -14.344 1.106   -12.605 1.00 6.60  ? 22  PHE A CE1 1 
ATOM   167  C CE2 . PHE A 1 22 ? -13.237 3.114   -13.240 1.00 6.73  ? 22  PHE A CE2 1 
ATOM   168  C CZ  . PHE A 1 22 ? -14.238 2.240   -13.437 1.00 7.04  ? 22  PHE A CZ  1 
ATOM   169  N N   . TYR A 1 23 ? -11.994 4.424   -8.705  1.00 6.21  ? 23  TYR A N   1 
ATOM   170  C CA  . TYR A 1 23 ? -12.628 5.731   -8.811  1.00 7.23  ? 23  TYR A CA  1 
ATOM   171  C C   . TYR A 1 23 ? -12.667 6.089   -10.275 1.00 7.81  ? 23  TYR A C   1 
ATOM   172  O O   . TYR A 1 23 ? -11.642 6.117   -10.989 1.00 7.52  ? 23  TYR A O   1 
ATOM   173  C CB  . TYR A 1 23 ? -11.835 6.778   -8.020  1.00 7.53  ? 23  TYR A CB  1 
ATOM   174  C CG  . TYR A 1 23 ? -12.549 8.131   -8.044  1.00 8.44  ? 23  TYR A CG  1 
ATOM   175  C CD1 . TYR A 1 23 ? -13.719 8.275   -7.372  1.00 9.44  ? 23  TYR A CD1 1 
ATOM   176  C CD2 . TYR A 1 23 ? -12.061 9.180   -8.789  1.00 8.20  ? 23  TYR A CD2 1 
ATOM   177  C CE1 . TYR A 1 23 ? -14.369 9.486   -7.372  1.00 10.61 ? 23  TYR A CE1 1 
ATOM   178  C CE2 . TYR A 1 23 ? -12.695 10.378  -8.814  1.00 10.22 ? 23  TYR A CE2 1 
ATOM   179  C CZ  . TYR A 1 23 ? -13.852 10.509  -8.123  1.00 9.65  ? 23  TYR A CZ  1 
ATOM   180  O OH  . TYR A 1 23 ? -14.550 11.716  -8.108  1.00 14.60 ? 23  TYR A OH  1 
ATOM   181  N N   . ASN A 1 24 ? -13.875 6.365   -10.779 1.00 7.81  ? 24  ASN A N   1 
ATOM   182  C CA  . ASN A 1 24 ? -14.065 6.753   -12.148 1.00 8.54  ? 24  ASN A CA  1 
ATOM   183  C C   . ASN A 1 24 ? -14.274 8.261   -12.124 1.00 8.75  ? 24  ASN A C   1 
ATOM   184  O O   . ASN A 1 24 ? -15.354 8.774   -11.745 1.00 9.58  ? 24  ASN A O   1 
ATOM   185  C CB  . ASN A 1 24 ? -15.276 6.025   -12.735 1.00 8.56  ? 24  ASN A CB  1 
ATOM   186  C CG  . ASN A 1 24 ? -15.567 6.429   -14.168 1.00 9.08  ? 24  ASN A CG  1 
ATOM   187  O OD1 . ASN A 1 24 ? -15.133 7.503   -14.633 1.00 10.06 ? 24  ASN A OD1 1 
ATOM   188  N ND2 . ASN A 1 24 ? -16.230 5.560   -14.893 1.00 10.34 ? 24  ASN A ND2 1 
ATOM   189  N N   . ALA A 1 25 ? -13.203 9.006   -12.376 1.00 9.30  ? 25  ALA A N   1 
ATOM   190  C CA  . ALA A 1 25 ? -13.288 10.436  -12.166 1.00 9.50  ? 25  ALA A CA  1 
ATOM   191  C C   . ALA A 1 25 ? -14.261 11.146  -13.133 1.00 9.95  ? 25  ALA A C   1 
ATOM   192  O O   . ALA A 1 25 ? -14.886 12.137  -12.733 1.00 13.12 ? 25  ALA A O   1 
ATOM   193  C CB  . ALA A 1 25 ? -11.894 11.061  -12.270 1.00 8.54  ? 25  ALA A CB  1 
ATOM   194  N N   . ALA A 1 26 ? -14.382 10.594  -14.334 1.00 12.05 ? 26  ALA A N   1 
ATOM   195  C CA  . ALA A 1 26 ? -15.304 11.145  -15.367 1.00 13.25 ? 26  ALA A CA  1 
ATOM   196  C C   . ALA A 1 26 ? -16.725 11.047  -14.826 1.00 15.28 ? 26  ALA A C   1 
ATOM   197  O O   . ALA A 1 26 ? -17.534 11.973  -14.961 1.00 16.63 ? 26  ALA A O   1 
ATOM   198  C CB  . ALA A 1 26 ? -15.156 10.364  -16.640 1.00 13.79 ? 26  ALA A CB  1 
ATOM   199  N N   . ALA A 1 27 ? -17.016 9.937   -14.127 1.00 13.51 ? 27  ALA A N   1 
ATOM   200  C CA  . ALA A 1 27 ? -18.345 9.733   -13.571 1.00 14.08 ? 27  ALA A CA  1 
ATOM   201  C C   . ALA A 1 27 ? -18.542 10.323  -12.210 1.00 13.06 ? 27  ALA A C   1 
ATOM   202  O O   . ALA A 1 27 ? -19.701 10.363  -11.683 1.00 15.94 ? 27  ALA A O   1 
ATOM   203  C CB  . ALA A 1 27 ? -18.659 8.240   -13.530 1.00 14.08 ? 27  ALA A CB  1 
ATOM   204  N N   . GLY A 1 28 ? -17.477 10.755  -11.524 1.00 11.53 ? 28  GLY A N   1 
ATOM   205  C CA  . GLY A 1 28 ? -17.483 11.176  -10.177 1.00 11.40 ? 28  GLY A CA  1 
ATOM   206  C C   . GLY A 1 28 ? -18.022 10.105  -9.238  1.00 11.62 ? 28  GLY A C   1 
ATOM   207  O O   . GLY A 1 28 ? -18.736 10.408  -8.266  1.00 13.19 ? 28  GLY A O   1 
ATOM   208  N N   . ALA A 1 29 ? -17.605 8.883   -9.510  1.00 10.12 ? 29  ALA A N   1 
ATOM   209  C CA  . ALA A 1 29 ? -18.163 7.740   -8.760  1.00 9.25  ? 29  ALA A CA  1 
ATOM   210  C C   . ALA A 1 29 ? -17.156 6.659   -8.622  1.00 9.21  ? 29  ALA A C   1 
ATOM   211  O O   . ALA A 1 29 ? -16.365 6.408   -9.539  1.00 9.63  ? 29  ALA A O   1 
ATOM   212  C CB  . ALA A 1 29 ? -19.419 7.255   -9.451  1.00 9.17  ? 29  ALA A CB  1 
ATOM   213  N N   . ALA A 1 30 ? -17.250 5.947   -7.515  1.00 7.89  ? 30  ALA A N   1 
ATOM   214  C CA  . ALA A 1 30 ? -16.554 4.686   -7.359  1.00 7.81  ? 30  ALA A CA  1 
ATOM   215  C C   . ALA A 1 30 ? -17.375 3.591   -7.986  1.00 7.82  ? 30  ALA A C   1 
ATOM   216  O O   . ALA A 1 30 ? -18.595 3.533   -7.774  1.00 9.18  ? 30  ALA A O   1 
ATOM   217  C CB  . ALA A 1 30 ? -16.327 4.424   -5.907  1.00 7.56  ? 30  ALA A CB  1 
ATOM   218  N N   . GLN A 1 31 ? -16.743 2.715   -8.788  1.00 7.03  ? 31  GLN A N   1 
ATOM   219  C CA  . GLN A 1 31 ? -17.418 1.693   -9.519  1.00 7.57  ? 31  GLN A CA  1 
ATOM   220  C C   . GLN A 1 31 ? -16.752 0.335   -9.390  1.00 7.09  ? 31  GLN A C   1 
ATOM   221  O O   . GLN A 1 31 ? -15.537 0.210   -9.254  1.00 7.19  ? 31  GLN A O   1 
ATOM   222  C CB  . GLN A 1 31 ? -17.484 2.088   -11.023 1.00 8.09  ? 31  GLN A CB  1 
ATOM   223  C CG  . GLN A 1 31 ? -18.255 3.393   -11.234 1.00 9.17  ? 31  GLN A CG  1 
ATOM   224  C CD  . GLN A 1 31 ? -18.287 3.806   -12.698 1.00 9.96  ? 31  GLN A CD  1 
ATOM   225  O OE1 . GLN A 1 31 ? -17.497 3.330   -13.512 1.00 11.66 ? 31  GLN A OE1 1 
ATOM   226  N NE2 . GLN A 1 31 ? -19.277 4.608   -13.073 1.00 12.14 ? 31  GLN A NE2 1 
ATOM   227  N N   . ALA A 1 32 ? -17.581 -0.702  -9.386  1.00 7.78  ? 32  ALA A N   1 
ATOM   228  C CA  . ALA A 1 32 ? -17.056 -2.069  -9.318  1.00 7.29  ? 32  ALA A CA  1 
ATOM   229  C C   . ALA A 1 32 ? -16.373 -2.478  -10.622 1.00 6.71  ? 32  ALA A C   1 
ATOM   230  O O   . ALA A 1 32 ? -16.819 -2.105  -11.725 1.00 6.94  ? 32  ALA A O   1 
ATOM   231  C CB  . ALA A 1 32 ? -18.122 -3.070  -8.958  1.00 7.80  ? 32  ALA A CB  1 
ATOM   232  N N   . PHE A 1 33 ? -15.302 -3.244  -10.482 1.00 6.22  ? 33  PHE A N   1 
ATOM   233  C CA  . PHE A 1 33 ? -14.637 -3.904  -11.596 1.00 6.15  ? 33  PHE A CA  1 
ATOM   234  C C   . PHE A 1 33 ? -14.137 -5.282  -11.193 1.00 6.68  ? 33  PHE A C   1 
ATOM   235  O O   . PHE A 1 33 ? -14.080 -5.619  -9.992  1.00 7.13  ? 33  PHE A O   1 
ATOM   236  C CB  . PHE A 1 33 ? -13.530 -3.080  -12.223 1.00 6.07  ? 33  PHE A CB  1 
ATOM   237  C CG  . PHE A 1 33 ? -12.201 -3.046  -11.453 1.00 6.29  ? 33  PHE A CG  1 
ATOM   238  C CD1 . PHE A 1 33 ? -12.081 -2.306  -10.295 1.00 6.29  ? 33  PHE A CD1 1 
ATOM   239  C CD2 . PHE A 1 33 ? -11.070 -3.711  -11.941 1.00 6.59  ? 33  PHE A CD2 1 
ATOM   240  C CE1 . PHE A 1 33 ? -10.874 -2.249  -9.605  1.00 6.46  ? 33  PHE A CE1 1 
ATOM   241  C CE2 . PHE A 1 33 ? -9.860  -3.635  -11.276 1.00 6.50  ? 33  PHE A CE2 1 
ATOM   242  C CZ  . PHE A 1 33 ? -9.742  -2.892  -10.123 1.00 6.06  ? 33  PHE A CZ  1 
ATOM   243  N N   . VAL A 1 34 ? -13.824 -6.105  -12.200 1.00 7.07  ? 34  VAL A N   1 
ATOM   244  C CA  . VAL A 1 34 ? -13.250 -7.422  -11.906 1.00 7.67  ? 34  VAL A CA  1 
ATOM   245  C C   . VAL A 1 34 ? -11.722 -7.373  -11.912 1.00 7.62  ? 34  VAL A C   1 
ATOM   246  O O   . VAL A 1 34 ? -11.103 -6.964  -12.919 1.00 9.58  ? 34  VAL A O   1 
ATOM   247  C CB  . VAL A 1 34 ? -13.764 -8.508  -12.870 1.00 8.08  ? 34  VAL A CB  1 
ATOM   248  C CG1 . VAL A 1 34 ? -13.172 -9.873  -12.465 1.00 9.07  ? 34  VAL A CG1 1 
ATOM   249  C CG2 . VAL A 1 34 ? -15.254 -8.533  -12.888 1.00 7.82  ? 34  VAL A CG2 1 
ATOM   250  N N   . TYR A 1 35 ? -11.138 -7.807  -10.821 1.00 6.88  ? 35  TYR A N   1 
ATOM   251  C CA  . TYR A 1 35 ? -9.685  -7.899  -10.628 1.00 6.53  ? 35  TYR A CA  1 
ATOM   252  C C   . TYR A 1 35 ? -9.298  -9.340  -10.690 1.00 7.28  ? 35  TYR A C   1 
ATOM   253  O O   . TYR A 1 35 ? -9.923  -10.186 -10.022 1.00 7.26  ? 35  TYR A O   1 
ATOM   254  C CB  . TYR A 1 35 ? -9.303  -7.216  -9.302  1.00 6.56  ? 35  TYR A CB  1 
ATOM   255  C CG  . TYR A 1 35 ? -7.849  -7.406  -8.908  1.00 6.34  ? 35  TYR A CG  1 
ATOM   256  C CD1 . TYR A 1 35 ? -6.830  -6.989  -9.744  1.00 6.95  ? 35  TYR A CD1 1 
ATOM   257  C CD2 . TYR A 1 35 ? -7.521  -7.918  -7.641  1.00 6.93  ? 35  TYR A CD2 1 
ATOM   258  C CE1 . TYR A 1 35 ? -5.510  -7.168  -9.372  1.00 7.45  ? 35  TYR A CE1 1 
ATOM   259  C CE2 . TYR A 1 35 ? -6.175  -8.101  -7.273  1.00 7.33  ? 35  TYR A CE2 1 
ATOM   260  C CZ  . TYR A 1 35 ? -5.191  -7.678  -8.134  1.00 7.31  ? 35  TYR A CZ  1 
ATOM   261  O OH  . TYR A 1 35 ? -3.855  -7.808  -7.779  1.00 7.84  ? 35  TYR A OH  1 
ATOM   262  N N   . GLY A 1 36 ? -8.270  -9.649  -11.464 1.00 7.66  ? 36  GLY A N   1 
ATOM   263  C CA  . GLY A 1 36 ? -7.782  -11.005 -11.607 1.00 8.20  ? 36  GLY A CA  1 
ATOM   264  C C   . GLY A 1 36 ? -6.928  -11.612 -10.523 1.00 8.97  ? 36  GLY A C   1 
ATOM   265  O O   . GLY A 1 36 ? -6.526  -12.807 -10.573 1.00 9.46  ? 36  GLY A O   1 
ATOM   266  N N   . GLY A 1 37 ? -6.604  -10.816 -9.522  1.00 8.47  ? 37  GLY A N   1 
ATOM   267  C CA  . GLY A 1 37 ? -5.919  -11.298 -8.357  1.00 9.36  ? 37  GLY A CA  1 
ATOM   268  C C   . GLY A 1 37 ? -4.436  -11.082 -8.306  1.00 9.83  ? 37  GLY A C   1 
ATOM   269  O O   . GLY A 1 37 ? -3.789  -11.330 -7.214  1.00 12.22 ? 37  GLY A O   1 
ATOM   270  N N   . VAL A 1 38 ? -3.871  -10.537 -9.364  1.00 9.94  ? 38  VAL A N   1 
ATOM   271  C CA  . VAL A 1 38 ? -2.431  -10.227 -9.400  1.00 11.11 ? 38  VAL A CA  1 
ATOM   272  C C   . VAL A 1 38 ? -2.158  -9.003  -10.234 1.00 10.15 ? 38  VAL A C   1 
ATOM   273  O O   . VAL A 1 38 ? -2.956  -8.592  -11.061 1.00 8.10  ? 38  VAL A O   1 
ATOM   274  C CB  . VAL A 1 38 ? -1.585  -11.393 -9.895  1.00 12.80 ? 38  VAL A CB  1 
ATOM   275  C CG1 . VAL A 1 38 ? -1.682  -12.668 -9.050  1.00 16.03 ? 38  VAL A CG1 1 
ATOM   276  C CG2 . VAL A 1 38 ? -1.956  -11.724 -11.282 1.00 12.73 ? 38  VAL A CG2 1 
ATOM   277  N N   . ALA A 1 39 ? -1.026  -8.339  -9.957  1.00 9.04  ? 39  ALA A N   1 
ATOM   278  C CA  . ALA A 1 39 ? -0.605  -7.123  -10.717 1.00 8.56  ? 39  ALA A CA  1 
ATOM   279  C C   . ALA A 1 39 ? -1.537  -5.930  -10.574 1.00 7.56  ? 39  ALA A C   1 
ATOM   280  O O   . ALA A 1 39 ? -1.749  -5.170  -11.498 1.00 7.86  ? 39  ALA A O   1 
ATOM   281  C CB  . ALA A 1 39 ? -0.353  -7.462  -12.197 1.00 8.48  ? 39  ALA A CB  1 
ATOM   282  N N   . ALA A 1 40 ? -2.012  -5.718  -9.340  1.00 7.69  ? 40  ALA A N   1 
ATOM   283  C CA  . ALA A 1 40 ? -2.858  -4.573  -9.053  1.00 7.22  ? 40  ALA A CA  1 
ATOM   284  C C   . ALA A 1 40 ? -2.129  -3.243  -9.361  1.00 7.43  ? 40  ALA A C   1 
ATOM   285  O O   . ALA A 1 40 ? -0.892  -3.062  -9.093  1.00 7.36  ? 40  ALA A O   1 
ATOM   286  C CB  . ALA A 1 40 ? -3.224  -4.548  -7.559  1.00 7.60  ? 40  ALA A CB  1 
ATOM   287  N N   . LYS A 1 41 ? -2.891  -2.288  -9.845  1.00 7.57  ? 41  LYS A N   1 
ATOM   288  C CA  . LYS A 1 41 ? -2.522  -0.888  -9.820  1.00 7.16  ? 41  LYS A CA  1 
ATOM   289  C C   . LYS A 1 41 ? -3.207  -0.147  -8.653  1.00 7.75  ? 41  LYS A C   1 
ATOM   290  O O   . LYS A 1 41 ? -3.975  -0.726  -7.898  1.00 7.41  ? 41  LYS A O   1 
ATOM   291  C CB  . LYS A 1 41 ? -2.838  -0.216  -11.173 1.00 8.72  ? 41  LYS A CB  1 
ATOM   292  C CG  . LYS A 1 41 ? -1.929  -0.750  -12.281 1.00 9.21  ? 41  LYS A CG  1 
ATOM   293  C CD  . LYS A 1 41 ? -2.206  -0.044  -13.611 1.00 11.27 ? 41  LYS A CD  1 
ATOM   294  C CE  . LYS A 1 41 ? -1.301  -0.575  -14.646 1.00 13.38 ? 41  LYS A CE  1 
ATOM   295  N NZ  . LYS A 1 41 ? -1.528  -0.007  -16.017 1.00 17.05 ? 41  LYS A NZ  1 
ATOM   296  N N   . ARG A 1 42 ? -2.888  1.121   -8.496  1.00 7.83  ? 42  ARG A N   1 
ATOM   297  C CA  . ARG A 1 42 ? -3.318  1.852   -7.327  1.00 8.10  ? 42  ARG A CA  1 
ATOM   298  C C   . ARG A 1 42 ? -4.797  2.188   -7.296  1.00 7.10  ? 42  ARG A C   1 
ATOM   299  O O   . ARG A 1 42 ? -5.388  2.269   -6.236  1.00 7.33  ? 42  ARG A O   1 
ATOM   300  C CB  . ARG A 1 42 ? -2.497  3.133   -7.175  1.00 9.03  ? 42  ARG A CB  1 
ATOM   301  C CG  . ARG A 1 42 ? -1.043  2.869   -6.806  1.00 10.54 ? 42  ARG A CG  1 
ATOM   302  C CD  . ARG A 1 42 ? -0.341  4.238   -6.826  1.00 13.60 ? 42  ARG A CD  1 
ATOM   303  N NE  . ARG A 1 42 ? 1.154   4.158   -6.783  1.00 15.83 ? 42  ARG A NE  1 
ATOM   304  C CZ  . ARG A 1 42 ? 1.920   4.094   -7.842  1.00 16.33 ? 42  ARG A CZ  1 
ATOM   305  N NH1 . ARG A 1 42 ? 1.401   4.080   -9.020  1.00 19.16 ? 42  ARG A NH1 1 
ATOM   306  N NH2 . ARG A 1 42 ? 3.264   4.116   -7.757  1.00 19.80 ? 42  ARG A NH2 1 
ATOM   307  N N   . ASN A 1 43 ? -5.422  2.362   -8.457  1.00 6.46  ? 43  ASN A N   1 
ATOM   308  C CA  . ASN A 1 43 ? -6.851  2.641   -8.486  1.00 6.05  ? 43  ASN A CA  1 
ATOM   309  C C   . ASN A 1 43 ? -7.661  1.353   -8.380  1.00 5.93  ? 43  ASN A C   1 
ATOM   310  O O   . ASN A 1 43 ? -8.353  0.892   -9.332  1.00 6.04  ? 43  ASN A O   1 
ATOM   311  C CB  . ASN A 1 43 ? -7.166  3.467   -9.735  1.00 6.05  ? 43  ASN A CB  1 
ATOM   312  C CG  . ASN A 1 43 ? -8.501  4.100   -9.672  1.00 6.23  ? 43  ASN A CG  1 
ATOM   313  O OD1 . ASN A 1 43 ? -9.162  4.040   -8.637  1.00 6.14  ? 43  ASN A OD1 1 
ATOM   314  N ND2 . ASN A 1 43 ? -8.942  4.739   -10.763 1.00 5.82  ? 43  ASN A ND2 1 
ATOM   315  N N   . ASN A 1 44 ? -7.534  0.755   -7.208  1.00 5.80  ? 44  ASN A N   1 
ATOM   316  C CA  . ASN A 1 44 ? -8.094  -0.550  -6.910  1.00 5.66  ? 44  ASN A CA  1 
ATOM   317  C C   . ASN A 1 44 ? -8.265  -0.613  -5.404  1.00 6.12  ? 44  ASN A C   1 
ATOM   318  O O   . ASN A 1 44 ? -7.262  -0.596  -4.691  1.00 6.00  ? 44  ASN A O   1 
ATOM   319  C CB  . ASN A 1 44 ? -7.116  -1.635  -7.443  1.00 5.57  ? 44  ASN A CB  1 
ATOM   320  C CG  . ASN A 1 44 ? -7.461  -3.058  -7.078  1.00 5.90  ? 44  ASN A CG  1 
ATOM   321  O OD1 . ASN A 1 44 ? -8.011  -3.329  -6.039  1.00 6.23  ? 44  ASN A OD1 1 
ATOM   322  N ND2 . ASN A 1 44 ? -6.951  -4.012  -7.886  1.00 5.65  ? 44  ASN A ND2 1 
ATOM   323  N N   . PHE A 1 45 ? -9.521  -0.749  -4.979  1.00 5.94  ? 45  PHE A N   1 
ATOM   324  C CA  . PHE A 1 45 ? -9.906  -0.666  -3.576  1.00 5.79  ? 45  PHE A CA  1 
ATOM   325  C C   . PHE A 1 45 ? -10.871 -1.762  -3.218  1.00 5.64  ? 45  PHE A C   1 
ATOM   326  O O   . PHE A 1 45 ? -11.527 -2.343  -4.080  1.00 5.89  ? 45  PHE A O   1 
ATOM   327  C CB  . PHE A 1 45 ? -10.550 0.662   -3.275  1.00 5.63  ? 45  PHE A CB  1 
ATOM   328  C CG  . PHE A 1 45 ? -9.690  1.882   -3.574  1.00 5.95  ? 45  PHE A CG  1 
ATOM   329  C CD1 . PHE A 1 45 ? -9.646  2.453   -4.829  1.00 5.83  ? 45  PHE A CD1 1 
ATOM   330  C CD2 . PHE A 1 45 ? -8.888  2.442   -2.568  1.00 6.36  ? 45  PHE A CD2 1 
ATOM   331  C CE1 . PHE A 1 45 ? -8.865  3.541   -5.053  1.00 6.00  ? 45  PHE A CE1 1 
ATOM   332  C CE2 . PHE A 1 45 ? -8.096  3.530   -2.818  1.00 6.41  ? 45  PHE A CE2 1 
ATOM   333  C CZ  . PHE A 1 45 ? -8.053  4.035   -4.056  1.00 6.13  ? 45  PHE A CZ  1 
ATOM   334  N N   . ALA A 1 46 ? -10.940 -2.067  -1.929  1.00 5.69  ? 46  ALA A N   1 
ATOM   335  C CA  . ALA A 1 46 ? -11.875 -3.064  -1.440  1.00 6.25  ? 46  ALA A CA  1 
ATOM   336  C C   . ALA A 1 46 ? -13.336 -2.711  -1.457  1.00 6.11  ? 46  ALA A C   1 
ATOM   337  O O   . ALA A 1 46 ? -14.232 -3.630  -1.461  1.00 7.06  ? 46  ALA A O   1 
ATOM   338  C CB  . ALA A 1 46 ? -11.495 -3.515  -0.048  1.00 7.03  ? 46  ALA A CB  1 
ATOM   339  N N   . SER A 1 47 ? -13.629 -1.440  -1.407  1.00 6.37  ? 47  SER A N   1 
ATOM   340  C CA  . SER A 1 47 ? -15.000 -0.929  -1.341  1.00 7.01  ? 47  SER A CA  1 
ATOM   341  C C   . SER A 1 47 ? -15.120 0.405   -2.038  1.00 6.83  ? 47  SER A C   1 
ATOM   342  O O   . SER A 1 47 ? -14.107 1.079   -2.258  1.00 6.72  ? 47  SER A O   1 
ATOM   343  C CB  . SER A 1 47 ? -15.388 -0.748  0.139   1.00 7.89  ? 47  SER A CB  1 
ATOM   344  O OG  . SER A 1 47 ? -14.656 0.286   0.733   1.00 7.63  ? 47  SER A OG  1 
ATOM   345  N N   . ALA A 1 48 ? -16.332 0.827   -2.367  1.00 7.39  ? 48  ALA A N   1 
ATOM   346  C CA  . ALA A 1 48 ? -16.584 2.117   -2.913  1.00 7.12  ? 48  ALA A CA  1 
ATOM   347  C C   . ALA A 1 48 ? -16.164 3.219   -1.948  1.00 6.90  ? 48  ALA A C   1 
ATOM   348  O O   . ALA A 1 48 ? -15.545 4.216   -2.316  1.00 6.28  ? 48  ALA A O   1 
ATOM   349  C CB  . ALA A 1 48 ? -18.056 2.307   -3.243  1.00 7.62  ? 48  ALA A CB  1 
ATOM   350  N N   . ALA A 1 49 ? -16.451 2.988   -0.665  1.00 7.71  ? 49  ALA A N   1 
ATOM   351  C CA  . ALA A 1 49 ? -16.085 3.948   0.352   1.00 7.75  ? 49  ALA A CA  1 
ATOM   352  C C   . ALA A 1 49 ? -14.586 4.204   0.390   1.00 7.89  ? 49  ALA A C   1 
ATOM   353  O O   . ALA A 1 49 ? -14.132 5.354   0.504   1.00 7.01  ? 49  ALA A O   1 
ATOM   354  C CB  . ALA A 1 49 ? -16.570 3.504   1.732   1.00 8.87  ? 49  ALA A CB  1 
ATOM   355  N N   . ASP A 1 50 ? -13.803 3.136   0.271   1.00 7.42  ? 50  ASP A N   1 
ATOM   356  C CA  . ASP A 1 50 ? -12.370 3.326   0.342   1.00 7.43  ? 50  ASP A CA  1 
ATOM   357  C C   . ASP A 1 50 ? -11.898 4.122   -0.888  1.00 6.57  ? 50  ASP A C   1 
ATOM   358  O O   . ASP A 1 50 ? -11.005 4.978   -0.805  1.00 6.88  ? 50  ASP A O   1 
ATOM   359  C CB  . ASP A 1 50 ? -11.667 1.970   0.398   1.00 7.69  ? 50  ASP A CB  1 
ATOM   360  C CG  . ASP A 1 50 ? -11.710 1.339   1.724   1.00 9.86  ? 50  ASP A CG  1 
ATOM   361  O OD1 . ASP A 1 50 ? -12.355 1.873   2.686   1.00 10.36 ? 50  ASP A OD1 1 
ATOM   362  O OD2 . ASP A 1 50 ? -11.195 0.225   1.858   1.00 10.41 ? 50  ASP A OD2 1 
ATOM   363  N N   . ALA A 1 51 ? -12.484 3.824   -2.035  1.00 6.50  ? 51  ALA A N   1 
ATOM   364  C CA  . ALA A 1 51 ? -12.107 4.535   -3.246  1.00 6.60  ? 51  ALA A CA  1 
ATOM   365  C C   . ALA A 1 51 ? -12.429 6.045   -3.181  1.00 7.10  ? 51  ALA A C   1 
ATOM   366  O O   . ALA A 1 51 ? -11.616 6.902   -3.543  1.00 6.94  ? 51  ALA A O   1 
ATOM   367  C CB  . ALA A 1 51 ? -12.776 3.908   -4.457  1.00 6.71  ? 51  ALA A CB  1 
ATOM   368  N N   . LEU A 1 52 ? -13.615 6.365   -2.659  1.00 6.88  ? 52  LEU A N   1 
ATOM   369  C CA  . LEU A 1 52 ? -14.047 7.739   -2.518  1.00 7.40  ? 52  LEU A CA  1 
ATOM   370  C C   . LEU A 1 52 ? -13.175 8.469   -1.524  1.00 7.22  ? 52  LEU A C   1 
ATOM   371  O O   . LEU A 1 52 ? -12.845 9.664   -1.714  1.00 7.77  ? 52  LEU A O   1 
ATOM   372  C CB  . LEU A 1 52 ? -15.513 7.819   -2.113  1.00 8.02  ? 52  LEU A CB  1 
ATOM   373  C CG  . LEU A 1 52 ? -16.515 7.324   -3.170  1.00 8.06  ? 52  LEU A CG  1 
ATOM   374  C CD1 . LEU A 1 52 ? -17.954 7.279   -2.658  1.00 9.66  ? 52  LEU A CD1 1 
ATOM   375  C CD2 . LEU A 1 52 ? -16.455 8.215   -4.410  1.00 8.86  ? 52  LEU A CD2 1 
ATOM   376  N N   . ALA A 1 53 ? -12.810 7.788   -0.428  1.00 7.13  ? 53  ALA A N   1 
ATOM   377  C CA  . ALA A 1 53 ? -11.967 8.458   0.563   1.00 7.71  ? 53  ALA A CA  1 
ATOM   378  C C   . ALA A 1 53 ? -10.599 8.867   -0.001  1.00 7.74  ? 53  ALA A C   1 
ATOM   379  O O   . ALA A 1 53 ? -10.059 9.904   0.350   1.00 9.74  ? 53  ALA A O   1 
ATOM   380  C CB  . ALA A 1 53 ? -11.804 7.595   1.816   1.00 7.77  ? 53  ALA A CB  1 
ATOM   381  N N   . ALA A 1 54 ? -10.014 8.012   -0.861  1.00 7.67  ? 54  ALA A N   1 
ATOM   382  C CA  . ALA A 1 54 ? -8.705  8.305   -1.438  1.00 8.13  ? 54  ALA A CA  1 
ATOM   383  C C   . ALA A 1 54 ? -8.780  9.350   -2.553  1.00 8.38  ? 54  ALA A C   1 
ATOM   384  O O   . ALA A 1 54 ? -7.866  10.203  -2.711  1.00 10.01 ? 54  ALA A O   1 
ATOM   385  C CB  . ALA A 1 54 ? -8.072  7.009   -1.924  1.00 8.57  ? 54  ALA A CB  1 
ATOM   386  N N   . CYS A 1 55 ? -9.830  9.288   -3.334  1.00 8.56  ? 55  CYS A N   1 
ATOM   387  C CA  . CYS A 1 55 ? -9.899  9.980   -4.613  1.00 8.51  ? 55  CYS A CA  1 
ATOM   388  C C   . CYS A 1 55 ? -10.928 11.092  -4.723  1.00 11.24 ? 55  CYS A C   1 
ATOM   389  O O   . CYS A 1 55 ? -10.891 11.830  -5.710  1.00 11.81 ? 55  CYS A O   1 
ATOM   390  C CB  . CYS A 1 55 ? -10.201 8.969   -5.720  1.00 8.25  ? 55  CYS A CB  1 
ATOM   391  S SG  . CYS A 1 55 ? -8.815  7.854   -6.014  1.00 8.90  ? 55  CYS A SG  1 
ATOM   392  N N   . ALA A 1 56 ? -11.892 11.158  -3.824  1.00 12.07 ? 56  ALA A N   1 
ATOM   393  C CA  . ALA A 1 56 ? -12.920 12.201  -3.867  1.00 15.47 ? 56  ALA A CA  1 
ATOM   394  C C   . ALA A 1 56 ? -13.023 12.874  -2.492  1.00 20.64 ? 56  ALA A C   1 
ATOM   395  O O   . ALA A 1 56 ? -14.191 13.165  -2.025  1.00 19.97 ? 56  ALA A O   1 
ATOM   396  C CB  . ALA A 1 56 ? -14.253 11.545  -4.181  1.00 15.41 ? 56  ALA A CB  1 
ATOM   397  N N   . ALA A 1 57 ? -11.870 13.054  -1.804  1.00 22.04 ? 57  ALA A N   1 
ATOM   398  C CA  . ALA A 1 57 ? -11.874 13.577  -0.393  1.00 28.89 ? 57  ALA A CA  1 
ATOM   399  C C   . ALA A 1 57 ? -12.851 14.789  -0.118  1.00 41.69 ? 57  ALA A C   1 
ATOM   400  O O   . ALA A 1 57 ? -12.584 15.933  0.344   1.00 38.25 ? 57  ALA A O   1 
ATOM   401  C CB  . ALA A 1 57 ? -10.443 13.881  0.101   1.00 26.45 ? 57  ALA A CB  1 
ATOM   402  N N   . ARG B 1 1  ? -11.143 -7.071  19.156  1.00 24.54 ? 1   ARG B N   1 
ATOM   403  C CA  . ARG B 1 1  ? -10.916 -6.977  17.657  1.00 21.35 ? 1   ARG B CA  1 
ATOM   404  C C   . ARG B 1 1  ? -11.158 -8.323  16.969  1.00 19.28 ? 1   ARG B C   1 
ATOM   405  O O   . ARG B 1 1  ? -11.234 -9.351  17.624  1.00 19.50 ? 1   ARG B O   1 
ATOM   406  C CB  . ARG B 1 1  ? -9.523  -6.376  17.372  1.00 19.52 ? 1   ARG B CB  1 
ATOM   407  C CG  . ARG B 1 1  ? -8.312  -7.315  17.565  1.00 17.76 ? 1   ARG B CG  1 
ATOM   408  C CD  . ARG B 1 1  ? -7.002  -6.595  17.377  1.00 14.18 ? 1   ARG B CD  1 
ATOM   409  N NE  . ARG B 1 1  ? -6.612  -5.832  18.577  1.00 15.06 ? 1   ARG B NE  1 
ATOM   410  C CZ  . ARG B 1 1  ? -6.644  -4.506  18.686  1.00 12.29 ? 1   ARG B CZ  1 
ATOM   411  N NH1 . ARG B 1 1  ? -6.942  -3.716  17.674  1.00 12.58 ? 1   ARG B NH1 1 
ATOM   412  N NH2 . ARG B 1 1  ? -6.300  -3.954  19.819  1.00 14.48 ? 1   ARG B NH2 1 
ATOM   413  N N   . PRO B 1 2  ? -11.265 -8.323  15.639  1.00 18.61 ? 2   PRO B N   1 
ATOM   414  C CA  . PRO B 1 2  ? -11.427 -9.565  14.917  1.00 17.16 ? 2   PRO B CA  1 
ATOM   415  C C   . PRO B 1 2  ? -10.311 -10.631 15.256  1.00 18.36 ? 2   PRO B C   1 
ATOM   416  O O   . PRO B 1 2  ? -9.144  -10.288 15.305  1.00 15.38 ? 2   PRO B O   1 
ATOM   417  C CB  . PRO B 1 2  ? -11.433 -9.135  13.452  1.00 18.02 ? 2   PRO B CB  1 
ATOM   418  C CG  . PRO B 1 2  ? -11.698 -7.706  13.453  1.00 17.23 ? 2   PRO B CG  1 
ATOM   419  C CD  . PRO B 1 2  ? -11.153 -7.165  14.733  1.00 17.56 ? 2   PRO B CD  1 
ATOM   420  N N   . ALA B 1 3  ? -10.681 -11.891 15.546  1.00 16.85 ? 3   ALA B N   1 
ATOM   421  C CA  . ALA B 1 3  ? -9.745  -12.860 16.062  1.00 16.76 ? 3   ALA B CA  1 
ATOM   422  C C   . ALA B 1 3  ? -8.592  -13.163 15.082  1.00 14.56 ? 3   ALA B C   1 
ATOM   423  O O   . ALA B 1 3  ? -7.476  -13.455 15.507  1.00 16.19 ? 3   ALA B O   1 
ATOM   424  C CB  . ALA B 1 3  ? -10.463 -14.172 16.438  1.00 17.64 ? 3   ALA B CB  1 
ATOM   425  N N   . PHE B 1 4  ? -8.850  -13.062 13.777  1.00 15.34 ? 4   PHE B N   1 
ATOM   426  C CA  . PHE B 1 4  ? -7.781  -13.341 12.797  1.00 14.01 ? 4   PHE B CA  1 
ATOM   427  C C   . PHE B 1 4  ? -6.631  -12.321 12.897  1.00 11.80 ? 4   PHE B C   1 
ATOM   428  O O   . PHE B 1 4  ? -5.517  -12.634 12.505  1.00 11.85 ? 4   PHE B O   1 
ATOM   429  C CB  . PHE B 1 4  ? -8.311  -13.345 11.342  1.00 14.79 ? 4   PHE B CB  1 
ATOM   430  C CG  . PHE B 1 4  ? -8.605  -12.007 10.751  1.00 14.49 ? 4   PHE B CG  1 
ATOM   431  C CD1 . PHE B 1 4  ? -7.593  -11.202 10.218  1.00 13.69 ? 4   PHE B CD1 1 
ATOM   432  C CD2 . PHE B 1 4  ? -9.895  -11.529 10.708  1.00 16.02 ? 4   PHE B CD2 1 
ATOM   433  C CE1 . PHE B 1 4  ? -7.923  -9.976  9.655   1.00 13.80 ? 4   PHE B CE1 1 
ATOM   434  C CE2 . PHE B 1 4  ? -10.206 -10.315 10.141  1.00 16.50 ? 4   PHE B CE2 1 
ATOM   435  C CZ  . PHE B 1 4  ? -9.225  -9.529  9.605   1.00 15.59 ? 4   PHE B CZ  1 
ATOM   436  N N   . CYS B 1 5  ? -6.936  -11.153 13.452  1.00 11.18 ? 5   CYS B N   1 
ATOM   437  C CA  . CYS B 1 5  ? -5.925  -10.093 13.666  1.00 10.96 ? 5   CYS B CA  1 
ATOM   438  C C   . CYS B 1 5  ? -4.909  -10.467 14.736  1.00 11.08 ? 5   CYS B C   1 
ATOM   439  O O   . CYS B 1 5  ? -3.932  -9.763  14.918  1.00 10.58 ? 5   CYS B O   1 
ATOM   440  C CB  . CYS B 1 5  ? -6.633  -8.788  14.117  1.00 11.13 ? 5   CYS B CB  1 
ATOM   441  S SG  . CYS B 1 5  ? -7.814  -8.208  12.891  1.00 13.09 ? 5   CYS B SG  1 
ATOM   442  N N   . LEU B 1 6  ? -5.186  -11.493 15.538  1.00 11.51 ? 6   LEU B N   1 
ATOM   443  C CA  . LEU B 1 6  ? -4.319  -11.892 16.631  1.00 12.84 ? 6   LEU B CA  1 
ATOM   444  C C   . LEU B 1 6  ? -3.371  -12.993 16.222  1.00 11.19 ? 6   LEU B C   1 
ATOM   445  O O   . LEU B 1 6  ? -2.459  -13.444 16.949  1.00 12.68 ? 6   LEU B O   1 
ATOM   446  C CB  . LEU B 1 6  ? -5.204  -12.354 17.804  1.00 12.38 ? 6   LEU B CB  1 
ATOM   447  C CG  . LEU B 1 6  ? -6.182  -11.287 18.316  1.00 14.32 ? 6   LEU B CG  1 
ATOM   448  C CD1 . LEU B 1 6  ? -6.898  -11.835 19.557  1.00 16.74 ? 6   LEU B CD1 1 
ATOM   449  C CD2 . LEU B 1 6  ? -5.470  -10.005 18.680  1.00 14.56 ? 6   LEU B CD2 1 
ATOM   450  N N   . GLU B 1 7  ? -3.589  -13.524 15.021  1.00 11.85 ? 7   GLU B N   1 
ATOM   451  C CA  . GLU B 1 7  ? -2.742  -14.643 14.555  1.00 11.87 ? 7   GLU B CA  1 
ATOM   452  C C   . GLU B 1 7  ? -1.411  -14.084 14.068  1.00 11.57 ? 7   GLU B C   1 
ATOM   453  O O   . GLU B 1 7  ? -1.361  -12.969 13.451  1.00 10.55 ? 7   GLU B O   1 
ATOM   454  C CB  . GLU B 1 7  ? -3.401  -15.336 13.371  0.70 11.34 ? 7   GLU B CB  1 
ATOM   455  C CG  . GLU B 1 7  ? -4.704  -16.077 13.676  0.70 11.83 ? 7   GLU B CG  1 
ATOM   456  C CD  . GLU B 1 7  ? -4.510  -17.223 14.619  0.70 14.01 ? 7   GLU B CD  1 
ATOM   457  O OE1 . GLU B 1 7  ? -3.452  -17.880 14.629  0.70 14.35 ? 7   GLU B OE1 1 
ATOM   458  O OE2 . GLU B 1 7  ? -5.422  -17.474 15.404  0.70 17.23 ? 7   GLU B OE2 1 
ATOM   459  N N   . PRO B 1 8  ? -0.295  -14.840 14.200  1.00 12.51 ? 8   PRO B N   1 
ATOM   460  C CA  . PRO B 1 8  ? 1.000   -14.444 13.690  1.00 12.09 ? 8   PRO B CA  1 
ATOM   461  C C   . PRO B 1 8  ? 1.013   -14.366 12.153  1.00 10.46 ? 8   PRO B C   1 
ATOM   462  O O   . PRO B 1 8  ? 0.181   -14.976 11.513  1.00 11.13 ? 8   PRO B O   1 
ATOM   463  C CB  . PRO B 1 8  ? 1.957   -15.572 14.139  1.00 14.19 ? 8   PRO B CB  1 
ATOM   464  C CG  . PRO B 1 8  ? 1.101   -16.651 14.664  1.00 14.83 ? 8   PRO B CG  1 
ATOM   465  C CD  . PRO B 1 8  ? -0.294  -16.193 14.808  1.00 13.76 ? 8   PRO B CD  1 
ATOM   466  N N   . PRO B 1 9  ? 1.880   -13.562 11.589  1.00 10.46 ? 9   PRO B N   1 
ATOM   467  C CA  . PRO B 1 9  ? 1.918   -13.448 10.130  1.00 10.18 ? 9   PRO B CA  1 
ATOM   468  C C   . PRO B 1 9  ? 2.332   -14.787 9.520   1.00 9.98  ? 9   PRO B C   1 
ATOM   469  O O   . PRO B 1 9  ? 3.124   -15.506 10.133  1.00 11.82 ? 9   PRO B O   1 
ATOM   470  C CB  . PRO B 1 9  ? 2.946   -12.361 9.900   1.00 10.51 ? 9   PRO B CB  1 
ATOM   471  C CG  . PRO B 1 9  ? 3.849   -12.441 11.108  1.00 11.13 ? 9   PRO B CG  1 
ATOM   472  C CD  . PRO B 1 9  ? 2.937   -12.783 12.243  1.00 11.56 ? 9   PRO B CD  1 
ATOM   473  N N   . TYR B 1 10 ? 1.799   -15.074 8.354   1.00 8.96  ? 10  TYR B N   1 
ATOM   474  C CA  . TYR B 1 10 ? 2.031   -16.353 7.687   1.00 9.50  ? 10  TYR B CA  1 
ATOM   475  C C   . TYR B 1 10 ? 2.656   -16.054 6.348   1.00 8.61  ? 10  TYR B C   1 
ATOM   476  O O   . TYR B 1 10 ? 1.977   -15.634 5.401   1.00 8.06  ? 10  TYR B O   1 
ATOM   477  C CB  . TYR B 1 10 ? 0.722   -17.106 7.502   1.00 9.94  ? 10  TYR B CB  1 
ATOM   478  C CG  . TYR B 1 10 ? 0.862   -18.469 6.866   1.00 10.20 ? 10  TYR B CG  1 
ATOM   479  C CD1 . TYR B 1 10 ? 1.468   -19.497 7.533   1.00 12.96 ? 10  TYR B CD1 1 
ATOM   480  C CD2 . TYR B 1 10 ? 0.253   -18.731 5.679   1.00 10.71 ? 10  TYR B CD2 1 
ATOM   481  C CE1 . TYR B 1 10 ? 1.551   -20.774 6.959   1.00 13.52 ? 10  TYR B CE1 1 
ATOM   482  C CE2 . TYR B 1 10 ? 0.338   -19.983 5.089   1.00 11.19 ? 10  TYR B CE2 1 
ATOM   483  C CZ  . TYR B 1 10 ? 0.965   -20.990 5.759   1.00 13.04 ? 10  TYR B CZ  1 
ATOM   484  O OH  . TYR B 1 10 ? 1.017   -22.227 5.109   1.00 13.44 ? 10  TYR B OH  1 
ATOM   485  N N   . ALA B 1 11 ? 3.945   -16.394 6.230   1.00 7.54  ? 11  ALA B N   1 
ATOM   486  C CA  . ALA B 1 11 ? 4.682   -16.222 4.957   1.00 7.26  ? 11  ALA B CA  1 
ATOM   487  C C   . ALA B 1 11 ? 4.164   -17.193 3.927   1.00 7.63  ? 11  ALA B C   1 
ATOM   488  O O   . ALA B 1 11 ? 4.088   -16.845 2.781   1.00 6.45  ? 11  ALA B O   1 
ATOM   489  C CB  . ALA B 1 11 ? 6.129   -16.536 5.159   1.00 7.73  ? 11  ALA B CB  1 
ATOM   490  N N   . GLY B 1 12 ? 3.752   -18.389 4.381   1.00 6.99  ? 12  GLY B N   1 
ATOM   491  C CA  . GLY B 1 12 ? 3.326   -19.386 3.464   1.00 7.76  ? 12  GLY B CA  1 
ATOM   492  C C   . GLY B 1 12 ? 4.471   -20.051 2.710   1.00 7.49  ? 12  GLY B C   1 
ATOM   493  O O   . GLY B 1 12 ? 5.613   -19.720 2.898   1.00 7.73  ? 12  GLY B O   1 
ATOM   494  N N   . PRO B 1 13 ? 4.093   -20.979 1.795   1.00 7.63  ? 13  PRO B N   1 
ATOM   495  C CA  . PRO B 1 13 ? 5.067   -21.834 1.092   1.00 8.76  ? 13  PRO B CA  1 
ATOM   496  C C   . PRO B 1 13 ? 5.623   -21.212 -0.179  1.00 9.18  ? 13  PRO B C   1 
ATOM   497  O O   . PRO B 1 13 ? 6.565   -21.785 -0.783  1.00 10.47 ? 13  PRO B O   1 
ATOM   498  C CB  . PRO B 1 13 ? 4.208   -23.049 0.743   1.00 8.67  ? 13  PRO B CB  1 
ATOM   499  C CG  . PRO B 1 13 ? 2.850   -22.495 0.482   1.00 8.46  ? 13  PRO B CG  1 
ATOM   500  C CD  . PRO B 1 13 ? 2.732   -21.493 1.627   1.00 8.07  ? 13  PRO B CD  1 
ATOM   501  N N   . GLY B 1 14 ? 5.094   -20.070 -0.607  1.00 8.72  ? 14  GLY B N   1 
ATOM   502  C CA  . GLY B 1 14 ? 5.456   -19.473 -1.873  1.00 9.30  ? 14  GLY B CA  1 
ATOM   503  C C   . GLY B 1 14 ? 6.873   -19.015 -1.989  1.00 9.00  ? 14  GLY B C   1 
ATOM   504  O O   . GLY B 1 14 ? 7.553   -18.706 -0.993  1.00 9.39  ? 14  GLY B O   1 
ATOM   505  N N   . ALA B 1 15 ? 7.347   -18.978 -3.254  1.00 10.23 ? 15  ALA B N   1 
ATOM   506  C CA  . ALA B 1 15 ? 8.756   -18.641 -3.527  1.00 10.58 ? 15  ALA B CA  1 
ATOM   507  C C   . ALA B 1 15 ? 8.985   -17.119 -3.686  1.00 11.40 ? 15  ALA B C   1 
ATOM   508  O O   . ALA B 1 15 ? 10.121  -16.672 -3.785  1.00 11.68 ? 15  ALA B O   1 
ATOM   509  C CB  . ALA B 1 15 ? 9.252   -19.387 -4.786  1.00 12.11 ? 15  ALA B CB  1 
ATOM   510  N N   . ALA B 1 16 ? 7.906   -16.317 -3.766  1.00 10.55 ? 16  ALA B N   1 
ATOM   511  C CA  . ALA B 1 16 ? 8.083   -14.875 -3.989  1.00 9.69  ? 16  ALA B CA  1 
ATOM   512  C C   . ALA B 1 16 ? 8.466   -14.168 -2.659  1.00 9.55  ? 16  ALA B C   1 
ATOM   513  O O   . ALA B 1 16 ? 8.466   -14.763 -1.557  1.00 9.04  ? 16  ALA B O   1 
ATOM   514  C CB  . ALA B 1 16 ? 6.827   -14.289 -4.561  1.00 10.67 ? 16  ALA B CB  1 
ATOM   515  N N   . ALA B 1 17 ? 8.859   -12.922 -2.791  1.00 8.17  ? 17  ALA B N   1 
ATOM   516  C CA  . ALA B 1 17 ? 9.194   -12.084 -1.656  1.00 7.93  ? 17  ALA B CA  1 
ATOM   517  C C   . ALA B 1 17 ? 8.429   -10.780 -1.769  1.00 7.30  ? 17  ALA B C   1 
ATOM   518  O O   . ALA B 1 17 ? 8.904   -9.764  -2.319  1.00 7.62  ? 17  ALA B O   1 
ATOM   519  C CB  . ALA B 1 17 ? 10.713  -11.831 -1.576  1.00 8.82  ? 17  ALA B CB  1 
ATOM   520  N N   . ILE B 1 18 ? 7.199   -10.838 -1.326  1.00 6.49  ? 18  ILE B N   1 
ATOM   521  C CA  . ILE B 1 18 ? 6.233   -9.747  -1.482  1.00 6.67  ? 18  ILE B CA  1 
ATOM   522  C C   . ILE B 1 18 ? 6.056   -9.052  -0.134  1.00 6.62  ? 18  ILE B C   1 
ATOM   523  O O   . ILE B 1 18 ? 5.752   -9.695  0.873   1.00 5.81  ? 18  ILE B O   1 
ATOM   524  C CB  . ILE B 1 18 ? 4.855   -10.255 -1.959  1.00 7.02  ? 18  ILE B CB  1 
ATOM   525  C CG1 . ILE B 1 18 ? 5.012   -11.021 -3.301  1.00 7.58  ? 18  ILE B CG1 1 
ATOM   526  C CG2 . ILE B 1 18 ? 3.910   -9.105  -2.115  1.00 7.62  ? 18  ILE B CG2 1 
ATOM   527  C CD1 . ILE B 1 18 ? 3.886   -11.986 -3.486  1.00 8.93  ? 18  ILE B CD1 1 
ATOM   528  N N   . ILE B 1 19 ? 6.253   -7.733  -0.076  1.00 5.79  ? 19  ILE B N   1 
ATOM   529  C CA  . ILE B 1 19 ? 6.066   -6.983  1.203   1.00 6.23  ? 19  ILE B CA  1 
ATOM   530  C C   . ILE B 1 19 ? 4.581   -6.788  1.434   1.00 5.96  ? 19  ILE B C   1 
ATOM   531  O O   . ILE B 1 19 ? 3.882   -6.195  0.600   1.00 6.10  ? 19  ILE B O   1 
ATOM   532  C CB  . ILE B 1 19 ? 6.796   -5.642  1.170   1.00 6.79  ? 19  ILE B CB  1 
ATOM   533  C CG1 . ILE B 1 19 ? 8.299   -5.858  0.965   1.00 7.62  ? 19  ILE B CG1 1 
ATOM   534  C CG2 . ILE B 1 19 ? 6.548   -4.902  2.476   1.00 7.11  ? 19  ILE B CG2 1 
ATOM   535  C CD1 . ILE B 1 19 ? 9.037   -4.649  0.427   1.00 9.10  ? 19  ILE B CD1 1 
ATOM   536  N N   . ARG B 1 20 ? 4.071   -7.326  2.529   1.00 5.74  ? 20  ARG B N   1 
ATOM   537  C CA  . ARG B 1 20 ? 2.713   -7.179  2.927   1.00 5.65  ? 20  ARG B CA  1 
ATOM   538  C C   . ARG B 1 20 ? 2.712   -6.703  4.361   1.00 5.75  ? 20  ARG B C   1 
ATOM   539  O O   . ARG B 1 20 ? 3.783   -6.599  5.014   1.00 5.18  ? 20  ARG B O   1 
ATOM   540  C CB  . ARG B 1 20 ? 1.985   -8.502  2.799   1.00 5.80  ? 20  ARG B CB  1 
ATOM   541  C CG  . ARG B 1 20 ? 1.957   -9.090  1.406   1.00 5.82  ? 20  ARG B CG  1 
ATOM   542  C CD  . ARG B 1 20 ? 1.004   -8.336  0.507   1.00 5.96  ? 20  ARG B CD  1 
ATOM   543  N NE  . ARG B 1 20 ? -0.397  -8.700  0.845   1.00 5.70  ? 20  ARG B NE  1 
ATOM   544  C CZ  . ARG B 1 20 ? -1.465  -8.418  0.116   1.00 6.50  ? 20  ARG B CZ  1 
ATOM   545  N NH1 . ARG B 1 20 ? -1.413  -7.716  -1.013  1.00 6.68  ? 20  ARG B NH1 1 
ATOM   546  N NH2 . ARG B 1 20 ? -2.643  -8.741  0.605   1.00 6.84  ? 20  ARG B NH2 1 
ATOM   547  N N   . TYR B 1 21 ? 1.540   -6.381  4.883   1.00 6.22  ? 21  TYR B N   1 
ATOM   548  C CA  . TYR B 1 21 ? 1.390   -5.915  6.257   1.00 6.43  ? 21  TYR B CA  1 
ATOM   549  C C   . TYR B 1 21 ? 0.511   -6.856  7.082   1.00 6.63  ? 21  TYR B C   1 
ATOM   550  O O   . TYR B 1 21 ? -0.511  -7.389  6.603   1.00 6.28  ? 21  TYR B O   1 
ATOM   551  C CB  . TYR B 1 21 ? 0.837   -4.495  6.315   1.00 6.77  ? 21  TYR B CB  1 
ATOM   552  C CG  . TYR B 1 21 ? 1.914   -3.502  6.010   1.00 7.22  ? 21  TYR B CG  1 
ATOM   553  C CD1 . TYR B 1 21 ? 2.324   -3.247  4.716   1.00 7.76  ? 21  TYR B CD1 1 
ATOM   554  C CD2 . TYR B 1 21 ? 2.560   -2.887  7.039   1.00 7.42  ? 21  TYR B CD2 1 
ATOM   555  C CE1 . TYR B 1 21 ? 3.359   -2.377  4.444   1.00 7.91  ? 21  TYR B CE1 1 
ATOM   556  C CE2 . TYR B 1 21 ? 3.602   -2.029  6.774   1.00 8.33  ? 21  TYR B CE2 1 
ATOM   557  C CZ  . TYR B 1 21 ? 4.005   -1.802  5.476   1.00 8.33  ? 21  TYR B CZ  1 
ATOM   558  O OH  . TYR B 1 21 ? 5.064   -0.890  5.312   1.00 11.15 ? 21  TYR B OH  1 
ATOM   559  N N   . PHE B 1 22 ? 0.864   -6.999  8.340   1.00 6.13  ? 22  PHE B N   1 
ATOM   560  C CA  . PHE B 1 22 ? -0.011  -7.689  9.318   1.00 6.27  ? 22  PHE B CA  1 
ATOM   561  C C   . PHE B 1 22 ? -0.249  -6.713  10.472  1.00 6.25  ? 22  PHE B C   1 
ATOM   562  O O   . PHE B 1 22 ? 0.572   -5.826  10.719  1.00 6.99  ? 22  PHE B O   1 
ATOM   563  C CB  . PHE B 1 22 ? 0.549   -9.002  9.786   1.00 6.57  ? 22  PHE B CB  1 
ATOM   564  C CG  . PHE B 1 22 ? 1.694   -8.916  10.756  1.00 6.38  ? 22  PHE B CG  1 
ATOM   565  C CD1 . PHE B 1 22 ? 2.988   -8.669  10.303  1.00 6.72  ? 22  PHE B CD1 1 
ATOM   566  C CD2 . PHE B 1 22 ? 1.534   -9.163  12.119  1.00 6.67  ? 22  PHE B CD2 1 
ATOM   567  C CE1 . PHE B 1 22 ? 4.030   -8.585  11.203  1.00 6.94  ? 22  PHE B CE1 1 
ATOM   568  C CE2 . PHE B 1 22 ? 2.606   -9.141  12.980  1.00 6.72  ? 22  PHE B CE2 1 
ATOM   569  C CZ  . PHE B 1 22 ? 3.820   -8.838  12.524  1.00 6.52  ? 22  PHE B CZ  1 
ATOM   570  N N   . TYR B 1 23 ? -1.377  -6.891  11.129  1.00 6.06  ? 23  TYR B N   1 
ATOM   571  C CA  . TYR B 1 23 ? -1.593  -6.245  12.410  1.00 6.49  ? 23  TYR B CA  1 
ATOM   572  C C   . TYR B 1 23 ? -0.913  -6.993  13.544  1.00 6.62  ? 23  TYR B C   1 
ATOM   573  O O   . TYR B 1 23 ? -1.210  -8.162  13.814  1.00 6.74  ? 23  TYR B O   1 
ATOM   574  C CB  . TYR B 1 23 ? -3.096  -6.082  12.727  1.00 7.04  ? 23  TYR B CB  1 
ATOM   575  C CG  . TYR B 1 23 ? -3.309  -5.268  13.994  1.00 7.47  ? 23  TYR B CG  1 
ATOM   576  C CD1 . TYR B 1 23 ? -3.126  -3.914  14.030  1.00 8.23  ? 23  TYR B CD1 1 
ATOM   577  C CD2 . TYR B 1 23 ? -3.600  -5.927  15.175  1.00 8.03  ? 23  TYR B CD2 1 
ATOM   578  C CE1 . TYR B 1 23 ? -3.224  -3.227  15.266  1.00 8.22  ? 23  TYR B CE1 1 
ATOM   579  C CE2 . TYR B 1 23 ? -3.789  -5.262  16.369  1.00 8.29  ? 23  TYR B CE2 1 
ATOM   580  C CZ  . TYR B 1 23 ? -3.612  -3.921  16.405  1.00 8.39  ? 23  TYR B CZ  1 
ATOM   581  O OH  . TYR B 1 23 ? -3.686  -3.263  17.655  1.00 9.68  ? 23  TYR B OH  1 
ATOM   582  N N   . ASN B 1 24 ? -0.014  -6.300  14.267  1.00 6.33  ? 24  ASN B N   1 
ATOM   583  C CA  . ASN B 1 24 ? 0.742   -6.889  15.378  1.00 6.61  ? 24  ASN B CA  1 
ATOM   584  C C   . ASN B 1 24 ? 0.134   -6.336  16.695  1.00 6.91  ? 24  ASN B C   1 
ATOM   585  O O   . ASN B 1 24 ? 0.409   -5.209  17.109  1.00 8.01  ? 24  ASN B O   1 
ATOM   586  C CB  . ASN B 1 24 ? 2.171   -6.485  15.288  1.00 6.67  ? 24  ASN B CB  1 
ATOM   587  C CG  . ASN B 1 24 ? 2.997   -7.132  16.384  1.00 8.10  ? 24  ASN B CG  1 
ATOM   588  O OD1 . ASN B 1 24 ? 2.468   -7.642  17.355  1.00 8.51  ? 24  ASN B OD1 1 
ATOM   589  N ND2 . ASN B 1 24 ? 4.289   -7.080  16.237  1.00 9.41  ? 24  ASN B ND2 1 
ATOM   590  N N   . ALA B 1 25 ? -0.692  -7.160  17.327  1.00 7.20  ? 25  ALA B N   1 
ATOM   591  C CA  . ALA B 1 25 ? -1.339  -6.696  18.555  1.00 8.17  ? 25  ALA B CA  1 
ATOM   592  C C   . ALA B 1 25 ? -0.388  -6.333  19.683  1.00 8.06  ? 25  ALA B C   1 
ATOM   593  O O   . ALA B 1 25 ? -0.720  -5.469  20.528  1.00 8.68  ? 25  ALA B O   1 
ATOM   594  C CB  . ALA B 1 25 ? -2.370  -7.710  19.011  1.00 8.01  ? 25  ALA B CB  1 
ATOM   595  N N   . ALA B 1 26 ? 0.742   -7.018  19.748  1.00 8.11  ? 26  ALA B N   1 
ATOM   596  C CA  . ALA B 1 26 ? 1.687   -6.788  20.805  1.00 8.59  ? 26  ALA B CA  1 
ATOM   597  C C   . ALA B 1 26 ? 2.258   -5.402  20.660  1.00 8.00  ? 26  ALA B C   1 
ATOM   598  O O   . ALA B 1 26 ? 2.542   -4.765  21.664  1.00 9.62  ? 26  ALA B O   1 
ATOM   599  C CB  . ALA B 1 26 ? 2.814   -7.841  20.668  1.00 8.78  ? 26  ALA B CB  1 
ATOM   600  N N   . ALA B 1 27 ? 2.435   -4.915  19.431  1.00 7.75  ? 27  ALA B N   1 
ATOM   601  C CA  . ALA B 1 27 ? 2.979   -3.575  19.197  1.00 7.67  ? 27  ALA B CA  1 
ATOM   602  C C   . ALA B 1 27 ? 1.875   -2.488  19.048  1.00 9.21  ? 27  ALA B C   1 
ATOM   603  O O   . ALA B 1 27 ? 2.190   -1.294  19.075  1.00 9.52  ? 27  ALA B O   1 
ATOM   604  C CB  . ALA B 1 27 ? 3.882   -3.576  17.992  1.00 8.70  ? 27  ALA B CB  1 
ATOM   605  N N   . GLY B 1 28 ? 0.625   -2.910  18.811  1.00 8.18  ? 28  GLY B N   1 
ATOM   606  C CA  . GLY B 1 28 ? -0.501  -2.030  18.526  1.00 9.20  ? 28  GLY B CA  1 
ATOM   607  C C   . GLY B 1 28 ? -0.269  -1.279  17.241  1.00 9.16  ? 28  GLY B C   1 
ATOM   608  O O   . GLY B 1 28 ? -0.617  -0.091  17.098  1.00 10.48 ? 28  GLY B O   1 
ATOM   609  N N   . ALA B 1 29 ? 0.251   -1.998  16.251  1.00 9.13  ? 29  ALA B N   1 
ATOM   610  C CA  . ALA B 1 29 ? 0.598   -1.338  14.981  1.00 9.12  ? 29  ALA B CA  1 
ATOM   611  C C   . ALA B 1 29 ? 0.580   -2.352  13.849  1.00 8.18  ? 29  ALA B C   1 
ATOM   612  O O   . ALA B 1 29 ? 0.799   -3.545  14.048  1.00 8.22  ? 29  ALA B O   1 
ATOM   613  C CB  . ALA B 1 29 ? 1.954   -0.729  15.087  1.00 10.72 ? 29  ALA B CB  1 
ATOM   614  N N   . ALA B 1 30 ? 0.454   -1.819  12.631  1.00 7.78  ? 30  ALA B N   1 
ATOM   615  C CA  . ALA B 1 30 ? 0.668   -2.602  11.434  1.00 7.85  ? 30  ALA B CA  1 
ATOM   616  C C   . ALA B 1 30 ? 2.163   -2.683  11.140  1.00 7.72  ? 30  ALA B C   1 
ATOM   617  O O   . ALA B 1 30 ? 2.891   -1.698  11.366  1.00 9.52  ? 30  ALA B O   1 
ATOM   618  C CB  . ALA B 1 30 ? -0.054  -1.954  10.260  1.00 8.39  ? 30  ALA B CB  1 
ATOM   619  N N   . GLN B 1 31 ? 2.637   -3.840  10.647  1.00 7.08  ? 31  GLN B N   1 
ATOM   620  C CA  A GLN B 1 31 ? 4.053   -4.033  10.371  0.50 7.08  ? 31  GLN B CA  1 
ATOM   621  C CA  B GLN B 1 31 ? 4.043   -4.180  10.485  0.50 7.06  ? 31  GLN B CA  1 
ATOM   622  C C   . GLN B 1 31 ? 4.240   -4.884  9.151   1.00 6.47  ? 31  GLN B C   1 
ATOM   623  O O   . GLN B 1 31 ? 3.427   -5.724  8.825   1.00 6.52  ? 31  GLN B O   1 
ATOM   624  C CB  A GLN B 1 31 ? 4.806   -4.677  11.546  0.50 7.58  ? 31  GLN B CB  1 
ATOM   625  C CB  B GLN B 1 31 ? 4.418   -5.160  11.632  0.50 7.45  ? 31  GLN B CB  1 
ATOM   626  C CG  A GLN B 1 31 ? 4.667   -3.953  12.846  0.50 7.99  ? 31  GLN B CG  1 
ATOM   627  C CG  B GLN B 1 31 ? 5.855   -5.645  11.705  0.50 7.70  ? 31  GLN B CG  1 
ATOM   628  C CD  A GLN B 1 31 ? 5.345   -4.705  13.988  0.50 8.92  ? 31  GLN B CD  1 
ATOM   629  C CD  B GLN B 1 31 ? 6.210   -6.179  13.102  0.50 7.84  ? 31  GLN B CD  1 
ATOM   630  O OE1 A GLN B 1 31 ? 5.317   -5.944  14.035  0.50 10.16 ? 31  GLN B OE1 1 
ATOM   631  O OE1 B GLN B 1 31 ? 5.712   -5.591  14.084  0.50 9.23  ? 31  GLN B OE1 1 
ATOM   632  N NE2 A GLN B 1 31 ? 5.879   -3.945  14.958  0.50 9.99  ? 31  GLN B NE2 1 
ATOM   633  N NE2 B GLN B 1 31 ? 7.036   -7.290  13.216  0.50 6.88  ? 31  GLN B NE2 1 
ATOM   634  N N   . ALA B 1 32 ? 5.309   -4.551  8.418   1.00 6.19  ? 32  ALA B N   1 
ATOM   635  C CA  . ALA B 1 32 ? 5.645   -5.280  7.195   1.00 5.77  ? 32  ALA B CA  1 
ATOM   636  C C   . ALA B 1 32 ? 6.188   -6.652  7.494   1.00 5.98  ? 32  ALA B C   1 
ATOM   637  O O   . ALA B 1 32 ? 6.903   -6.866  8.523   1.00 6.49  ? 32  ALA B O   1 
ATOM   638  C CB  . ALA B 1 32 ? 6.698   -4.486  6.449   1.00 6.14  ? 32  ALA B CB  1 
ATOM   639  N N   . PHE B 1 33 ? 5.870   -7.576  6.601   1.00 5.90  ? 33  PHE B N   1 
ATOM   640  C CA  . PHE B 1 33 ? 6.455   -8.906  6.590   1.00 5.65  ? 33  PHE B CA  1 
ATOM   641  C C   . PHE B 1 33 ? 6.566   -9.383  5.153   1.00 5.78  ? 33  PHE B C   1 
ATOM   642  O O   . PHE B 1 33 ? 5.958   -8.796  4.242   1.00 6.33  ? 33  PHE B O   1 
ATOM   643  C CB  . PHE B 1 33 ? 5.639   -9.875  7.466   1.00 5.96  ? 33  PHE B CB  1 
ATOM   644  C CG  . PHE B 1 33 ? 4.393   -10.415 6.859   1.00 6.07  ? 33  PHE B CG  1 
ATOM   645  C CD1 . PHE B 1 33 ? 3.258   -9.590  6.796   1.00 6.21  ? 33  PHE B CD1 1 
ATOM   646  C CD2 . PHE B 1 33 ? 4.264   -11.744 6.369   1.00 6.00  ? 33  PHE B CD2 1 
ATOM   647  C CE1 . PHE B 1 33 ? 2.068   -10.057 6.305   1.00 6.57  ? 33  PHE B CE1 1 
ATOM   648  C CE2 . PHE B 1 33 ? 3.069   -12.193 5.857   1.00 6.22  ? 33  PHE B CE2 1 
ATOM   649  C CZ  . PHE B 1 33 ? 1.984   -11.371 5.808   1.00 6.21  ? 33  PHE B CZ  1 
ATOM   650  N N   . VAL B 1 34 ? 7.359   -10.414 4.911   1.00 5.26  ? 34  VAL B N   1 
ATOM   651  C CA  . VAL B 1 34 ? 7.470   -11.001 3.577   1.00 5.70  ? 34  VAL B CA  1 
ATOM   652  C C   . VAL B 1 34 ? 6.534   -12.157 3.405   1.00 5.58  ? 34  VAL B C   1 
ATOM   653  O O   . VAL B 1 34 ? 6.516   -13.110 4.197   1.00 6.13  ? 34  VAL B O   1 
ATOM   654  C CB  . VAL B 1 34 ? 8.884   -11.465 3.277   1.00 6.55  ? 34  VAL B CB  1 
ATOM   655  C CG1 . VAL B 1 34 ? 8.947   -12.094 1.898   1.00 7.50  ? 34  VAL B CG1 1 
ATOM   656  C CG2 . VAL B 1 34 ? 9.899   -10.367 3.361   1.00 7.36  ? 34  VAL B CG2 1 
ATOM   657  N N   . TYR B 1 35 ? 5.704   -12.063 2.357   1.00 5.65  ? 35  TYR B N   1 
ATOM   658  C CA  . TYR B 1 35 ? 4.737   -13.081 2.022   1.00 6.33  ? 35  TYR B CA  1 
ATOM   659  C C   . TYR B 1 35 ? 5.225   -13.778 0.740   1.00 6.55  ? 35  TYR B C   1 
ATOM   660  O O   . TYR B 1 35 ? 5.654   -13.119 -0.196  1.00 6.36  ? 35  TYR B O   1 
ATOM   661  C CB  . TYR B 1 35 ? 3.357   -12.406 1.842   1.00 6.21  ? 35  TYR B CB  1 
ATOM   662  C CG  . TYR B 1 35 ? 2.281   -13.267 1.228   1.00 6.52  ? 35  TYR B CG  1 
ATOM   663  C CD1 . TYR B 1 35 ? 1.906   -14.511 1.775   1.00 6.86  ? 35  TYR B CD1 1 
ATOM   664  C CD2 . TYR B 1 35 ? 1.628   -12.824 0.095   1.00 6.88  ? 35  TYR B CD2 1 
ATOM   665  C CE1 . TYR B 1 35 ? 0.906   -15.244 1.200   1.00 6.91  ? 35  TYR B CE1 1 
ATOM   666  C CE2 . TYR B 1 35 ? 0.590   -13.534 -0.443  1.00 6.90  ? 35  TYR B CE2 1 
ATOM   667  C CZ  . TYR B 1 35 ? 0.268   -14.772 0.095   1.00 6.62  ? 35  TYR B CZ  1 
ATOM   668  O OH  . TYR B 1 35 ? -0.758  -15.546 -0.506  1.00 8.24  ? 35  TYR B OH  1 
ATOM   669  N N   . GLY B 1 36 ? 4.992   -15.077 0.660   1.00 6.68  ? 36  GLY B N   1 
ATOM   670  C CA  . GLY B 1 36 ? 5.471   -15.837 -0.485  1.00 7.70  ? 36  GLY B CA  1 
ATOM   671  C C   . GLY B 1 36 ? 4.592   -15.861 -1.712  1.00 8.22  ? 36  GLY B C   1 
ATOM   672  O O   . GLY B 1 36 ? 4.989   -16.419 -2.764  1.00 8.88  ? 36  GLY B O   1 
ATOM   673  N N   . GLY B 1 37 ? 3.399   -15.304 -1.590  1.00 8.03  ? 37  GLY B N   1 
ATOM   674  C CA  . GLY B 1 37 ? 2.456   -15.242 -2.720  1.00 8.57  ? 37  GLY B CA  1 
ATOM   675  C C   . GLY B 1 37 ? 1.387   -16.299 -2.783  1.00 8.86  ? 37  GLY B C   1 
ATOM   676  O O   . GLY B 1 37 ? 0.537   -16.239 -3.665  1.00 11.56 ? 37  GLY B O   1 
ATOM   677  N N   . VAL B 1 38 ? 1.463   -17.273 -1.890  1.00 7.97  ? 38  VAL B N   1 
ATOM   678  C CA  . VAL B 1 38 ? 0.530   -18.426 -1.856  1.00 9.79  ? 38  VAL B CA  1 
ATOM   679  C C   . VAL B 1 38 ? -0.050  -18.629 -0.475  1.00 9.91  ? 38  VAL B C   1 
ATOM   680  O O   . VAL B 1 38 ? 0.650   -18.572 0.536   1.00 8.88  ? 38  VAL B O   1 
ATOM   681  C CB  . VAL B 1 38 ? 1.260   -19.694 -2.340  1.00 10.94 ? 38  VAL B CB  1 
ATOM   682  C CG1 . VAL B 1 38 ? 0.355   -20.934 -2.251  1.00 11.23 ? 38  VAL B CG1 1 
ATOM   683  C CG2 . VAL B 1 38 ? 1.730   -19.415 -3.753  1.00 11.46 ? 38  VAL B CG2 1 
ATOM   684  N N   . ALA B 1 39 ? -1.354  -18.901 -0.432  1.00 9.82  ? 39  ALA B N   1 
ATOM   685  C CA  . ALA B 1 39 ? -2.039  -19.362 0.775   1.00 10.53 ? 39  ALA B CA  1 
ATOM   686  C C   . ALA B 1 39 ? -2.107  -18.332 1.917   1.00 10.35 ? 39  ALA B C   1 
ATOM   687  O O   . ALA B 1 39 ? -2.000  -18.700 3.107   1.00 10.77 ? 39  ALA B O   1 
ATOM   688  C CB  . ALA B 1 39 ? -1.491  -20.678 1.286   1.00 11.66 ? 39  ALA B CB  1 
ATOM   689  N N   . ALA B 1 40 ? -2.265  -17.090 1.519   1.00 9.99  ? 40  ALA B N   1 
ATOM   690  C CA  . ALA B 1 40 ? -2.469  -15.994 2.507   1.00 9.53  ? 40  ALA B CA  1 
ATOM   691  C C   . ALA B 1 40 ? -3.538  -16.363 3.536   1.00 10.43 ? 40  ALA B C   1 
ATOM   692  O O   . ALA B 1 40 ? -4.614  -16.871 3.182   1.00 10.36 ? 40  ALA B O   1 
ATOM   693  C CB  . ALA B 1 40 ? -2.892  -14.734 1.854   1.00 9.88  ? 40  ALA B CB  1 
ATOM   694  N N   . LYS B 1 41 ? -3.243  -16.055 4.814   1.00 9.52  ? 41  LYS B N   1 
ATOM   695  C CA  . LYS B 1 41 ? -4.237  -15.980 5.869   1.00 9.78  ? 41  LYS B CA  1 
ATOM   696  C C   . LYS B 1 41 ? -4.811  -14.526 5.912   1.00 9.25  ? 41  LYS B C   1 
ATOM   697  O O   . LYS B 1 41 ? -4.465  -13.664 5.080   1.00 8.56  ? 41  LYS B O   1 
ATOM   698  C CB  . LYS B 1 41 ? -3.645  -16.429 7.168   1.00 10.79 ? 41  LYS B CB  1 
ATOM   699  C CG  . LYS B 1 41 ? -3.210  -17.891 7.070   1.00 12.65 ? 41  LYS B CG  1 
ATOM   700  C CD  . LYS B 1 41 ? -2.781  -18.354 8.407   1.00 15.07 ? 41  LYS B CD  1 
ATOM   701  C CE  . LYS B 1 41 ? -2.210  -19.734 8.333   1.00 18.13 ? 41  LYS B CE  1 
ATOM   702  N NZ  . LYS B 1 41 ? -3.124  -20.729 7.746   1.00 21.72 ? 41  LYS B NZ  1 
ATOM   703  N N   . ARG B 1 42 ? -5.813  -14.295 6.780   1.00 9.10  ? 42  ARG B N   1 
ATOM   704  C CA  . ARG B 1 42 ? -6.503  -13.031 6.746   1.00 9.43  ? 42  ARG B CA  1 
ATOM   705  C C   . ARG B 1 42 ? -5.690  -11.858 7.280   1.00 8.55  ? 42  ARG B C   1 
ATOM   706  O O   . ARG B 1 42 ? -5.910  -10.730 6.862   1.00 8.60  ? 42  ARG B O   1 
ATOM   707  C CB  . ARG B 1 42 ? -7.890  -13.097 7.443   1.00 11.66 ? 42  ARG B CB  1 
ATOM   708  C CG  . ARG B 1 42 ? -8.899  -13.884 6.630   1.00 13.50 ? 42  ARG B CG  1 
ATOM   709  C CD  . ARG B 1 42 ? -10.162 -14.107 7.467   1.00 13.97 ? 42  ARG B CD  1 
ATOM   710  N NE  . ARG B 1 42 ? -9.968  -15.080 8.492   1.00 15.73 ? 42  ARG B NE  1 
ATOM   711  C CZ  . ARG B 1 42 ? -10.874 -15.397 9.418   1.00 18.74 ? 42  ARG B CZ  1 
ATOM   712  N NH1 . ARG B 1 42 ? -12.039 -14.792 9.446   1.00 21.08 ? 42  ARG B NH1 1 
ATOM   713  N NH2 . ARG B 1 42 ? -10.594 -16.293 10.308  1.00 20.65 ? 42  ARG B NH2 1 
ATOM   714  N N   . ASN B 1 43 ? -4.767  -12.114 8.184   1.00 7.11  ? 43  ASN B N   1 
ATOM   715  C CA  . ASN B 1 43 ? -3.916  -10.986 8.709   1.00 6.85  ? 43  ASN B CA  1 
ATOM   716  C C   . ASN B 1 43 ? -2.766  -10.763 7.743   1.00 6.49  ? 43  ASN B C   1 
ATOM   717  O O   . ASN B 1 43 ? -1.577  -11.016 8.036   1.00 6.25  ? 43  ASN B O   1 
ATOM   718  C CB  . ASN B 1 43 ? -3.386  -11.344 10.102  1.00 6.70  ? 43  ASN B CB  1 
ATOM   719  C CG  . ASN B 1 43 ? -2.892  -10.117 10.873  1.00 7.08  ? 43  ASN B CG  1 
ATOM   720  O OD1 . ASN B 1 43 ? -3.037  -9.004  10.386  1.00 6.39  ? 43  ASN B OD1 1 
ATOM   721  N ND2 . ASN B 1 43 ? -2.336  -10.320 12.046  1.00 7.43  ? 43  ASN B ND2 1 
ATOM   722  N N   . ASN B 1 44 ? -3.129  -10.226 6.594   1.00 6.30  ? 44  ASN B N   1 
ATOM   723  C CA  . ASN B 1 44 ? -2.228  -10.059 5.459   1.00 6.29  ? 44  ASN B CA  1 
ATOM   724  C C   . ASN B 1 44 ? -2.856  -9.079  4.466   1.00 6.41  ? 44  ASN B C   1 
ATOM   725  O O   . ASN B 1 44 ? -3.886  -9.366  3.850   1.00 7.36  ? 44  ASN B O   1 
ATOM   726  C CB  . ASN B 1 44 ? -1.990  -11.454 4.790   1.00 6.29  ? 44  ASN B CB  1 
ATOM   727  C CG  . ASN B 1 44 ? -1.141  -11.388 3.543   1.00 6.86  ? 44  ASN B CG  1 
ATOM   728  O OD1 . ASN B 1 44 ? -1.059  -10.363 2.860   1.00 7.74  ? 44  ASN B OD1 1 
ATOM   729  N ND2 . ASN B 1 44 ? -0.494  -12.503 3.210   1.00 7.03  ? 44  ASN B ND2 1 
ATOM   730  N N   . PHE B 1 45 ? -2.232  -7.896  4.424   1.00 5.92  ? 45  PHE B N   1 
ATOM   731  C CA  . PHE B 1 45 ? -2.733  -6.779  3.729   1.00 5.99  ? 45  PHE B CA  1 
ATOM   732  C C   . PHE B 1 45 ? -1.742  -6.139  2.819   1.00 5.67  ? 45  PHE B C   1 
ATOM   733  O O   . PHE B 1 45 ? -0.537  -6.213  3.062   1.00 5.92  ? 45  PHE B O   1 
ATOM   734  C CB  . PHE B 1 45 ? -3.209  -5.747  4.776   1.00 6.76  ? 45  PHE B CB  1 
ATOM   735  C CG  . PHE B 1 45 ? -4.254  -6.274  5.714   1.00 7.58  ? 45  PHE B CG  1 
ATOM   736  C CD1 . PHE B 1 45 ? -5.602  -6.160  5.390   1.00 8.74  ? 45  PHE B CD1 1 
ATOM   737  C CD2 . PHE B 1 45 ? -3.914  -6.840  6.926   1.00 7.90  ? 45  PHE B CD2 1 
ATOM   738  C CE1 . PHE B 1 45 ? -6.634  -6.624  6.237   1.00 9.76  ? 45  PHE B CE1 1 
ATOM   739  C CE2 . PHE B 1 45 ? -4.924  -7.274  7.807   1.00 8.88  ? 45  PHE B CE2 1 
ATOM   740  C CZ  . PHE B 1 45 ? -6.286  -7.206  7.457   1.00 9.18  ? 45  PHE B CZ  1 
ATOM   741  N N   . ALA B 1 46 ? -2.238  -5.394  1.819   1.00 5.96  ? 46  ALA B N   1 
ATOM   742  C CA  . ALA B 1 46 ? -1.354  -4.685  0.901   1.00 6.30  ? 46  ALA B CA  1 
ATOM   743  C C   . ALA B 1 46 ? -0.659  -3.505  1.490   1.00 6.69  ? 46  ALA B C   1 
ATOM   744  O O   . ALA B 1 46 ? 0.418   -3.039  0.990   1.00 8.00  ? 46  ALA B O   1 
ATOM   745  C CB  . ALA B 1 46 ? -2.126  -4.264  -0.352  1.00 6.14  ? 46  ALA B CB  1 
ATOM   746  N N   . SER B 1 47 ? -1.262  -2.914  2.544   1.00 6.32  ? 47  SER B N   1 
ATOM   747  C CA  . SER B 1 47 ? -0.739  -1.687  3.139   1.00 6.70  ? 47  SER B CA  1 
ATOM   748  C C   . SER B 1 47 ? -1.046  -1.591  4.605   1.00 6.61  ? 47  SER B C   1 
ATOM   749  O O   . SER B 1 47 ? -1.929  -2.295  5.107   1.00 6.34  ? 47  SER B O   1 
ATOM   750  C CB  . SER B 1 47 ? -1.370  -0.476  2.463   1.00 6.60  ? 47  SER B CB  1 
ATOM   751  O OG  . SER B 1 47 ? -2.713  -0.416  2.849   1.00 6.99  ? 47  SER B OG  1 
ATOM   752  N N   . ALA B 1 48 ? -0.294  -0.752  5.315   1.00 6.47  ? 48  ALA B N   1 
ATOM   753  C CA  . ALA B 1 48 ? -0.514  -0.487  6.756   1.00 7.62  ? 48  ALA B CA  1 
ATOM   754  C C   . ALA B 1 48 ? -1.913  0.050   6.975   1.00 7.03  ? 48  ALA B C   1 
ATOM   755  O O   . ALA B 1 48 ? -2.631  -0.411  7.833   1.00 7.49  ? 48  ALA B O   1 
ATOM   756  C CB  . ALA B 1 48 ? 0.508   0.458   7.301   1.00 7.42  ? 48  ALA B CB  1 
ATOM   757  N N   . ALA B 1 49 ? -2.321  0.932   6.062   1.00 7.91  ? 49  ALA B N   1 
ATOM   758  C CA  . ALA B 1 49 ? -3.680  1.549   6.133   1.00 8.48  ? 49  ALA B CA  1 
ATOM   759  C C   . ALA B 1 49 ? -4.767  0.459   6.049   1.00 7.72  ? 49  ALA B C   1 
ATOM   760  O O   . ALA B 1 49 ? -5.717  0.424   6.848   1.00 8.39  ? 49  ALA B O   1 
ATOM   761  C CB  . ALA B 1 49 ? -3.863  2.585   5.028   1.00 8.94  ? 49  ALA B CB  1 
ATOM   762  N N   . ASP B 1 50 ? -4.626  -0.486  5.127   1.00 6.70  ? 50  ASP B N   1 
ATOM   763  C CA  . ASP B 1 50 ? -5.642  -1.515  5.035   1.00 7.03  ? 50  ASP B CA  1 
ATOM   764  C C   . ASP B 1 50 ? -5.665  -2.394  6.288   1.00 7.17  ? 50  ASP B C   1 
ATOM   765  O O   . ASP B 1 50 ? -6.723  -2.838  6.741   1.00 7.75  ? 50  ASP B O   1 
ATOM   766  C CB  . ASP B 1 50 ? -5.318  -2.389  3.804   1.00 6.78  ? 50  ASP B CB  1 
ATOM   767  C CG  . ASP B 1 50 ? -5.619  -1.703  2.447   1.00 8.20  ? 50  ASP B CG  1 
ATOM   768  O OD1 . ASP B 1 50 ? -5.946  -0.497  2.339   1.00 8.76  ? 50  ASP B OD1 1 
ATOM   769  O OD2 . ASP B 1 50 ? -5.448  -2.427  1.402   1.00 8.08  ? 50  ASP B OD2 1 
ATOM   770  N N   . ALA B 1 51 ? -4.497  -2.677  6.869   1.00 7.49  ? 51  ALA B N   1 
ATOM   771  C CA  . ALA B 1 51 ? -4.413  -3.494  8.034   1.00 7.70  ? 51  ALA B CA  1 
ATOM   772  C C   . ALA B 1 51 ? -5.063  -2.807  9.215   1.00 7.89  ? 51  ALA B C   1 
ATOM   773  O O   . ALA B 1 51 ? -5.794  -3.452  9.980   1.00 8.56  ? 51  ALA B O   1 
ATOM   774  C CB  . ALA B 1 51 ? -2.946  -3.869  8.329   1.00 8.05  ? 51  ALA B CB  1 
ATOM   775  N N   . LEU B 1 52 ? -4.805  -1.534  9.385   1.00 8.61  ? 52  LEU B N   1 
ATOM   776  C CA  . LEU B 1 52 ? -5.418  -0.849  10.523  1.00 9.72  ? 52  LEU B CA  1 
ATOM   777  C C   . LEU B 1 52 ? -6.937  -0.735  10.406  1.00 10.82 ? 52  LEU B C   1 
ATOM   778  O O   . LEU B 1 52 ? -7.702  -0.822  11.357  1.00 11.38 ? 52  LEU B O   1 
ATOM   779  C CB  . LEU B 1 52 ? -4.815  0.534   10.648  1.00 10.27 ? 52  LEU B CB  1 
ATOM   780  C CG  . LEU B 1 52 ? -3.369  0.570   11.041  1.00 10.19 ? 52  LEU B CG  1 
ATOM   781  C CD1 . LEU B 1 52 ? -2.763  1.953   10.954  1.00 12.30 ? 52  LEU B CD1 1 
ATOM   782  C CD2 . LEU B 1 52 ? -3.152  -0.087  12.379  1.00 10.53 ? 52  LEU B CD2 1 
ATOM   783  N N   . ALA B 1 53 ? -7.409  -0.553  9.173   1.00 10.58 ? 53  ALA B N   1 
ATOM   784  C CA  . ALA B 1 53 ? -8.821  -0.442  9.000   1.00 11.18 ? 53  ALA B CA  1 
ATOM   785  C C   . ALA B 1 53 ? -9.538  -1.687  9.323   1.00 12.19 ? 53  ALA B C   1 
ATOM   786  O O   . ALA B 1 53 ? -10.674 -1.629  9.792   1.00 15.23 ? 53  ALA B O   1 
ATOM   787  C CB  . ALA B 1 53 ? -9.122  -0.019  7.594   1.00 12.42 ? 53  ALA B CB  1 
ATOM   788  N N   . ALA B 1 54 ? -8.919  -2.827  9.052   1.00 10.40 ? 54  ALA B N   1 
ATOM   789  C CA  . ALA B 1 54 ? -9.539  -4.097  9.313   1.00 10.89 ? 54  ALA B CA  1 
ATOM   790  C C   . ALA B 1 54 ? -9.372  -4.497  10.738  1.00 10.82 ? 54  ALA B C   1 
ATOM   791  O O   . ALA B 1 54 ? -10.244 -5.106  11.267  1.00 13.62 ? 54  ALA B O   1 
ATOM   792  C CB  . ALA B 1 54 ? -8.935  -5.176  8.405   1.00 11.15 ? 54  ALA B CB  1 
ATOM   793  N N   . CYS B 1 55 ? -8.248  -4.214  11.342  1.00 9.34  ? 55  CYS B N   1 
ATOM   794  C CA  . CYS B 1 55 ? -7.867  -4.806  12.618  1.00 9.48  ? 55  CYS B CA  1 
ATOM   795  C C   . CYS B 1 55 ? -7.798  -3.887  13.851  1.00 10.87 ? 55  CYS B C   1 
ATOM   796  O O   . CYS B 1 55 ? -7.749  -4.389  14.978  1.00 11.35 ? 55  CYS B O   1 
ATOM   797  C CB  . CYS B 1 55 ? -6.516  -5.506  12.505  1.00 9.76  ? 55  CYS B CB  1 
ATOM   798  S SG  . CYS B 1 55 ? -6.640  -7.100  11.569  1.00 11.87 ? 55  CYS B SG  1 
ATOM   799  N N   . ALA B 1 56 ? -7.746  -2.573  13.633  1.00 10.14 ? 56  ALA B N   1 
ATOM   800  C CA  . ALA B 1 56 ? -7.653  -1.608  14.738  1.00 11.91 ? 56  ALA B CA  1 
ATOM   801  C C   . ALA B 1 56 ? -8.971  -0.993  14.843  1.00 15.94 ? 56  ALA B C   1 
ATOM   802  O O   . ALA B 1 56 ? -9.159  0.242   14.677  1.00 14.92 ? 56  ALA B O   1 
ATOM   803  C CB  . ALA B 1 56 ? -6.540  -0.622  14.550  1.00 11.01 ? 56  ALA B CB  1 
ATOM   804  N N   . ALA B 1 57 ? -9.864  -1.902  15.269  1.00 17.47 ? 57  ALA B N   1 
ATOM   805  C CA  . ALA B 1 57 ? -11.275 -1.658  15.290  1.00 23.57 ? 57  ALA B CA  1 
ATOM   806  C C   . ALA B 1 57 ? -11.858 -2.795  16.132  1.00 22.97 ? 57  ALA B C   1 
ATOM   807  O O   . ALA B 1 57 ? -11.140 -3.754  16.444  1.00 20.83 ? 57  ALA B O   1 
ATOM   808  C CB  . ALA B 1 57 ? -11.833 -1.617  13.870  1.00 26.92 ? 57  ALA B CB  1 
ATOM   809  N N   . ALA B 1 58 ? -13.134 -2.632  16.500  1.00 26.65 ? 58  ALA B N   1 
ATOM   810  C CA  . ALA B 1 58 ? -13.905 -3.493  17.415  1.00 28.84 ? 58  ALA B CA  1 
ATOM   811  C C   . ALA B 1 58 ? -15.030 -2.630  18.035  1.00 32.10 ? 58  ALA B C   1 
ATOM   812  O O   . ALA B 1 58 ? -15.327 -2.492  19.271  1.00 35.90 ? 58  ALA B O   1 
ATOM   813  C CB  . ALA B 1 58 ? -13.023 -4.151  18.482  1.00 31.15 ? 58  ALA B CB  1 
ATOM   814  O OXT . ALA B 1 58 ? -15.669 -1.957  17.204  1.00 45.69 ? 58  ALA B OXT 1 
ATOM   815  N N   . ARG C 1 1  ? 4.022   22.268  -0.388  1.00 28.88 ? 1   ARG C N   1 
ATOM   816  C CA  . ARG C 1 1  ? 4.741   21.224  0.381   1.00 28.05 ? 1   ARG C CA  1 
ATOM   817  C C   . ARG C 1 1  ? 6.226   21.363  0.133   1.00 25.40 ? 1   ARG C C   1 
ATOM   818  O O   . ARG C 1 1  ? 6.639   22.051  -0.819  1.00 26.66 ? 1   ARG C O   1 
ATOM   819  C CB  . ARG C 1 1  ? 4.282   19.842  -0.049  1.00 27.63 ? 1   ARG C CB  1 
ATOM   820  C CG  . ARG C 1 1  ? 2.870   19.545  0.368   1.00 31.77 ? 1   ARG C CG  1 
ATOM   821  C CD  . ARG C 1 1  ? 2.770   19.479  1.878   1.00 34.37 ? 1   ARG C CD  1 
ATOM   822  N NE  . ARG C 1 1  ? 1.620   18.667  2.181   1.00 38.90 ? 1   ARG C NE  1 
ATOM   823  C CZ  . ARG C 1 1  ? 1.332   18.203  3.378   1.00 40.01 ? 1   ARG C CZ  1 
ATOM   824  N NH1 . ARG C 1 1  ? 2.106   18.510  4.432   1.00 36.21 ? 1   ARG C NH1 1 
ATOM   825  N NH2 . ARG C 1 1  ? 0.252   17.444  3.513   1.00 43.49 ? 1   ARG C NH2 1 
ATOM   826  N N   . PRO C 1 2  ? 7.048   20.705  0.983   1.00 23.21 ? 2   PRO C N   1 
ATOM   827  C CA  . PRO C 1 2  ? 8.471   20.884  0.817   1.00 24.41 ? 2   PRO C CA  1 
ATOM   828  C C   . PRO C 1 2  ? 8.967   20.440  -0.563  1.00 21.08 ? 2   PRO C C   1 
ATOM   829  O O   . PRO C 1 2  ? 8.498   19.439  -1.194  1.00 20.11 ? 2   PRO C O   1 
ATOM   830  C CB  . PRO C 1 2  ? 9.048   20.010  1.926   1.00 23.91 ? 2   PRO C CB  1 
ATOM   831  C CG  . PRO C 1 2  ? 8.023   20.060  3.002   1.00 25.58 ? 2   PRO C CG  1 
ATOM   832  C CD  . PRO C 1 2  ? 6.739   19.981  2.223   1.00 24.62 ? 2   PRO C CD  1 
ATOM   833  N N   . ALA C 1 3  ? 9.907   21.200  -1.075  1.00 22.41 ? 3   ALA C N   1 
ATOM   834  C CA  . ALA C 1 3  ? 10.562  20.865  -2.340  1.00 19.81 ? 3   ALA C CA  1 
ATOM   835  C C   . ALA C 1 3  ? 11.129  19.402  -2.426  1.00 18.27 ? 3   ALA C C   1 
ATOM   836  O O   . ALA C 1 3  ? 11.157  18.743  -3.480  1.00 17.73 ? 3   ALA C O   1 
ATOM   837  C CB  . ALA C 1 3  ? 11.715  21.853  -2.561  1.00 22.59 ? 3   ALA C CB  1 
ATOM   838  N N   . PHE C 1 4  ? 11.574  18.920  -1.289  1.00 18.32 ? 4   PHE C N   1 
ATOM   839  C CA  . PHE C 1 4  ? 12.255  17.610  -1.339  1.00 17.82 ? 4   PHE C CA  1 
ATOM   840  C C   . PHE C 1 4  ? 11.299  16.459  -1.679  1.00 16.14 ? 4   PHE C C   1 
ATOM   841  O O   . PHE C 1 4  ? 11.749  15.375  -2.024  1.00 15.29 ? 4   PHE C O   1 
ATOM   842  C CB  . PHE C 1 4  ? 12.954  17.359  -0.025  1.00 17.59 ? 4   PHE C CB  1 
ATOM   843  C CG  . PHE C 1 4  ? 12.052  17.136  1.134   1.00 19.30 ? 4   PHE C CG  1 
ATOM   844  C CD1 . PHE C 1 4  ? 11.366  15.960  1.268   1.00 19.32 ? 4   PHE C CD1 1 
ATOM   845  C CD2 . PHE C 1 4  ? 11.964  18.041  2.172   1.00 20.24 ? 4   PHE C CD2 1 
ATOM   846  C CE1 . PHE C 1 4  ? 10.582  15.711  2.357   1.00 19.32 ? 4   PHE C CE1 1 
ATOM   847  C CE2 . PHE C 1 4  ? 11.170  17.797  3.273   1.00 21.26 ? 4   PHE C CE2 1 
ATOM   848  C CZ  . PHE C 1 4  ? 10.435  16.646  3.363   1.00 21.49 ? 4   PHE C CZ  1 
ATOM   849  N N   . CYS C 1 5  ? 10.004  16.742  -1.580  1.00 14.47 ? 5   CYS C N   1 
ATOM   850  C CA  . CYS C 1 5  ? 8.932   15.754  -1.870  1.00 13.91 ? 5   CYS C CA  1 
ATOM   851  C C   . CYS C 1 5  ? 8.900   15.328  -3.327  1.00 12.85 ? 5   CYS C C   1 
ATOM   852  O O   . CYS C 1 5  ? 8.287   14.345  -3.694  1.00 11.87 ? 5   CYS C O   1 
ATOM   853  C CB  . CYS C 1 5  ? 7.571   16.348  -1.504  1.00 14.39 ? 5   CYS C CB  1 
ATOM   854  S SG  . CYS C 1 5  ? 7.377   16.713  0.235   1.00 14.61 ? 5   CYS C SG  1 
ATOM   855  N N   . LEU C 1 6  ? 9.568   16.117  -4.178  1.00 12.78 ? 6   LEU C N   1 
ATOM   856  C CA  . LEU C 1 6  ? 9.579   15.874  -5.554  1.00 13.57 ? 6   LEU C CA  1 
ATOM   857  C C   . LEU C 1 6  ? 10.879  15.202  -6.048  1.00 14.43 ? 6   LEU C C   1 
ATOM   858  O O   . LEU C 1 6  ? 10.991  14.915  -7.216  1.00 14.81 ? 6   LEU C O   1 
ATOM   859  C CB  . LEU C 1 6  ? 9.355   17.228  -6.289  1.00 14.26 ? 6   LEU C CB  1 
ATOM   860  C CG  . LEU C 1 6  ? 8.082   17.989  -5.888  1.00 14.96 ? 6   LEU C CG  1 
ATOM   861  C CD1 . LEU C 1 6  ? 7.993   19.301  -6.623  1.00 17.49 ? 6   LEU C CD1 1 
ATOM   862  C CD2 . LEU C 1 6  ? 6.844   17.170  -6.119  1.00 14.48 ? 6   LEU C CD2 1 
ATOM   863  N N   . GLU C 1 7  ? 11.841  14.943  -5.131  1.00 15.02 ? 7   GLU C N   1 
ATOM   864  C CA  . GLU C 1 7  ? 13.045  14.181  -5.547  1.00 17.24 ? 7   GLU C CA  1 
ATOM   865  C C   . GLU C 1 7  ? 12.745  12.691  -5.725  1.00 16.22 ? 7   GLU C C   1 
ATOM   866  O O   . GLU C 1 7  ? 11.863  12.168  -4.993  1.00 13.92 ? 7   GLU C O   1 
ATOM   867  C CB  . GLU C 1 7  ? 14.103  14.304  -4.506  1.00 19.82 ? 7   GLU C CB  1 
ATOM   868  C CG  . GLU C 1 7  ? 14.708  15.702  -4.446  1.00 23.59 ? 7   GLU C CG  1 
ATOM   869  C CD  . GLU C 1 7  ? 15.707  16.102  -5.588  1.00 27.36 ? 7   GLU C CD  1 
ATOM   870  O OE1 . GLU C 1 7  ? 16.056  15.339  -6.519  1.00 24.91 ? 7   GLU C OE1 1 
ATOM   871  O OE2 . GLU C 1 7  ? 16.143  17.280  -5.552  1.00 33.52 ? 7   GLU C OE2 1 
ATOM   872  N N   . PRO C 1 8  ? 13.397  12.036  -6.664  1.00 14.56 ? 8   PRO C N   1 
ATOM   873  C CA  . PRO C 1 8  ? 13.317  10.611  -6.801  1.00 14.75 ? 8   PRO C CA  1 
ATOM   874  C C   . PRO C 1 8  ? 13.918  9.924   -5.522  1.00 12.49 ? 8   PRO C C   1 
ATOM   875  O O   . PRO C 1 8  ? 14.733  10.492  -4.792  1.00 13.16 ? 8   PRO C O   1 
ATOM   876  C CB  . PRO C 1 8  ? 14.168  10.265  -8.019  1.00 16.90 ? 8   PRO C CB  1 
ATOM   877  C CG  . PRO C 1 8  ? 14.922  11.546  -8.318  1.00 19.86 ? 8   PRO C CG  1 
ATOM   878  C CD  . PRO C 1 8  ? 14.280  12.692  -7.646  1.00 18.86 ? 8   PRO C CD  1 
ATOM   879  N N   . PRO C 1 9  ? 13.442  8.708   -5.237  1.00 11.40 ? 9   PRO C N   1 
ATOM   880  C CA  . PRO C 1 9  ? 13.945  8.044   -4.040  1.00 10.70 ? 9   PRO C CA  1 
ATOM   881  C C   . PRO C 1 9  ? 15.415  7.737   -4.214  1.00 9.97  ? 9   PRO C C   1 
ATOM   882  O O   . PRO C 1 9  ? 15.841  7.376   -5.303  1.00 10.72 ? 9   PRO C O   1 
ATOM   883  C CB  . PRO C 1 9  ? 13.107  6.783   -4.019  1.00 10.09 ? 9   PRO C CB  1 
ATOM   884  C CG  . PRO C 1 9  ? 12.750  6.506   -5.452  1.00 10.67 ? 9   PRO C CG  1 
ATOM   885  C CD  . PRO C 1 9  ? 12.479  7.882   -5.977  1.00 11.09 ? 9   PRO C CD  1 
ATOM   886  N N   . TYR C 1 10 ? 16.128  7.749   -3.110  1.00 9.33  ? 10  TYR C N   1 
ATOM   887  C CA  . TYR C 1 10 ? 17.605  7.661   -3.123  1.00 9.32  ? 10  TYR C CA  1 
ATOM   888  C C   . TYR C 1 10 ? 18.043  6.446   -2.293  1.00 8.55  ? 10  TYR C C   1 
ATOM   889  O O   . TYR C 1 10 ? 17.974  6.468   -1.052  1.00 9.07  ? 10  TYR C O   1 
ATOM   890  C CB  . TYR C 1 10 ? 18.210  8.910   -2.576  1.00 10.24 ? 10  TYR C CB  1 
ATOM   891  C CG  . TYR C 1 10 ? 19.745  8.938   -2.554  1.00 10.73 ? 10  TYR C CG  1 
ATOM   892  C CD1 . TYR C 1 10 ? 20.436  8.989   -3.733  1.00 13.79 ? 10  TYR C CD1 1 
ATOM   893  C CD2 . TYR C 1 10 ? 20.436  8.928   -1.328  1.00 11.37 ? 10  TYR C CD2 1 
ATOM   894  C CE1 . TYR C 1 10 ? 21.845  8.998   -3.739  1.00 14.57 ? 10  TYR C CE1 1 
ATOM   895  C CE2 . TYR C 1 10 ? 21.857  8.979   -1.336  1.00 12.94 ? 10  TYR C CE2 1 
ATOM   896  C CZ  . TYR C 1 10 ? 22.500  9.009   -2.543  1.00 14.18 ? 10  TYR C CZ  1 
ATOM   897  O OH  . TYR C 1 10 ? 23.890  9.005   -2.660  1.00 20.09 ? 10  TYR C OH  1 
ATOM   898  N N   . ALA C 1 11 ? 18.512  5.429   -3.000  1.00 8.30  ? 11  ALA C N   1 
ATOM   899  C CA  . ALA C 1 11 ? 18.961  4.198   -2.288  1.00 8.61  ? 11  ALA C CA  1 
ATOM   900  C C   . ALA C 1 11 ? 20.249  4.471   -1.538  1.00 8.78  ? 11  ALA C C   1 
ATOM   901  O O   . ALA C 1 11 ? 20.460  3.993   -0.444  1.00 8.50  ? 11  ALA C O   1 
ATOM   902  C CB  . ALA C 1 11 ? 19.188  3.072   -3.245  1.00 8.35  ? 11  ALA C CB  1 
ATOM   903  N N   . GLY C 1 12 ? 21.105  5.270   -2.144  1.00 9.50  ? 12  GLY C N   1 
ATOM   904  C CA  . GLY C 1 12 ? 22.425  5.548   -1.547  1.00 10.04 ? 12  GLY C CA  1 
ATOM   905  C C   . GLY C 1 12 ? 23.446  4.451   -1.693  1.00 9.85  ? 12  GLY C C   1 
ATOM   906  O O   . GLY C 1 12 ? 23.203  3.424   -2.316  1.00 10.72 ? 12  GLY C O   1 
ATOM   907  N N   . PRO C 1 13 ? 24.629  4.647   -1.057  1.00 10.65 ? 13  PRO C N   1 
ATOM   908  C CA  . PRO C 1 13 ? 25.735  3.683   -1.177  1.00 11.30 ? 13  PRO C CA  1 
ATOM   909  C C   . PRO C 1 13 ? 25.747  2.492   -0.228  1.00 11.74 ? 13  PRO C C   1 
ATOM   910  O O   . PRO C 1 13 ? 26.685  1.694   -0.290  1.00 13.16 ? 13  PRO C O   1 
ATOM   911  C CB  . PRO C 1 13 ? 26.935  4.552   -0.895  1.00 11.70 ? 13  PRO C CB  1 
ATOM   912  C CG  . PRO C 1 13 ? 26.483  5.562   0.020   1.00 11.61 ? 13  PRO C CG  1 
ATOM   913  C CD  . PRO C 1 13 ? 25.028  5.848   -0.343  1.00 11.00 ? 13  PRO C CD  1 
ATOM   914  N N   . GLY C 1 14 ? 24.803  2.380   0.638   1.00 9.61  ? 14  GLY C N   1 
ATOM   915  C CA  . GLY C 1 14 ? 24.816  1.305   1.632   1.00 9.56  ? 14  GLY C CA  1 
ATOM   916  C C   . GLY C 1 14 ? 24.555  -0.048  1.069   1.00 9.02  ? 14  GLY C C   1 
ATOM   917  O O   . GLY C 1 14 ? 23.934  -0.208  -0.021  1.00 9.96  ? 14  GLY C O   1 
ATOM   918  N N   . ALA C 1 15 ? 24.936  -1.069  1.865   1.00 8.40  ? 15  ALA C N   1 
ATOM   919  C CA  . ALA C 1 15 ? 24.764  -2.458  1.509   1.00 8.55  ? 15  ALA C CA  1 
ATOM   920  C C   . ALA C 1 15 ? 23.496  -3.071  2.013   1.00 7.63  ? 15  ALA C C   1 
ATOM   921  O O   . ALA C 1 15 ? 23.175  -4.171  1.634   1.00 8.22  ? 15  ALA C O   1 
ATOM   922  C CB  . ALA C 1 15 ? 25.908  -3.245  2.083   1.00 8.68  ? 15  ALA C CB  1 
ATOM   923  N N   . ALA C 1 16 ? 22.766  -2.376  2.877   1.00 7.43  ? 16  ALA C N   1 
ATOM   924  C CA  . ALA C 1 16 ? 21.559  -2.952  3.501   1.00 7.55  ? 16  ALA C CA  1 
ATOM   925  C C   . ALA C 1 16 ? 20.415  -2.802  2.542   1.00 7.32  ? 16  ALA C C   1 
ATOM   926  O O   . ALA C 1 16 ? 20.482  -2.096  1.501   1.00 6.63  ? 16  ALA C O   1 
ATOM   927  C CB  . ALA C 1 16 ? 21.230  -2.294  4.806   1.00 6.98  ? 16  ALA C CB  1 
ATOM   928  N N   . ALA C 1 17 ? 19.340  -3.532  2.828   1.00 6.68  ? 17  ALA C N   1 
ATOM   929  C CA  . ALA C 1 17 ? 18.064  -3.432  2.064   1.00 6.74  ? 17  ALA C CA  1 
ATOM   930  C C   . ALA C 1 17 ? 16.963  -3.117  3.078   1.00 6.86  ? 17  ALA C C   1 
ATOM   931  O O   . ALA C 1 17 ? 16.391  -4.001  3.683   1.00 7.80  ? 17  ALA C O   1 
ATOM   932  C CB  . ALA C 1 17 ? 17.786  -4.726  1.331   1.00 6.99  ? 17  ALA C CB  1 
ATOM   933  N N   . ILE C 1 18 ? 16.689  -1.811  3.295   1.00 6.62  ? 18  ILE C N   1 
ATOM   934  C CA  . ILE C 1 18 ? 15.775  -1.331  4.322   1.00 6.37  ? 18  ILE C CA  1 
ATOM   935  C C   . ILE C 1 18 ? 14.541  -0.771  3.608   1.00 6.52  ? 18  ILE C C   1 
ATOM   936  O O   . ILE C 1 18 ? 14.624  0.035   2.701   1.00 6.00  ? 18  ILE C O   1 
ATOM   937  C CB  . ILE C 1 18 ? 16.476  -0.234  5.184   1.00 6.66  ? 18  ILE C CB  1 
ATOM   938  C CG1 . ILE C 1 18 ? 17.774  -0.754  5.801   1.00 7.13  ? 18  ILE C CG1 1 
ATOM   939  C CG2 . ILE C 1 18 ? 15.496  0.296   6.225   1.00 6.82  ? 18  ILE C CG2 1 
ATOM   940  C CD1 . ILE C 1 18 ? 18.662  0.363   6.283   1.00 8.28  ? 18  ILE C CD1 1 
ATOM   941  N N   . ILE C 1 19 ? 13.361  -1.259  4.021   1.00 5.81  ? 19  ILE C N   1 
ATOM   942  C CA  . ILE C 1 19 ? 12.144  -0.791  3.431   1.00 6.11  ? 19  ILE C CA  1 
ATOM   943  C C   . ILE C 1 19 ? 11.770  0.569   4.038   1.00 6.57  ? 19  ILE C C   1 
ATOM   944  O O   . ILE C 1 19 ? 11.631  0.688   5.265   1.00 7.53  ? 19  ILE C O   1 
ATOM   945  C CB  . ILE C 1 19 ? 10.994  -1.773  3.729   1.00 6.67  ? 19  ILE C CB  1 
ATOM   946  C CG1 . ILE C 1 19 ? 11.358  -3.176  3.186   1.00 7.06  ? 19  ILE C CG1 1 
ATOM   947  C CG2 . ILE C 1 19 ? 9.682   -1.296  3.152   1.00 7.21  ? 19  ILE C CG2 1 
ATOM   948  C CD1 . ILE C 1 19 ? 10.543  -4.288  3.750   1.00 7.82  ? 19  ILE C CD1 1 
ATOM   949  N N   . ARG C 1 20 ? 11.629  1.562   3.177   1.00 6.57  ? 20  ARG C N   1 
ATOM   950  C CA  . ARG C 1 20 ? 11.269  2.897   3.536   1.00 6.87  ? 20  ARG C CA  1 
ATOM   951  C C   . ARG C 1 20 ? 10.227  3.348   2.530   1.00 6.62  ? 20  ARG C C   1 
ATOM   952  O O   . ARG C 1 20 ? 9.956   2.646   1.585   1.00 6.75  ? 20  ARG C O   1 
ATOM   953  C CB  . ARG C 1 20 ? 12.512  3.787   3.509   1.00 7.24  ? 20  ARG C CB  1 
ATOM   954  C CG  . ARG C 1 20 ? 13.589  3.410   4.519   1.00 8.22  ? 20  ARG C CG  1 
ATOM   955  C CD  . ARG C 1 20 ? 13.171  3.711   5.943   1.00 9.37  ? 20  ARG C CD  1 
ATOM   956  N NE  . ARG C 1 20 ? 13.222  5.108   6.255   1.00 11.06 ? 20  ARG C NE  1 
ATOM   957  C CZ  . ARG C 1 20 ? 13.053  5.664   7.456   1.00 12.44 ? 20  ARG C CZ  1 
ATOM   958  N NH1 . ARG C 1 20 ? 12.779  4.952   8.560   1.00 14.15 ? 20  ARG C NH1 1 
ATOM   959  N NH2 . ARG C 1 20 ? 13.114  7.014   7.525   1.00 14.20 ? 20  ARG C NH2 1 
ATOM   960  N N   . TYR C 1 21 ? 9.637   4.512   2.766   1.00 6.92  ? 21  TYR C N   1 
ATOM   961  C CA  . TYR C 1 21 ? 8.614   5.083   1.842   1.00 7.00  ? 21  TYR C CA  1 
ATOM   962  C C   . TYR C 1 21 ? 9.075   6.444   1.310   1.00 6.59  ? 21  TYR C C   1 
ATOM   963  O O   . TYR C 1 21 ? 9.711   7.210   2.047   1.00 7.34  ? 21  TYR C O   1 
ATOM   964  C CB  . TYR C 1 21 ? 7.255   5.235   2.569   1.00 6.94  ? 21  TYR C CB  1 
ATOM   965  C CG  . TYR C 1 21 ? 6.571   3.934   2.776   1.00 7.00  ? 21  TYR C CG  1 
ATOM   966  C CD1 . TYR C 1 21 ? 6.980   3.096   3.760   1.00 7.66  ? 21  TYR C CD1 1 
ATOM   967  C CD2 . TYR C 1 21 ? 5.618   3.507   1.840   1.00 7.56  ? 21  TYR C CD2 1 
ATOM   968  C CE1 . TYR C 1 21 ? 6.429   1.821   3.877   1.00 8.63  ? 21  TYR C CE1 1 
ATOM   969  C CE2 . TYR C 1 21 ? 5.053   2.243   1.932   1.00 8.27  ? 21  TYR C CE2 1 
ATOM   970  C CZ  . TYR C 1 21 ? 5.475   1.426   2.963   1.00 9.90  ? 21  TYR C CZ  1 
ATOM   971  O OH  . TYR C 1 21 ? 4.855   0.201   3.022   1.00 12.05 ? 21  TYR C OH  1 
ATOM   972  N N   . PHE C 1 22 ? 8.736   6.703   0.038   1.00 7.16  ? 22  PHE C N   1 
ATOM   973  C CA  . PHE C 1 22 ? 8.903   8.004   -0.569  1.00 7.43  ? 22  PHE C CA  1 
ATOM   974  C C   . PHE C 1 22 ? 7.538   8.469   -1.043  1.00 7.71  ? 22  PHE C C   1 
ATOM   975  O O   . PHE C 1 22 ? 6.651   7.662   -1.303  1.00 7.85  ? 22  PHE C O   1 
ATOM   976  C CB  . PHE C 1 22 ? 9.922   8.028   -1.670  1.00 7.58  ? 22  PHE C CB  1 
ATOM   977  C CG  . PHE C 1 22 ? 9.530   7.414   -2.978  1.00 7.07  ? 22  PHE C CG  1 
ATOM   978  C CD1 . PHE C 1 22 ? 9.525   6.034   -3.163  1.00 7.61  ? 22  PHE C CD1 1 
ATOM   979  C CD2 . PHE C 1 22 ? 9.245   8.203   -4.085  1.00 7.47  ? 22  PHE C CD2 1 
ATOM   980  C CE1 . PHE C 1 22 ? 9.226   5.481   -4.369  1.00 7.35  ? 22  PHE C CE1 1 
ATOM   981  C CE2 . PHE C 1 22 ? 8.892   7.637   -5.278  1.00 7.41  ? 22  PHE C CE2 1 
ATOM   982  C CZ  . PHE C 1 22 ? 8.921   6.284   -5.446  1.00 7.35  ? 22  PHE C CZ  1 
ATOM   983  N N   . TYR C 1 23 ? 7.365   9.794   -1.150  1.00 8.02  ? 23  TYR C N   1 
ATOM   984  C CA  . TYR C 1 23 ? 6.176   10.322  -1.803  1.00 8.26  ? 23  TYR C CA  1 
ATOM   985  C C   . TYR C 1 23 ? 6.438   10.419  -3.306  1.00 8.64  ? 23  TYR C C   1 
ATOM   986  O O   . TYR C 1 23 ? 7.416   11.059  -3.756  1.00 8.82  ? 23  TYR C O   1 
ATOM   987  C CB  . TYR C 1 23 ? 5.837   11.702  -1.225  1.00 8.54  ? 23  TYR C CB  1 
ATOM   988  C CG  . TYR C 1 23 ? 4.604   12.271  -1.922  1.00 9.16  ? 23  TYR C CG  1 
ATOM   989  C CD1 . TYR C 1 23 ? 3.351   11.791  -1.587  1.00 9.51  ? 23  TYR C CD1 1 
ATOM   990  C CD2 . TYR C 1 23 ? 4.727   13.236  -2.914  1.00 9.94  ? 23  TYR C CD2 1 
ATOM   991  C CE1 . TYR C 1 23 ? 2.207   12.275  -2.227  1.00 9.58  ? 23  TYR C CE1 1 
ATOM   992  C CE2 . TYR C 1 23 ? 3.591   13.734  -3.551  1.00 10.70 ? 23  TYR C CE2 1 
ATOM   993  C CZ  . TYR C 1 23 ? 2.351   13.227  -3.207  1.00 10.57 ? 23  TYR C CZ  1 
ATOM   994  O OH  . TYR C 1 23 ? 1.190   13.700  -3.833  1.00 12.18 ? 23  TYR C OH  1 
ATOM   995  N N   . ASN C 1 24 ? 5.578   9.777   -4.088  1.00 8.48  ? 24  ASN C N   1 
ATOM   996  C CA  . ASN C 1 24 ? 5.682   9.755   -5.560  1.00 8.86  ? 24  ASN C CA  1 
ATOM   997  C C   . ASN C 1 24 ? 4.656   10.737  -6.106  1.00 9.29  ? 24  ASN C C   1 
ATOM   998  O O   . ASN C 1 24 ? 3.463   10.423  -6.200  1.00 8.24  ? 24  ASN C O   1 
ATOM   999  C CB  . ASN C 1 24 ? 5.481   8.326   -6.102  1.00 8.61  ? 24  ASN C CB  1 
ATOM   1000 C CG  . ASN C 1 24 ? 5.578   8.254   -7.601  1.00 8.94  ? 24  ASN C CG  1 
ATOM   1001 O OD1 . ASN C 1 24 ? 5.600   9.284   -8.279  1.00 11.53 ? 24  ASN C OD1 1 
ATOM   1002 N ND2 . ASN C 1 24 ? 5.630   7.079   -8.143  1.00 9.00  ? 24  ASN C ND2 1 
ATOM   1003 N N   . ALA C 1 25 ? 5.115   11.933  -6.465  1.00 9.68  ? 25  ALA C N   1 
ATOM   1004 C CA  . ALA C 1 25 ? 4.149   12.973  -6.890  1.00 9.95  ? 25  ALA C CA  1 
ATOM   1005 C C   . ALA C 1 25 ? 3.480   12.657  -8.208  1.00 9.80  ? 25  ALA C C   1 
ATOM   1006 O O   . ALA C 1 25 ? 2.340   13.142  -8.444  1.00 9.90  ? 25  ALA C O   1 
ATOM   1007 C CB  . ALA C 1 25 ? 4.845   14.355  -6.944  1.00 10.23 ? 25  ALA C CB  1 
ATOM   1008 N N   . ALA C 1 26 ? 4.121   11.885  -9.084  1.00 10.08 ? 26  ALA C N   1 
ATOM   1009 C CA  . ALA C 1 26 ? 3.523   11.486  -10.409 1.00 9.96  ? 26  ALA C CA  1 
ATOM   1010 C C   . ALA C 1 26 ? 2.288   10.640  -10.168 1.00 9.04  ? 26  ALA C C   1 
ATOM   1011 O O   . ALA C 1 26 ? 1.338   10.739  -10.880 1.00 10.02 ? 26  ALA C O   1 
ATOM   1012 C CB  . ALA C 1 26 ? 4.517   10.749  -11.220 1.00 11.49 ? 26  ALA C CB  1 
ATOM   1013 N N   . ALA C 1 27 ? 2.331   9.840   -9.102  1.00 8.03  ? 27  ALA C N   1 
ATOM   1014 C CA  . ALA C 1 27 ? 1.173   9.006   -8.703  1.00 7.82  ? 27  ALA C CA  1 
ATOM   1015 C C   . ALA C 1 27 ? 0.276   9.704   -7.658  1.00 8.06  ? 27  ALA C C   1 
ATOM   1016 O O   . ALA C 1 27 ? -0.920  9.362   -7.581  1.00 8.81  ? 27  ALA C O   1 
ATOM   1017 C CB  . ALA C 1 27 ? 1.671   7.679   -8.139  1.00 8.86  ? 27  ALA C CB  1 
ATOM   1018 N N   . GLY C 1 28 ? 0.802   10.620  -6.809  1.00 7.65  ? 28  GLY C N   1 
ATOM   1019 C CA  . GLY C 1 28 ? 0.085   11.186  -5.724  1.00 7.90  ? 28  GLY C CA  1 
ATOM   1020 C C   . GLY C 1 28 ? -0.061  10.173  -4.595  1.00 8.74  ? 28  GLY C C   1 
ATOM   1021 O O   . GLY C 1 28 ? -1.031  10.250  -3.856  1.00 10.72 ? 28  GLY C O   1 
ATOM   1022 N N   . ALA C 1 29 ? 0.913   9.274   -4.478  1.00 8.37  ? 29  ALA C N   1 
ATOM   1023 C CA  . ALA C 1 29 ? 0.839   8.222   -3.444  1.00 8.61  ? 29  ALA C CA  1 
ATOM   1024 C C   . ALA C 1 29 ? 2.183   8.002   -2.766  1.00 7.72  ? 29  ALA C C   1 
ATOM   1025 O O   . ALA C 1 29 ? 3.228   8.217   -3.366  1.00 8.55  ? 29  ALA C O   1 
ATOM   1026 C CB  . ALA C 1 29 ? 0.426   6.940   -4.081  1.00 9.05  ? 29  ALA C CB  1 
ATOM   1027 N N   . ALA C 1 30 ? 2.137   7.511   -1.540  1.00 7.37  ? 30  ALA C N   1 
ATOM   1028 C CA  . ALA C 1 30 ? 3.369   6.997   -0.892  1.00 7.33  ? 30  ALA C CA  1 
ATOM   1029 C C   . ALA C 1 30 ? 3.701   5.643   -1.499  1.00 7.51  ? 30  ALA C C   1 
ATOM   1030 O O   . ALA C 1 30 ? 2.811   4.862   -1.871  1.00 9.25  ? 30  ALA C O   1 
ATOM   1031 C CB  . ALA C 1 30 ? 3.086   6.872   0.597   1.00 7.66  ? 30  ALA C CB  1 
ATOM   1032 N N   . GLN C 1 31 ? 4.972   5.326   -1.530  1.00 6.75  ? 31  GLN C N   1 
ATOM   1033 C CA  . GLN C 1 31 ? 5.451   4.159   -2.231  1.00 7.00  ? 31  GLN C CA  1 
ATOM   1034 C C   . GLN C 1 31 ? 6.668   3.568   -1.524  1.00 6.76  ? 31  GLN C C   1 
ATOM   1035 O O   . GLN C 1 31 ? 7.614   4.318   -1.194  1.00 7.13  ? 31  GLN C O   1 
ATOM   1036 C CB  . GLN C 1 31 ? 5.832   4.566   -3.642  1.00 7.48  ? 31  GLN C CB  1 
ATOM   1037 C CG  . GLN C 1 31 ? 6.268   3.465   -4.589  1.00 8.40  ? 31  GLN C CG  1 
ATOM   1038 C CD  . GLN C 1 31 ? 6.348   3.954   -6.021  1.00 10.75 ? 31  GLN C CD  1 
ATOM   1039 O OE1 . GLN C 1 31 ? 5.497   4.752   -6.424  1.00 10.65 ? 31  GLN C OE1 1 
ATOM   1040 N NE2 . GLN C 1 31 ? 7.343   3.501   -6.779  1.00 11.49 ? 31  GLN C NE2 1 
ATOM   1041 N N   . ALA C 1 32 ? 6.685   2.263   -1.302  1.00 6.69  ? 32  ALA C N   1 
ATOM   1042 C CA  . ALA C 1 32 ? 7.840   1.631   -0.621  1.00 6.64  ? 32  ALA C CA  1 
ATOM   1043 C C   . ALA C 1 32 ? 8.999   1.581   -1.586  1.00 6.45  ? 32  ALA C C   1 
ATOM   1044 O O   . ALA C 1 32 ? 8.764   1.424   -2.784  1.00 7.45  ? 32  ALA C O   1 
ATOM   1045 C CB  . ALA C 1 32 ? 7.449   0.225   -0.142  1.00 7.14  ? 32  ALA C CB  1 
ATOM   1046 N N   . PHE C 1 33 ? 10.198  1.734   -1.088  1.00 6.37  ? 33  PHE C N   1 
ATOM   1047 C CA  . PHE C 1 33 ? 11.439  1.531   -1.848  1.00 5.80  ? 33  PHE C CA  1 
ATOM   1048 C C   . PHE C 1 33 ? 12.496  0.991   -0.921  1.00 6.00  ? 33  PHE C C   1 
ATOM   1049 O O   . PHE C 1 33 ? 12.346  1.018   0.300   1.00 5.98  ? 33  PHE C O   1 
ATOM   1050 C CB  . PHE C 1 33 ? 11.902  2.841   -2.536  1.00 6.21  ? 33  PHE C CB  1 
ATOM   1051 C CG  . PHE C 1 33 ? 12.574  3.858   -1.599  1.00 6.71  ? 33  PHE C CG  1 
ATOM   1052 C CD1 . PHE C 1 33 ? 11.850  4.588   -0.691  1.00 6.95  ? 33  PHE C CD1 1 
ATOM   1053 C CD2 . PHE C 1 33 ? 13.959  4.025   -1.608  1.00 7.03  ? 33  PHE C CD2 1 
ATOM   1054 C CE1 . PHE C 1 33 ? 12.475  5.504   0.130   1.00 6.64  ? 33  PHE C CE1 1 
ATOM   1055 C CE2 . PHE C 1 33 ? 14.608  4.924   -0.793  1.00 7.51  ? 33  PHE C CE2 1 
ATOM   1056 C CZ  . PHE C 1 33 ? 13.858  5.707   0.063   1.00 6.86  ? 33  PHE C CZ  1 
ATOM   1057 N N   . VAL C 1 34 ? 13.570  0.473   -1.513  1.00 5.85  ? 34  VAL C N   1 
ATOM   1058 C CA  . VAL C 1 34 ? 14.709  -0.020  -0.746  1.00 5.97  ? 34  VAL C CA  1 
ATOM   1059 C C   . VAL C 1 34 ? 15.761  1.085   -0.565  1.00 6.20  ? 34  VAL C C   1 
ATOM   1060 O O   . VAL C 1 34 ? 16.240  1.700   -1.541  1.00 7.13  ? 34  VAL C O   1 
ATOM   1061 C CB  . VAL C 1 34 ? 15.360  -1.210  -1.441  1.00 6.01  ? 34  VAL C CB  1 
ATOM   1062 C CG1 . VAL C 1 34 ? 16.600  -1.593  -0.662  1.00 6.31  ? 34  VAL C CG1 1 
ATOM   1063 C CG2 . VAL C 1 34 ? 14.403  -2.391  -1.481  1.00 6.07  ? 34  VAL C CG2 1 
ATOM   1064 N N   . TYR C 1 35 ? 16.105  1.314   0.692   1.00 5.97  ? 35  TYR C N   1 
ATOM   1065 C CA  . TYR C 1 35 ? 17.111  2.281   1.122   1.00 6.63  ? 35  TYR C CA  1 
ATOM   1066 C C   . TYR C 1 35 ? 18.291  1.449   1.591   1.00 6.85  ? 35  TYR C C   1 
ATOM   1067 O O   . TYR C 1 35 ? 18.169  0.469   2.314   1.00 6.63  ? 35  TYR C O   1 
ATOM   1068 C CB  . TYR C 1 35 ? 16.543  3.169   2.236   1.00 6.78  ? 35  TYR C CB  1 
ATOM   1069 C CG  . TYR C 1 35 ? 17.569  3.995   3.010   1.00 6.97  ? 35  TYR C CG  1 
ATOM   1070 C CD1 . TYR C 1 35 ? 18.399  4.857   2.359   1.00 7.30  ? 35  TYR C CD1 1 
ATOM   1071 C CD2 . TYR C 1 35 ? 17.619  3.935   4.355   1.00 7.51  ? 35  TYR C CD2 1 
ATOM   1072 C CE1 . TYR C 1 35 ? 19.341  5.602   3.037   1.00 7.82  ? 35  TYR C CE1 1 
ATOM   1073 C CE2 . TYR C 1 35 ? 18.546  4.677   5.094   1.00 7.71  ? 35  TYR C CE2 1 
ATOM   1074 C CZ  . TYR C 1 35 ? 19.409  5.491   4.413   1.00 8.24  ? 35  TYR C CZ  1 
ATOM   1075 O OH  . TYR C 1 35 ? 20.350  6.260   5.091   1.00 9.83  ? 35  TYR C OH  1 
ATOM   1076 N N   . GLY C 1 36 ? 19.483  1.920   1.248   1.00 7.05  ? 36  GLY C N   1 
ATOM   1077 C CA  . GLY C 1 36 ? 20.706  1.183   1.580   1.00 7.76  ? 36  GLY C CA  1 
ATOM   1078 C C   . GLY C 1 36 ? 21.278  1.369   2.953   1.00 8.02  ? 36  GLY C C   1 
ATOM   1079 O O   . GLY C 1 36 ? 22.237  0.661   3.306   1.00 9.08  ? 36  GLY C O   1 
ATOM   1080 N N   . GLY C 1 37 ? 20.744  2.274   3.749   1.00 7.80  ? 37  GLY C N   1 
ATOM   1081 C CA  . GLY C 1 37 ? 21.162  2.511   5.135   1.00 8.12  ? 37  GLY C CA  1 
ATOM   1082 C C   . GLY C 1 37 ? 22.198  3.617   5.347   1.00 8.51  ? 37  GLY C C   1 
ATOM   1083 O O   . GLY C 1 37 ? 22.503  3.945   6.533   1.00 9.08  ? 37  GLY C O   1 
ATOM   1084 N N   . VAL C 1 38 ? 22.672  4.210   4.252   1.00 8.99  ? 38  VAL C N   1 
ATOM   1085 C CA  . VAL C 1 38 ? 23.700  5.310   4.329   1.00 10.49 ? 38  VAL C CA  1 
ATOM   1086 C C   . VAL C 1 38 ? 23.163  6.528   3.511   1.00 11.14 ? 38  VAL C C   1 
ATOM   1087 O O   . VAL C 1 38 ? 22.727  6.376   2.387   1.00 10.93 ? 38  VAL C O   1 
ATOM   1088 C CB  . VAL C 1 38 ? 25.029  4.870   3.799   1.00 11.12 ? 38  VAL C CB  1 
ATOM   1089 C CG1 . VAL C 1 38 ? 26.047  6.028   3.819   1.00 12.01 ? 38  VAL C CG1 1 
ATOM   1090 C CG2 . VAL C 1 38 ? 25.564  3.646   4.577   1.00 12.12 ? 38  VAL C CG2 1 
ATOM   1091 N N   . ALA C 1 39 ? 23.251  7.705   4.112   1.00 13.65 ? 39  ALA C N   1 
ATOM   1092 C CA  . ALA C 1 39 ? 23.073  9.001   3.384   1.00 14.41 ? 39  ALA C CA  1 
ATOM   1093 C C   . ALA C 1 39 ? 21.678  9.224   2.807   1.00 13.27 ? 39  ALA C C   1 
ATOM   1094 O O   . ALA C 1 39 ? 21.562  9.752   1.698   1.00 15.27 ? 39  ALA C O   1 
ATOM   1095 C CB  . ALA C 1 39 ? 24.094  9.176   2.302   1.00 14.70 ? 39  ALA C CB  1 
ATOM   1096 N N   . ALA C 1 40 ? 20.687  8.883   3.594   1.00 12.50 ? 40  ALA C N   1 
ATOM   1097 C CA  . ALA C 1 40 ? 19.270  9.200   3.273   1.00 12.75 ? 40  ALA C CA  1 
ATOM   1098 C C   . ALA C 1 40 ? 19.055  10.644  2.903   1.00 14.73 ? 40  ALA C C   1 
ATOM   1099 O O   . ALA C 1 40 ? 19.626  11.541  3.555   1.00 14.18 ? 40  ALA C O   1 
ATOM   1100 C CB  . ALA C 1 40 ? 18.390  8.899   4.448   1.00 12.43 ? 40  ALA C CB  1 
ATOM   1101 N N   . LYS C 1 41 ? 18.276  10.840  1.854   1.00 12.26 ? 41  LYS C N   1 
ATOM   1102 C CA  . LYS C 1 41 ? 17.725  12.158  1.501   1.00 13.11 ? 41  LYS C CA  1 
ATOM   1103 C C   . LYS C 1 41 ? 16.399  12.333  2.227   1.00 13.67 ? 41  LYS C C   1 
ATOM   1104 O O   . LYS C 1 41 ? 15.923  11.438  2.963   1.00 12.80 ? 41  LYS C O   1 
ATOM   1105 C CB  . LYS C 1 41 ? 17.570  12.295  0.000   1.00 14.02 ? 41  LYS C CB  1 
ATOM   1106 C CG  . LYS C 1 41 ? 18.890  12.217  -0.758  1.00 16.58 ? 41  LYS C CG  1 
ATOM   1107 C CD  . LYS C 1 41 ? 18.794  12.685  -2.200  1.00 20.01 ? 41  LYS C CD  1 
ATOM   1108 C CE  . LYS C 1 41 ? 20.142  12.503  -2.920  1.00 23.17 ? 41  LYS C CE  1 
ATOM   1109 N NZ  . LYS C 1 41 ? 21.259  13.074  -2.123  1.00 25.59 ? 41  LYS C NZ  1 
ATOM   1110 N N   . ARG C 1 42 ? 15.765  13.509  2.078   1.00 13.06 ? 42  ARG C N   1 
ATOM   1111 C CA  . ARG C 1 42 ? 14.622  13.780  2.902   1.00 13.24 ? 42  ARG C CA  1 
ATOM   1112 C C   . ARG C 1 42 ? 13.331  13.095  2.421   1.00 10.67 ? 42  ARG C C   1 
ATOM   1113 O O   . ARG C 1 42 ? 12.473  12.882  3.242   1.00 10.44 ? 42  ARG C O   1 
ATOM   1114 C CB  . ARG C 1 42 ? 14.385  15.290  2.998   1.00 14.33 ? 42  ARG C CB  1 
ATOM   1115 C CG  . ARG C 1 42 ? 15.440  15.920  3.907   1.00 17.08 ? 42  ARG C CG  1 
ATOM   1116 C CD  . ARG C 1 42 ? 15.229  17.431  3.988   1.00 20.04 ? 42  ARG C CD  1 
ATOM   1117 N NE  . ARG C 1 42 ? 15.630  17.996  2.719   1.00 22.68 ? 42  ARG C NE  1 
ATOM   1118 C CZ  . ARG C 1 42 ? 15.604  19.313  2.480   1.00 28.22 ? 42  ARG C CZ  1 
ATOM   1119 N NH1 . ARG C 1 42 ? 15.193  20.155  3.443   1.00 29.65 ? 42  ARG C NH1 1 
ATOM   1120 N NH2 . ARG C 1 42 ? 15.966  19.772  1.312   1.00 27.55 ? 42  ARG C NH2 1 
ATOM   1121 N N   . ASN C 1 43 ? 13.207  12.748  1.148   1.00 9.90  ? 43  ASN C N   1 
ATOM   1122 C CA  . ASN C 1 43 ? 12.025  11.936  0.685   1.00 9.53  ? 43  ASN C CA  1 
ATOM   1123 C C   . ASN C 1 43 ? 12.245  10.441  0.988   1.00 8.68  ? 43  ASN C C   1 
ATOM   1124 O O   . ASN C 1 43 ? 12.442  9.631   0.080   1.00 8.76  ? 43  ASN C O   1 
ATOM   1125 C CB  . ASN C 1 43 ? 11.800  12.143  -0.785  1.00 9.58  ? 43  ASN C CB  1 
ATOM   1126 C CG  . ASN C 1 43 ? 10.394  11.746  -1.230  1.00 9.71  ? 43  ASN C CG  1 
ATOM   1127 O OD1 . ASN C 1 43 ? 9.547   11.384  -0.401  1.00 8.70  ? 43  ASN C OD1 1 
ATOM   1128 N ND2 . ASN C 1 43 ? 10.163  11.834  -2.535  1.00 10.11 ? 43  ASN C ND2 1 
ATOM   1129 N N   . ASN C 1 44 ? 12.201  10.159  2.273   1.00 8.39  ? 44  ASN C N   1 
ATOM   1130 C CA  . ASN C 1 44 ? 12.553  8.872   2.838   1.00 8.66  ? 44  ASN C CA  1 
ATOM   1131 C C   . ASN C 1 44 ? 11.995  8.832   4.249   1.00 8.31  ? 44  ASN C C   1 
ATOM   1132 O O   . ASN C 1 44 ? 12.456  9.550   5.180   1.00 8.87  ? 44  ASN C O   1 
ATOM   1133 C CB  . ASN C 1 44 ? 14.095  8.703   2.754   1.00 8.58  ? 44  ASN C CB  1 
ATOM   1134 C CG  . ASN C 1 44 ? 14.602  7.460   3.449   1.00 8.27  ? 44  ASN C CG  1 
ATOM   1135 O OD1 . ASN C 1 44 ? 13.960  6.938   4.346   1.00 9.20  ? 44  ASN C OD1 1 
ATOM   1136 N ND2 . ASN C 1 44 ? 15.755  7.015   3.059   1.00 8.24  ? 44  ASN C ND2 1 
ATOM   1137 N N   . PHE C 1 45 ? 10.928  8.048   4.397   1.00 8.32  ? 45  PHE C N   1 
ATOM   1138 C CA  . PHE C 1 45 ? 10.105  7.978   5.585   1.00 8.58  ? 45  PHE C CA  1 
ATOM   1139 C C   . PHE C 1 45 ? 9.960   6.577   6.124   1.00 8.77  ? 45  PHE C C   1 
ATOM   1140 O O   . PHE C 1 45 ? 10.105  5.600   5.348   1.00 8.03  ? 45  PHE C O   1 
ATOM   1141 C CB  . PHE C 1 45 ? 8.677   8.514   5.242   1.00 8.88  ? 45  PHE C CB  1 
ATOM   1142 C CG  . PHE C 1 45 ? 8.700   9.936   4.770   1.00 10.21 ? 45  PHE C CG  1 
ATOM   1143 C CD1 . PHE C 1 45 ? 8.638   10.950  5.689   1.00 11.09 ? 45  PHE C CD1 1 
ATOM   1144 C CD2 . PHE C 1 45 ? 8.782   10.232  3.421   1.00 10.55 ? 45  PHE C CD2 1 
ATOM   1145 C CE1 . PHE C 1 45 ? 8.672   12.292  5.264   1.00 12.50 ? 45  PHE C CE1 1 
ATOM   1146 C CE2 . PHE C 1 45 ? 8.819   11.569  2.975   1.00 11.19 ? 45  PHE C CE2 1 
ATOM   1147 C CZ  . PHE C 1 45 ? 8.753   12.588  3.918   1.00 11.66 ? 45  PHE C CZ  1 
ATOM   1148 N N   . ALA C 1 46 ? 9.582   6.472   7.404   1.00 8.94  ? 46  ALA C N   1 
ATOM   1149 C CA  . ALA C 1 46 ? 9.394   5.150   7.989   1.00 10.45 ? 46  ALA C CA  1 
ATOM   1150 C C   . ALA C 1 46 ? 8.120   4.483   7.509   1.00 10.83 ? 46  ALA C C   1 
ATOM   1151 O O   . ALA C 1 46 ? 7.990   3.234   7.571   1.00 12.88 ? 46  ALA C O   1 
ATOM   1152 C CB  . ALA C 1 46 ? 9.297   5.279   9.501   1.00 10.69 ? 46  ALA C CB  1 
ATOM   1153 N N   . SER C 1 47 ? 7.179   5.247   7.016   1.00 10.09 ? 47  SER C N   1 
ATOM   1154 C CA  . SER C 1 47 ? 5.862   4.701   6.752   1.00 9.18  ? 47  SER C CA  1 
ATOM   1155 C C   . SER C 1 47 ? 5.182   5.528   5.695   1.00 9.51  ? 47  SER C C   1 
ATOM   1156 O O   . SER C 1 47 ? 5.523   6.684   5.453   1.00 8.07  ? 47  SER C O   1 
ATOM   1157 C CB  . SER C 1 47 ? 4.961   4.699   7.983   1.00 9.73  ? 47  SER C CB  1 
ATOM   1158 O OG  . SER C 1 47 ? 4.586   6.045   8.355   1.00 10.77 ? 47  SER C OG  1 
ATOM   1159 N N   . ALA C 1 48 ? 4.157   4.921   5.100   1.00 9.49  ? 48  ALA C N   1 
ATOM   1160 C CA  . ALA C 1 48 ? 3.334   5.622   4.131   1.00 9.52  ? 48  ALA C CA  1 
ATOM   1161 C C   . ALA C 1 48 ? 2.664   6.853   4.792   1.00 9.87  ? 48  ALA C C   1 
ATOM   1162 O O   . ALA C 1 48 ? 2.612   7.908   4.162   1.00 8.52  ? 48  ALA C O   1 
ATOM   1163 C CB  . ALA C 1 48 ? 2.279   4.727   3.509   1.00 11.11 ? 48  ALA C CB  1 
ATOM   1164 N N   . ALA C 1 49 ? 2.165   6.684   6.016   1.00 9.98  ? 49  ALA C N   1 
ATOM   1165 C CA  . ALA C 1 49 ? 1.508   7.786   6.705   1.00 10.86 ? 49  ALA C CA  1 
ATOM   1166 C C   . ALA C 1 49 ? 2.462   8.946   6.911   1.00 10.65 ? 49  ALA C C   1 
ATOM   1167 O O   . ALA C 1 49 ? 2.066   10.114  6.700   1.00 12.05 ? 49  ALA C O   1 
ATOM   1168 C CB  . ALA C 1 49 ? 0.906   7.306   8.008   1.00 11.13 ? 49  ALA C CB  1 
ATOM   1169 N N   . ASP C 1 50 ? 3.716   8.684   7.296   1.00 10.16 ? 50  ASP C N   1 
ATOM   1170 C CA  . ASP C 1 50 ? 4.678   9.745   7.497   1.00 10.54 ? 50  ASP C CA  1 
ATOM   1171 C C   . ASP C 1 50 ? 4.920   10.485  6.180   1.00 10.82 ? 50  ASP C C   1 
ATOM   1172 O O   . ASP C 1 50 ? 5.052   11.748  6.136   1.00 12.12 ? 50  ASP C O   1 
ATOM   1173 C CB  . ASP C 1 50 ? 5.993   9.249   8.099   1.00 12.66 ? 50  ASP C CB  1 
ATOM   1174 C CG  . ASP C 1 50 ? 5.849   8.819   9.590   1.00 14.93 ? 50  ASP C CG  1 
ATOM   1175 O OD1 . ASP C 1 50 ? 4.803   9.071   10.204  1.00 15.41 ? 50  ASP C OD1 1 
ATOM   1176 O OD2 . ASP C 1 50 ? 6.815   8.229   10.110  1.00 18.13 ? 50  ASP C OD2 1 
ATOM   1177 N N   . ALA C 1 51 ? 4.984   9.731   5.080   1.00 8.96  ? 51  ALA C N   1 
ATOM   1178 C CA  . ALA C 1 51 ? 5.260   10.343  3.795   1.00 9.61  ? 51  ALA C CA  1 
ATOM   1179 C C   . ALA C 1 51 ? 4.124   11.260  3.383   1.00 10.78 ? 51  ALA C C   1 
ATOM   1180 O O   . ALA C 1 51 ? 4.371   12.340  2.833   1.00 10.79 ? 51  ALA C O   1 
ATOM   1181 C CB  . ALA C 1 51 ? 5.490   9.278   2.696   1.00 9.31  ? 51  ALA C CB  1 
ATOM   1182 N N   . LEU C 1 52 ? 2.891   10.796  3.584   1.00 10.83 ? 52  LEU C N   1 
ATOM   1183 C CA  . LEU C 1 52 ? 1.729   11.607  3.201   1.00 10.83 ? 52  LEU C CA  1 
ATOM   1184 C C   . LEU C 1 52 ? 1.620   12.815  4.131   1.00 12.21 ? 52  LEU C C   1 
ATOM   1185 O O   . LEU C 1 52 ? 1.297   13.950  3.645   1.00 13.88 ? 52  LEU C O   1 
ATOM   1186 C CB  . LEU C 1 52 ? 0.456   10.821  3.168   1.00 11.09 ? 52  LEU C CB  1 
ATOM   1187 C CG  . LEU C 1 52 ? 0.264   9.819   2.065   1.00 12.42 ? 52  LEU C CG  1 
ATOM   1188 C CD1 . LEU C 1 52 ? -1.138  9.268   2.244   1.00 13.83 ? 52  LEU C CD1 1 
ATOM   1189 C CD2 . LEU C 1 52 ? 0.405   10.425  0.673   1.00 12.43 ? 52  LEU C CD2 1 
ATOM   1190 N N   . ALA C 1 53 ? 1.956   12.649  5.414   1.00 11.46 ? 53  ALA C N   1 
ATOM   1191 C CA  . ALA C 1 53 ? 1.874   13.781  6.346   1.00 12.93 ? 53  ALA C CA  1 
ATOM   1192 C C   . ALA C 1 53 ? 2.761   14.907  5.916   1.00 13.56 ? 53  ALA C C   1 
ATOM   1193 O O   . ALA C 1 53 ? 2.373   16.096  6.052   1.00 16.08 ? 53  ALA C O   1 
ATOM   1194 C CB  . ALA C 1 53 ? 2.185   13.307  7.754   1.00 13.72 ? 53  ALA C CB  1 
ATOM   1195 N N   . ALA C 1 54 ? 3.918   14.587  5.361   1.00 12.79 ? 54  ALA C N   1 
ATOM   1196 C CA  . ALA C 1 54 ? 4.900   15.584  4.985   1.00 13.64 ? 54  ALA C CA  1 
ATOM   1197 C C   . ALA C 1 54 ? 4.695   16.088  3.578   1.00 14.03 ? 54  ALA C C   1 
ATOM   1198 O O   . ALA C 1 54 ? 5.080   17.224  3.310   1.00 15.38 ? 54  ALA C O   1 
ATOM   1199 C CB  . ALA C 1 54 ? 6.314   15.031  5.127   1.00 14.62 ? 54  ALA C CB  1 
ATOM   1200 N N   . CYS C 1 55 ? 4.235   15.220  2.668   1.00 12.77 ? 55  CYS C N   1 
ATOM   1201 C CA  . CYS C 1 55 ? 4.340   15.494  1.236   1.00 12.39 ? 55  CYS C CA  1 
ATOM   1202 C C   . CYS C 1 55 ? 3.048   15.397  0.390   1.00 13.54 ? 55  CYS C C   1 
ATOM   1203 O O   . CYS C 1 55 ? 3.118   15.699  -0.802  1.00 15.41 ? 55  CYS C O   1 
ATOM   1204 C CB  . CYS C 1 55 ? 5.336   14.547  0.591   1.00 13.15 ? 55  CYS C CB  1 
ATOM   1205 S SG  . CYS C 1 55 ? 7.004   14.870  1.138   1.00 13.34 ? 55  CYS C SG  1 
ATOM   1206 N N   . ALA C 1 56 ? 1.904   15.040  0.982   1.00 13.97 ? 56  ALA C N   1 
ATOM   1207 C CA  . ALA C 1 56 ? 0.653   14.822  0.197   1.00 13.75 ? 56  ALA C CA  1 
ATOM   1208 C C   . ALA C 1 56 ? 0.313   16.040  -0.602  1.00 15.83 ? 56  ALA C C   1 
ATOM   1209 O O   . ALA C 1 56 ? 0.375   17.150  -0.069  1.00 16.71 ? 56  ALA C O   1 
ATOM   1210 C CB  . ALA C 1 56 ? -0.496  14.492  1.141   1.00 14.91 ? 56  ALA C CB  1 
ATOM   1211 N N   . ALA C 1 57 ? 0.056   15.813  -1.880  1.00 15.64 ? 57  ALA C N   1 
ATOM   1212 C CA  . ALA C 1 57 ? -0.279  16.826  -2.894  1.00 15.90 ? 57  ALA C CA  1 
ATOM   1213 C C   . ALA C 1 57 ? 0.833   17.782  -3.159  1.00 17.05 ? 57  ALA C C   1 
ATOM   1214 O O   . ALA C 1 57 ? 0.593   18.916  -3.622  1.00 18.88 ? 57  ALA C O   1 
ATOM   1215 C CB  . ALA C 1 57 ? -1.590  17.541  -2.518  1.00 18.72 ? 57  ALA C CB  1 
ATOM   1216 N N   . ALA C 1 58 ? 2.084   17.359  -2.908  1.00 15.84 ? 58  ALA C N   1 
ATOM   1217 C CA  . ALA C 1 58 ? 3.238   18.198  -3.263  1.00 16.17 ? 58  ALA C CA  1 
ATOM   1218 C C   . ALA C 1 58 ? 3.370   18.500  -4.756  1.00 18.75 ? 58  ALA C C   1 
ATOM   1219 O O   . ALA C 1 58 ? 2.951   17.709  -5.612  1.00 18.39 ? 58  ALA C O   1 
ATOM   1220 C CB  . ALA C 1 58 ? 4.515   17.562  -2.807  1.00 15.75 ? 58  ALA C CB  1 
ATOM   1221 O OXT . ALA C 1 58 ? 4.000   19.554  -5.086  1.00 19.10 ? 58  ALA C OXT 1 
HETATM 1222 S S   . SO4 D 2 .  ? -4.092  -7.547  -4.144  1.00 15.85 ? 101 SO4 A S   1 
HETATM 1223 O O1  . SO4 D 2 .  ? -4.772  -6.309  -4.557  1.00 14.44 ? 101 SO4 A O1  1 
HETATM 1224 O O2  . SO4 D 2 .  ? -5.037  -8.617  -3.665  1.00 10.62 ? 101 SO4 A O2  1 
HETATM 1225 O O3  . SO4 D 2 .  ? -3.288  -7.062  -2.957  1.00 17.56 ? 101 SO4 A O3  1 
HETATM 1226 O O4  . SO4 D 2 .  ? -3.334  -8.236  -5.217  1.00 17.47 ? 101 SO4 A O4  1 
HETATM 1227 S S   . SO4 E 2 .  ? -6.874  -17.128 9.445   1.00 20.04 ? 101 SO4 B S   1 
HETATM 1228 O O1  . SO4 E 2 .  ? -7.262  -16.265 8.355   1.00 15.94 ? 101 SO4 B O1  1 
HETATM 1229 O O2  . SO4 E 2 .  ? -8.056  -17.170 10.321  1.00 29.44 ? 101 SO4 B O2  1 
HETATM 1230 O O3  . SO4 E 2 .  ? -5.710  -16.862 10.297  1.00 19.30 ? 101 SO4 B O3  1 
HETATM 1231 O O4  . SO4 E 2 .  ? -6.511  -18.449 8.870   1.00 23.43 ? 101 SO4 B O4  1 
HETATM 1232 S S   . SO4 F 2 .  ? 12.275  7.864   10.975  1.00 35.48 ? 101 SO4 C S   1 
HETATM 1233 O O1  . SO4 F 2 .  ? 12.232  8.462   9.613   1.00 40.05 ? 101 SO4 C O1  1 
HETATM 1234 O O2  . SO4 F 2 .  ? 10.894  7.915   11.521  1.00 36.68 ? 101 SO4 C O2  1 
HETATM 1235 O O3  . SO4 F 2 .  ? 13.233  8.625   11.848  1.00 45.53 ? 101 SO4 C O3  1 
HETATM 1236 O O4  . SO4 F 2 .  ? 12.754  6.433   10.885  1.00 37.18 ? 101 SO4 C O4  1 
HETATM 1237 S S   . SO4 G 2 .  ? 17.230  16.278  -0.415  1.00 26.07 ? 102 SO4 C S   1 
HETATM 1238 O O1  . SO4 G 2 .  ? 16.513  15.658  -1.588  1.00 27.25 ? 102 SO4 C O1  1 
HETATM 1239 O O2  . SO4 G 2 .  ? 17.040  17.796  -0.417  1.00 29.77 ? 102 SO4 C O2  1 
HETATM 1240 O O3  . SO4 G 2 .  ? 16.832  15.896  0.912   1.00 19.54 ? 102 SO4 C O3  1 
HETATM 1241 O O4  . SO4 G 2 .  ? 18.735  16.046  -0.499  1.00 33.00 ? 102 SO4 C O4  1 
HETATM 1242 O O   . HOH H 3 .  ? -12.151 15.722  -1.921  1.00 24.82 ? 201 HOH A O   1 
HETATM 1243 O O   . HOH H 3 .  ? 0.029   -3.899  -18.487 1.00 28.21 ? 202 HOH A O   1 
HETATM 1244 O O   . HOH H 3 .  ? -1.285  -9.668  -5.907  1.00 32.07 ? 203 HOH A O   1 
HETATM 1245 O O   . HOH H 3 .  ? -0.840  2.540   -10.070 1.00 11.20 ? 204 HOH A O   1 
HETATM 1246 O O   . HOH H 3 .  ? -18.420 13.789  -16.625 1.00 37.59 ? 205 HOH A O   1 
HETATM 1247 O O   . HOH H 3 .  ? -9.455  -0.732  0.128   1.00 7.76  ? 206 HOH A O   1 
HETATM 1248 O O   . HOH H 3 .  ? -6.205  11.301  -0.987  1.00 21.17 ? 207 HOH A O   1 
HETATM 1249 O O   . HOH H 3 .  ? -21.220 -2.947  -5.853  1.00 29.27 ? 208 HOH A O   1 
HETATM 1250 O O   . HOH H 3 .  ? -17.435 0.981   -14.735 1.00 19.87 ? 209 HOH A O   1 
HETATM 1251 O O   . HOH H 3 .  ? -16.580 -4.047  -0.304  1.00 20.80 ? 210 HOH A O   1 
HETATM 1252 O O   . HOH H 3 .  ? -13.322 7.359   -16.573 1.00 19.03 ? 211 HOH A O   1 
HETATM 1253 O O   . HOH H 3 .  ? -5.151  -8.587  -1.008  1.00 10.39 ? 212 HOH A O   1 
HETATM 1254 O O   . HOH H 3 .  ? -17.195 11.650  -6.483  1.00 30.76 ? 213 HOH A O   1 
HETATM 1255 O O   . HOH H 3 .  ? -19.218 -1.365  -12.664 1.00 15.39 ? 214 HOH A O   1 
HETATM 1256 O O   . HOH H 3 .  ? -4.916  -9.881  -12.366 1.00 8.34  ? 215 HOH A O   1 
HETATM 1257 O O   . HOH H 3 .  ? -4.852  15.607  -3.920  1.00 26.86 ? 216 HOH A O   1 
HETATM 1258 O O   . HOH H 3 .  ? -12.447 13.520  -7.111  1.00 24.72 ? 217 HOH A O   1 
HETATM 1259 O O   . HOH H 3 .  ? -14.521 13.296  -10.301 1.00 15.30 ? 218 HOH A O   1 
HETATM 1260 O O   . HOH H 3 .  ? -12.301 -5.733  -15.006 1.00 12.75 ? 219 HOH A O   1 
HETATM 1261 O O   . HOH H 3 .  ? -7.853  -10.611 -15.196 1.00 16.02 ? 220 HOH A O   1 
HETATM 1262 O O   . HOH H 3 .  ? -16.184 -1.568  -14.313 1.00 16.67 ? 221 HOH A O   1 
HETATM 1263 O O   . HOH H 3 .  ? -5.035  -14.752 -9.384  1.00 17.35 ? 222 HOH A O   1 
HETATM 1264 O O   . HOH H 3 .  ? -5.867  8.765   -17.193 1.00 29.46 ? 223 HOH A O   1 
HETATM 1265 O O   . HOH H 3 .  ? -21.450 10.678  -8.354  1.00 33.40 ? 224 HOH A O   1 
HETATM 1266 O O   . HOH H 3 .  ? -13.752 17.914  1.817   1.00 32.14 ? 225 HOH A O   1 
HETATM 1267 O O   . HOH H 3 .  ? -3.651  16.268  -8.038  1.00 35.42 ? 226 HOH A O   1 
HETATM 1268 O O   . HOH H 3 .  ? -9.382  4.974   1.402   1.00 12.50 ? 227 HOH A O   1 
HETATM 1269 O O   . HOH H 3 .  ? -13.501 -6.099  -2.413  1.00 31.31 ? 228 HOH A O   1 
HETATM 1270 O O   . HOH H 3 .  ? -19.980 1.429   -6.675  1.00 16.41 ? 229 HOH A O   1 
HETATM 1271 O O   . HOH H 3 .  ? -10.716 7.940   -13.222 1.00 9.19  ? 230 HOH A O   1 
HETATM 1272 O O   . HOH H 3 .  ? -5.672  1.308   -12.333 1.00 9.18  ? 231 HOH A O   1 
HETATM 1273 O O   . HOH H 3 .  ? -9.676  -0.313  4.095   1.00 14.41 ? 232 HOH A O   1 
HETATM 1274 O O   . HOH H 3 .  ? -21.162 4.228   -8.507  1.00 13.27 ? 233 HOH A O   1 
HETATM 1275 O O   . HOH H 3 .  ? -4.304  -1.092  -5.182  1.00 8.50  ? 234 HOH A O   1 
HETATM 1276 O O   . HOH H 3 .  ? -9.516  -0.395  -18.367 1.00 19.54 ? 235 HOH A O   1 
HETATM 1277 O O   . HOH H 3 .  ? 0.396   -7.318  -15.889 1.00 16.78 ? 236 HOH A O   1 
HETATM 1278 O O   . HOH H 3 .  ? -4.747  2.528   -3.555  1.00 11.23 ? 237 HOH A O   1 
HETATM 1279 O O   . HOH H 3 .  ? -20.425 12.607  -8.350  1.00 34.55 ? 238 HOH A O   1 
HETATM 1280 O O   . HOH H 3 .  ? -11.714 1.156   5.288   1.00 17.91 ? 239 HOH A O   1 
HETATM 1281 O O   . HOH H 3 .  ? -4.810  1.064   -16.036 1.00 15.71 ? 240 HOH A O   1 
HETATM 1282 O O   . HOH H 3 .  ? -7.035  -0.693  -11.198 1.00 7.38  ? 241 HOH A O   1 
HETATM 1283 O O   . HOH H 3 .  ? -8.647  -3.904  -17.107 1.00 19.84 ? 242 HOH A O   1 
HETATM 1284 O O   . HOH H 3 .  ? -6.030  0.341   -2.337  1.00 8.87  ? 243 HOH A O   1 
HETATM 1285 O O   . HOH H 3 .  ? -10.787 5.478   -14.187 1.00 11.82 ? 244 HOH A O   1 
HETATM 1286 O O   . HOH H 3 .  ? -9.333  6.886   -16.981 1.00 34.41 ? 245 HOH A O   1 
HETATM 1287 O O   . HOH H 3 .  ? -0.443  6.596   -11.018 1.00 17.15 ? 246 HOH A O   1 
HETATM 1288 O O   . HOH H 3 .  ? -5.749  -3.011  -10.369 1.00 4.98  ? 247 HOH A O   1 
HETATM 1289 O O   . HOH H 3 .  ? -11.233 11.125  2.652   1.00 17.29 ? 248 HOH A O   1 
HETATM 1290 O O   . HOH H 3 .  ? -2.666  10.310  -13.818 1.00 18.13 ? 249 HOH A O   1 
HETATM 1291 O O   . HOH H 3 .  ? -13.269 -1.347  3.046   1.00 23.65 ? 250 HOH A O   1 
HETATM 1292 O O   . HOH H 3 .  ? -7.666  11.233  1.191   1.00 22.19 ? 251 HOH A O   1 
HETATM 1293 O O   . HOH H 3 .  ? -12.395 14.660  -9.363  1.00 21.11 ? 252 HOH A O   1 
HETATM 1294 O O   . HOH H 3 .  ? -15.172 -10.806 -5.021  1.00 16.36 ? 253 HOH A O   1 
HETATM 1295 O O   . HOH H 3 .  ? -5.569  13.967  -10.595 1.00 16.93 ? 254 HOH A O   1 
HETATM 1296 O O   . HOH H 3 .  ? -4.599  -16.239 -11.461 1.00 20.66 ? 255 HOH A O   1 
HETATM 1297 O O   . HOH H 3 .  ? -1.106  13.529  -7.633  1.00 19.87 ? 256 HOH A O   1 
HETATM 1298 O O   . HOH H 3 .  ? -18.699 -0.810  -1.839  1.00 10.99 ? 257 HOH A O   1 
HETATM 1299 O O   . HOH H 3 .  ? -5.628  -5.549  -17.474 1.00 13.65 ? 258 HOH A O   1 
HETATM 1300 O O   . HOH H 3 .  ? -3.959  -3.576  -3.799  1.00 21.50 ? 259 HOH A O   1 
HETATM 1301 O O   . HOH H 3 .  ? -20.385 5.361   -15.711 1.00 29.99 ? 260 HOH A O   1 
HETATM 1302 O O   . HOH H 3 .  ? -17.378 6.589   -17.446 1.00 24.77 ? 261 HOH A O   1 
HETATM 1303 O O   . HOH H 3 .  ? -21.569 5.097   -11.198 1.00 21.55 ? 262 HOH A O   1 
HETATM 1304 O O   . HOH H 3 .  ? -9.046  12.954  -2.941  1.00 20.96 ? 263 HOH A O   1 
HETATM 1305 O O   . HOH H 3 .  ? -18.529 1.057   0.322   1.00 12.22 ? 264 HOH A O   1 
HETATM 1306 O O   . HOH H 3 .  ? 1.346   -9.077  -8.238  1.00 20.23 ? 265 HOH A O   1 
HETATM 1307 O O   . HOH H 3 .  ? -7.295  -3.111  -2.992  1.00 11.65 ? 266 HOH A O   1 
HETATM 1308 O O   . HOH H 3 .  ? -6.257  -0.839  -18.094 1.00 26.77 ? 267 HOH A O   1 
HETATM 1309 O O   . HOH H 3 .  ? -15.449 0.409   3.667   1.00 27.42 ? 268 HOH A O   1 
HETATM 1310 O O   . HOH H 3 .  ? -19.850 13.333  -13.521 1.00 31.42 ? 269 HOH A O   1 
HETATM 1311 O O   . HOH H 3 .  ? -2.784  -0.673  -18.731 1.00 35.63 ? 270 HOH A O   1 
HETATM 1312 O O   . HOH H 3 .  ? -11.779 9.252   -15.310 1.00 24.67 ? 271 HOH A O   1 
HETATM 1313 O O   . HOH H 3 .  ? -0.037  -6.936  -7.265  1.00 17.54 ? 272 HOH A O   1 
HETATM 1314 O O   . HOH H 3 .  ? -13.660 4.692   3.510   1.00 16.87 ? 273 HOH A O   1 
HETATM 1315 O O   . HOH H 3 .  ? -0.840  -6.150  -4.698  1.00 14.29 ? 274 HOH A O   1 
HETATM 1316 O O   . HOH H 3 .  ? -5.551  -5.638  -1.107  1.00 14.94 ? 275 HOH A O   1 
HETATM 1317 O O   . HOH H 3 .  ? -10.294 15.094  -4.038  1.00 30.03 ? 276 HOH A O   1 
HETATM 1318 O O   . HOH H 3 .  ? -3.293  -7.148  -18.033 1.00 21.14 ? 277 HOH A O   1 
HETATM 1319 O O   . HOH H 3 .  ? -10.585 -9.899  -14.769 1.00 24.66 ? 278 HOH A O   1 
HETATM 1320 O O   . HOH H 3 .  ? -20.130 0.935   -13.217 1.00 27.17 ? 279 HOH A O   1 
HETATM 1321 O O   . HOH H 3 .  ? -7.907  7.244   1.925   1.00 16.07 ? 280 HOH A O   1 
HETATM 1322 O O   . HOH H 3 .  ? -8.384  -4.937  -1.319  1.00 9.81  ? 281 HOH A O   1 
HETATM 1323 O O   . HOH H 3 .  ? -2.517  14.407  -4.506  1.00 25.06 ? 282 HOH A O   1 
HETATM 1324 O O   . HOH H 3 .  ? -11.536 -3.184  -15.711 1.00 15.62 ? 283 HOH A O   1 
HETATM 1325 O O   . HOH H 3 .  ? -10.996 5.247   3.939   1.00 14.73 ? 284 HOH A O   1 
HETATM 1326 O O   . HOH H 3 .  ? -18.003 -0.661  2.574   1.00 20.65 ? 285 HOH A O   1 
HETATM 1327 O O   . HOH H 3 .  ? -19.515 14.159  -10.557 1.00 32.97 ? 286 HOH A O   1 
HETATM 1328 O O   . HOH H 3 .  ? -2.525  0.968   -3.708  1.00 14.15 ? 287 HOH A O   1 
HETATM 1329 O O   . HOH H 3 .  ? -10.391 3.519   6.040   1.00 22.82 ? 288 HOH A O   1 
HETATM 1330 O O   . HOH H 3 .  ? -9.640  10.195  4.607   1.00 22.54 ? 289 HOH A O   1 
HETATM 1331 O O   . HOH H 3 .  ? -17.937 12.173  -3.893  1.00 28.42 ? 290 HOH A O   1 
HETATM 1332 O O   . HOH H 3 .  ? -4.685  7.522   -1.552  1.00 16.47 ? 291 HOH A O   1 
HETATM 1333 O O   . HOH H 3 .  ? -5.922  -3.232  -18.834 1.00 26.15 ? 292 HOH A O   1 
HETATM 1334 O O   . HOH H 3 .  ? -12.136 4.842   -16.494 1.00 24.32 ? 293 HOH A O   1 
HETATM 1335 O O   . HOH H 3 .  ? -7.545  0.344   -20.233 1.00 27.22 ? 294 HOH A O   1 
HETATM 1336 O O   . HOH H 3 .  ? -18.135 10.803  -1.530  1.00 28.39 ? 295 HOH A O   1 
HETATM 1337 O O   . HOH H 3 .  ? -5.466  7.887   1.079   1.00 19.57 ? 296 HOH A O   1 
HETATM 1338 O O   . HOH H 3 .  ? -9.255  7.584   4.682   1.00 29.17 ? 297 HOH A O   1 
HETATM 1339 O O   . HOH H 3 .  ? -14.069 -1.824  -15.918 1.00 17.59 ? 298 HOH A O   1 
HETATM 1340 O O   . HOH H 3 .  ? -4.490  4.679   -1.721  1.00 11.97 ? 299 HOH A O   1 
HETATM 1341 O O   . HOH H 3 .  ? -14.052 0.552   -17.452 1.00 26.60 ? 300 HOH A O   1 
HETATM 1342 O O   . HOH H 3 .  ? 2.659   -10.790 -6.389  1.00 28.36 ? 301 HOH A O   1 
HETATM 1343 O O   . HOH H 3 .  ? -4.669  9.843   2.835   1.00 32.06 ? 302 HOH A O   1 
HETATM 1344 O O   . HOH I 3 .  ? -5.768  -20.753 8.578   1.00 23.92 ? 201 HOH B O   1 
HETATM 1345 O O   . HOH I 3 .  ? 8.945   -22.251 0.065   1.00 19.96 ? 202 HOH B O   1 
HETATM 1346 O O   . HOH I 3 .  ? 7.977   -19.988 3.919   1.00 18.53 ? 203 HOH B O   1 
HETATM 1347 O O   . HOH I 3 .  ? -6.986  -15.576 16.946  1.00 23.97 ? 204 HOH B O   1 
HETATM 1348 O O   . HOH I 3 .  ? -4.391  -0.749  17.630  1.00 12.58 ? 205 HOH B O   1 
HETATM 1349 O O   . HOH I 3 .  ? -3.360  -20.386 4.605   1.00 16.79 ? 206 HOH B O   1 
HETATM 1350 O O   . HOH I 3 .  ? 2.959   1.142   18.405  1.00 25.21 ? 207 HOH B O   1 
HETATM 1351 O O   . HOH I 3 .  ? -0.479  -23.275 3.181   1.00 30.58 ? 208 HOH B O   1 
HETATM 1352 O O   . HOH I 3 .  ? 7.185   -0.817  6.910   1.00 16.17 ? 209 HOH B O   1 
HETATM 1353 O O   . HOH I 3 .  ? -5.575  -17.667 0.829   1.00 21.15 ? 210 HOH B O   1 
HETATM 1354 O O   . HOH I 3 .  ? 8.099   -13.776 6.253   1.00 11.52 ? 211 HOH B O   1 
HETATM 1355 O O   . HOH I 3 .  ? 7.851   -8.256  10.614  1.00 8.16  ? 212 HOH B O   1 
HETATM 1356 O O   . HOH I 3 .  ? 2.884   -10.216 18.016  1.00 17.05 ? 213 HOH B O   1 
HETATM 1357 O O   . HOH I 3 .  ? -2.367  -14.259 -2.250  1.00 17.61 ? 214 HOH B O   1 
HETATM 1358 O O   . HOH I 3 .  ? 3.297   -18.045 0.414   1.00 7.81  ? 215 HOH B O   1 
HETATM 1359 O O   . HOH I 3 .  ? -12.188 -6.437  9.922   1.00 29.69 ? 216 HOH B O   1 
HETATM 1360 O O   . HOH I 3 .  ? 7.133   -17.863 1.623   1.00 12.50 ? 217 HOH B O   1 
HETATM 1361 O O   . HOH I 3 .  ? -7.096  0.612   0.127   1.00 9.43  ? 218 HOH B O   1 
HETATM 1362 O O   . HOH I 3 .  ? -5.078  -11.831 3.152   1.00 17.73 ? 219 HOH B O   1 
HETATM 1363 O O   . HOH I 3 .  ? -0.563  -14.630 5.163   1.00 8.11  ? 220 HOH B O   1 
HETATM 1364 O O   . HOH I 3 .  ? 2.816   -5.660  -1.872  1.00 8.44  ? 221 HOH B O   1 
HETATM 1365 O O   . HOH I 3 .  ? -1.664  -11.392 18.600  1.00 17.81 ? 222 HOH B O   1 
HETATM 1366 O O   . HOH I 3 .  ? 4.310   -17.087 -5.350  1.00 18.74 ? 223 HOH B O   1 
HETATM 1367 O O   . HOH I 3 .  ? 11.963  -17.873 -2.120  1.00 24.94 ? 224 HOH B O   1 
HETATM 1368 O O   . HOH I 3 .  ? -4.775  -1.734  -1.184  1.00 18.85 ? 225 HOH B O   1 
HETATM 1369 O O   . HOH I 3 .  ? 3.146   -3.452  1.111   1.00 9.70  ? 226 HOH B O   1 
HETATM 1370 O O   . HOH I 3 .  ? -5.095  -5.164  1.519   1.00 8.29  ? 227 HOH B O   1 
HETATM 1371 O O   . HOH I 3 .  ? -0.654  -13.607 7.728   1.00 7.53  ? 228 HOH B O   1 
HETATM 1372 O O   . HOH I 3 .  ? -3.328  1.511   0.951   1.00 14.58 ? 229 HOH B O   1 
HETATM 1373 O O   . HOH I 3 .  ? -6.606  2.777   8.033   1.00 16.17 ? 230 HOH B O   1 
HETATM 1374 O O   . HOH I 3 .  ? -11.199 1.562   13.306  1.00 34.73 ? 231 HOH B O   1 
HETATM 1375 O O   . HOH I 3 .  ? -7.455  1.346   3.816   1.00 12.63 ? 232 HOH B O   1 
HETATM 1376 O O   . HOH I 3 .  ? -9.026  -2.891  5.136   1.00 11.65 ? 233 HOH B O   1 
HETATM 1377 O O   . HOH I 3 .  ? -0.364  -17.697 11.067  1.00 18.59 ? 234 HOH B O   1 
HETATM 1378 O O   . HOH I 3 .  ? -1.508  -9.743  16.353  1.00 9.07  ? 235 HOH B O   1 
HETATM 1379 O O   . HOH I 3 .  ? -8.147  -9.899  5.367   1.00 16.79 ? 236 HOH B O   1 
HETATM 1380 O O   . HOH I 3 .  ? -2.441  0.720   19.111  1.00 16.58 ? 237 HOH B O   1 
HETATM 1381 O O   . HOH I 3 .  ? -8.117  -3.105  0.713   1.00 7.64  ? 238 HOH B O   1 
HETATM 1382 O O   . HOH I 3 .  ? 9.926   -17.292 -0.260  1.00 16.90 ? 239 HOH B O   1 
HETATM 1383 O O   . HOH I 3 .  ? 11.285  -15.964 -6.297  1.00 34.82 ? 240 HOH B O   1 
HETATM 1384 O O   . HOH I 3 .  ? 4.886   -15.948 12.352  1.00 24.62 ? 241 HOH B O   1 
HETATM 1385 O O   . HOH I 3 .  ? -5.860  -7.032  21.073  1.00 24.08 ? 242 HOH B O   1 
HETATM 1386 O O   . HOH I 3 .  ? -1.466  -17.846 -4.948  1.00 40.02 ? 243 HOH B O   1 
HETATM 1387 O O   . HOH I 3 .  ? 5.403   -17.183 8.576   1.00 16.64 ? 244 HOH B O   1 
HETATM 1388 O O   . HOH I 3 .  ? -2.971  -18.951 -2.809  1.00 18.75 ? 245 HOH B O   1 
HETATM 1389 O O   . HOH I 3 .  ? 5.859   -1.066  15.055  1.00 27.73 ? 246 HOH B O   1 
HETATM 1390 O O   . HOH I 3 .  ? 0.623   1.055   12.423  1.00 14.77 ? 247 HOH B O   1 
HETATM 1391 O O   . HOH I 3 .  ? 0.309   -11.011 14.766  1.00 10.54 ? 248 HOH B O   1 
HETATM 1392 O O   . HOH I 3 .  ? 8.959   -11.403 7.111   0.50 4.91  ? 249 HOH B O   1 
HETATM 1393 O O   . HOH I 3 .  ? -3.210  -18.435 11.779  1.00 34.61 ? 250 HOH B O   1 
HETATM 1394 O O   . HOH I 3 .  ? 1.091   -3.365  -1.836  1.00 14.23 ? 251 HOH B O   1 
HETATM 1395 O O   . HOH I 3 .  ? 6.703   -7.017  17.888  1.00 21.82 ? 252 HOH B O   1 
HETATM 1396 O O   . HOH I 3 .  ? 4.755   -20.001 6.607   1.00 15.39 ? 253 HOH B O   1 
HETATM 1397 O O   . HOH I 3 .  ? 5.602   -20.250 -5.230  1.00 18.90 ? 254 HOH B O   1 
HETATM 1398 O O   . HOH I 3 .  ? 6.975   -2.263  9.168   1.00 7.49  ? 255 HOH B O   1 
HETATM 1399 O O   . HOH I 3 .  ? 0.831   -7.322  -2.856  1.00 10.61 ? 256 HOH B O   1 
HETATM 1400 O O   . HOH I 3 .  ? 1.798   0.854   4.027   1.00 11.09 ? 257 HOH B O   1 
HETATM 1401 O O   . HOH I 3 .  ? -13.608 -12.582 15.489  1.00 29.99 ? 258 HOH B O   1 
HETATM 1402 O O   . HOH I 3 .  ? -9.125  -8.671  20.738  1.00 31.30 ? 259 HOH B O   1 
HETATM 1403 O O   . HOH I 3 .  ? -0.502  2.488   4.212   1.00 10.14 ? 260 HOH B O   1 
HETATM 1404 O O   . HOH I 3 .  ? 8.367   -4.544  9.795   1.00 13.69 ? 261 HOH B O   1 
HETATM 1405 O O   . HOH I 3 .  ? -0.042  -13.292 -4.363  1.00 33.13 ? 262 HOH B O   1 
HETATM 1406 O O   . HOH I 3 .  ? 6.136   -15.191 10.888  0.50 21.02 ? 263 HOH B O   1 
HETATM 1407 O O   . HOH I 3 .  ? 3.372   0.857   9.606   1.00 21.09 ? 264 HOH B O   1 
HETATM 1408 O O   . HOH I 3 .  ? 0.192   -0.525  -0.980  1.00 26.88 ? 265 HOH B O   1 
HETATM 1409 O O   . HOH I 3 .  ? -3.965  -16.791 -1.295  1.00 24.89 ? 266 HOH B O   1 
HETATM 1410 O O   . HOH I 3 .  ? 6.722   -1.299  16.840  1.00 28.04 ? 267 HOH B O   1 
HETATM 1411 O O   . HOH I 3 .  ? 8.144   -15.428 1.832   1.00 13.94 ? 268 HOH B O   1 
HETATM 1412 O O   . HOH I 3 .  ? 4.428   -22.349 4.891   1.00 22.59 ? 269 HOH B O   1 
HETATM 1413 O O   . HOH I 3 .  ? 0.706   -10.525 19.700  1.00 30.34 ? 270 HOH B O   1 
HETATM 1414 O O   . HOH I 3 .  ? -18.359 -0.287  15.263  1.00 23.82 ? 271 HOH B O   1 
HETATM 1415 O O   . HOH I 3 .  ? -7.710  3.342   5.584   1.00 17.51 ? 272 HOH B O   1 
HETATM 1416 O O   . HOH I 3 .  ? -8.381  3.027   9.985   1.00 24.53 ? 273 HOH B O   1 
HETATM 1417 O O   . HOH I 3 .  ? -4.786  -11.863 0.245   1.00 35.38 ? 274 HOH B O   1 
HETATM 1418 O O   . HOH I 3 .  ? -11.539 -3.230  6.316   1.00 28.19 ? 275 HOH B O   1 
HETATM 1419 O O   . HOH I 3 .  ? -7.579  2.882   1.445   1.00 14.60 ? 276 HOH B O   1 
HETATM 1420 O O   . HOH I 3 .  ? 6.573   -16.590 -7.382  1.00 28.36 ? 277 HOH B O   1 
HETATM 1421 O O   . HOH I 3 .  ? -2.265  4.052   8.437   1.00 30.10 ? 278 HOH B O   1 
HETATM 1422 O O   . HOH I 3 .  ? 1.981   -19.203 11.305  1.00 41.68 ? 279 HOH B O   1 
HETATM 1423 O O   . HOH I 3 .  ? -2.478  -0.076  -1.227  1.00 22.99 ? 280 HOH B O   1 
HETATM 1424 O O   . HOH I 3 .  ? -13.761 -11.541 11.413  1.00 32.59 ? 281 HOH B O   1 
HETATM 1425 O O   . HOH I 3 .  ? -0.869  3.216   1.598   1.00 15.40 ? 282 HOH B O   1 
HETATM 1426 O O   . HOH I 3 .  ? -8.864  -4.552  2.972   1.00 16.34 ? 283 HOH B O   1 
HETATM 1427 O O   . HOH I 3 .  ? 2.392   -11.899 16.140  1.00 22.93 ? 284 HOH B O   1 
HETATM 1428 O O   . HOH I 3 .  ? -4.955  3.697   0.838   1.00 14.99 ? 285 HOH B O   1 
HETATM 1429 O O   . HOH I 3 .  ? 6.856   -11.153 10.791  1.00 32.81 ? 286 HOH B O   1 
HETATM 1430 O O   . HOH I 3 .  ? 1.097   -9.516  -4.402  1.00 23.24 ? 287 HOH B O   1 
HETATM 1431 O O   . HOH I 3 .  ? -7.328  -6.642  2.222   1.00 23.24 ? 288 HOH B O   1 
HETATM 1432 O O   . HOH I 3 .  ? -2.771  -11.237 21.123  1.00 31.67 ? 289 HOH B O   1 
HETATM 1433 O O   . HOH I 3 .  ? 3.986   -11.158 20.224  1.00 38.90 ? 290 HOH B O   1 
HETATM 1434 O O   . HOH I 3 .  ? 5.610   -14.611 14.429  1.00 25.94 ? 291 HOH B O   1 
HETATM 1435 O O   . HOH I 3 .  ? 8.184   -17.781 8.218   1.00 27.18 ? 292 HOH B O   1 
HETATM 1436 O O   . HOH I 3 .  ? -2.048  -20.522 -4.998  1.00 33.48 ? 293 HOH B O   1 
HETATM 1437 O O   . HOH I 3 .  ? 4.846   1.167   14.826  1.00 23.58 ? 294 HOH B O   1 
HETATM 1438 O O   . HOH I 3 .  ? -6.734  5.602   4.815   1.00 26.61 ? 295 HOH B O   1 
HETATM 1439 O O   . HOH I 3 .  ? 5.101   -11.774 -7.179  1.00 21.38 ? 296 HOH B O   1 
HETATM 1440 O O   . HOH I 3 .  ? -4.035  5.777   2.464   1.00 19.90 ? 297 HOH B O   1 
HETATM 1441 O O   . HOH J 3 .  ? 14.555  14.031  -1.250  1.00 13.43 ? 201 HOH C O   1 
HETATM 1442 O O   . HOH J 3 .  ? -0.953  15.384  4.529   1.00 37.14 ? 202 HOH C O   1 
HETATM 1443 O O   . HOH J 3 .  ? 16.532  15.155  -9.084  1.00 28.71 ? 203 HOH C O   1 
HETATM 1444 O O   . HOH J 3 .  ? 14.866  9.236   -0.868  1.00 10.64 ? 204 HOH C O   1 
HETATM 1445 O O   . HOH J 3 .  ? 1.413   15.560  -5.703  1.00 17.09 ? 205 HOH C O   1 
HETATM 1446 O O   . HOH J 3 .  ? 22.530  3.959   1.330   1.00 9.33  ? 206 HOH C O   1 
HETATM 1447 O O   . HOH J 3 .  ? 15.194  19.125  -1.781  1.00 33.39 ? 207 HOH C O   1 
HETATM 1448 O O   . HOH J 3 .  ? 15.150  11.502  -2.368  1.00 12.16 ? 208 HOH C O   1 
HETATM 1449 O O   . HOH J 3 .  ? 12.138  13.973  5.664   1.00 21.84 ? 209 HOH C O   1 
HETATM 1450 O O   . HOH J 3 .  ? 22.101  1.069   -1.636  1.00 13.10 ? 210 HOH C O   1 
HETATM 1451 O O   . HOH J 3 .  ? 23.879  0.041   5.360   1.00 9.68  ? 211 HOH C O   1 
HETATM 1452 O O   . HOH J 3 .  ? 16.112  1.363   -4.233  1.00 7.95  ? 212 HOH C O   1 
HETATM 1453 O O   . HOH J 3 .  ? 22.557  11.903  0.362   1.00 23.06 ? 213 HOH C O   1 
HETATM 1454 O O   . HOH J 3 .  ? 4.069   -0.906  0.657   1.00 9.23  ? 214 HOH C O   1 
HETATM 1455 O O   . HOH J 3 .  ? 17.342  11.031  -5.413  1.00 19.65 ? 215 HOH C O   1 
HETATM 1456 O O   . HOH J 3 .  ? 9.161   1.586   -5.488  1.00 8.37  ? 216 HOH C O   1 
HETATM 1457 O O   . HOH J 3 .  ? 6.057   18.818  5.312   1.00 27.00 ? 217 HOH C O   1 
HETATM 1458 O O   . HOH J 3 .  ? 11.938  11.364  7.167   1.00 21.71 ? 218 HOH C O   1 
HETATM 1459 O O   . HOH J 3 .  ? 9.655   10.952  -6.100  1.00 14.30 ? 219 HOH C O   1 
HETATM 1460 O O   . HOH J 3 .  ? 21.399  2.582   8.656   1.00 16.05 ? 220 HOH C O   1 
HETATM 1461 O O   . HOH J 3 .  ? 0.875   12.906  -12.515 1.00 10.24 ? 221 HOH C O   1 
HETATM 1462 O O   . HOH J 3 .  ? 2.380   3.498   -4.228  1.00 22.28 ? 222 HOH C O   1 
HETATM 1463 O O   . HOH J 3 .  ? 9.093   0.996   6.309   1.00 12.48 ? 223 HOH C O   1 
HETATM 1464 O O   . HOH J 3 .  ? 7.814   9.788   -9.852  1.00 26.48 ? 224 HOH C O   1 
HETATM 1465 O O   . HOH J 3 .  ? 5.860   13.122  8.393   1.00 20.04 ? 225 HOH C O   1 
HETATM 1466 O O   . HOH J 3 .  ? -0.609  10.734  7.063   1.00 19.80 ? 226 HOH C O   1 
HETATM 1467 O O   . HOH J 3 .  ? -2.313  8.964   -1.763  1.00 10.81 ? 227 HOH C O   1 
HETATM 1468 O O   . HOH J 3 .  ? 14.939  10.886  5.499   1.00 20.35 ? 228 HOH C O   1 
HETATM 1469 O O   . HOH J 3 .  ? 23.087  -5.537  -0.785  1.00 15.37 ? 229 HOH C O   1 
HETATM 1470 O O   . HOH J 3 .  ? 21.063  11.478  5.955   1.00 20.60 ? 230 HOH C O   1 
HETATM 1471 O O   . HOH J 3 .  ? 19.493  6.567   7.747   1.00 17.10 ? 231 HOH C O   1 
HETATM 1472 O O   . HOH J 3 .  ? 9.422   8.792   8.981   1.00 13.40 ? 232 HOH C O   1 
HETATM 1473 O O   . HOH J 3 .  ? 15.303  6.772   -8.017  1.00 15.13 ? 233 HOH C O   1 
HETATM 1474 O O   . HOH J 3 .  ? 16.894  8.380   0.745   1.00 9.95  ? 234 HOH C O   1 
HETATM 1475 O O   . HOH J 3 .  ? 21.495  5.550   -4.949  1.00 15.70 ? 235 HOH C O   1 
HETATM 1476 O O   . HOH J 3 .  ? 7.780   12.917  -6.114  1.00 13.53 ? 236 HOH C O   1 
HETATM 1477 O O   . HOH J 3 .  ? 12.540  0.460   7.966   1.00 10.09 ? 237 HOH C O   1 
HETATM 1478 O O   . HOH J 3 .  ? -1.375  12.795  -2.594  1.00 19.64 ? 238 HOH C O   1 
HETATM 1479 O O   . HOH J 3 .  ? 23.021  12.480  -4.310  1.00 36.71 ? 239 HOH C O   1 
HETATM 1480 O O   . HOH J 3 .  ? 22.666  -2.385  -1.406  1.00 15.11 ? 240 HOH C O   1 
HETATM 1481 O O   . HOH J 3 .  ? 18.057  13.726  4.582   1.00 34.09 ? 241 HOH C O   1 
HETATM 1482 O O   . HOH J 3 .  ? 18.136  5.424   -5.861  1.00 16.76 ? 242 HOH C O   1 
HETATM 1483 O O   . HOH J 3 .  ? 7.128   1.968   10.035  1.00 21.58 ? 243 HOH C O   1 
HETATM 1484 O O   . HOH J 3 .  ? 3.156   5.284   10.768  1.00 20.83 ? 244 HOH C O   1 
HETATM 1485 O O   . HOH J 3 .  ? 19.890  -2.919  -1.233  1.00 19.93 ? 245 HOH C O   1 
HETATM 1486 O O   . HOH J 3 .  ? 6.849   20.730  -3.412  1.00 31.18 ? 246 HOH C O   1 
HETATM 1487 O O   . HOH J 3 .  ? 4.356   0.540   -1.656  1.00 7.85  ? 247 HOH C O   1 
HETATM 1488 O O   . HOH J 3 .  ? 1.579   3.006   0.049   1.00 26.01 ? 248 HOH C O   1 
HETATM 1489 O O   . HOH J 3 .  ? 3.322   2.207   5.899   1.00 10.68 ? 249 HOH C O   1 
HETATM 1490 O O   . HOH J 3 .  ? 13.534  0.299   -4.482  0.50 5.31  ? 250 HOH C O   1 
HETATM 1491 O O   . HOH J 3 .  ? -0.617  6.876   -0.591  1.00 12.81 ? 251 HOH C O   1 
HETATM 1492 O O   . HOH J 3 .  ? 1.657   4.009   7.274   1.00 11.67 ? 252 HOH C O   1 
HETATM 1493 O O   . HOH J 3 .  ? 7.897   4.468   -9.564  1.00 24.27 ? 253 HOH C O   1 
HETATM 1494 O O   . HOH J 3 .  ? 12.605  20.977  0.827   1.00 30.23 ? 254 HOH C O   1 
HETATM 1495 O O   . HOH J 3 .  ? -0.597  8.659   -12.313 1.00 40.39 ? 255 HOH C O   1 
HETATM 1496 O O   . HOH J 3 .  ? 24.387  -5.402  4.409   1.00 17.69 ? 256 HOH C O   1 
HETATM 1497 O O   . HOH J 3 .  ? -0.943  6.672   4.619   1.00 20.25 ? 257 HOH C O   1 
HETATM 1498 O O   . HOH J 3 .  ? 7.959   22.936  -3.908  1.00 32.38 ? 258 HOH C O   1 
HETATM 1499 O O   . HOH J 3 .  ? 15.875  9.199   7.276   1.00 29.88 ? 259 HOH C O   1 
HETATM 1500 O O   . HOH J 3 .  ? 7.902   13.834  -8.571  1.00 23.83 ? 260 HOH C O   1 
HETATM 1501 O O   . HOH J 3 .  ? 19.761  -0.263  -1.586  1.00 10.17 ? 261 HOH C O   1 
HETATM 1502 O O   . HOH J 3 .  ? 5.163   15.850  8.496   1.00 31.74 ? 262 HOH C O   1 
HETATM 1503 O O   . HOH J 3 .  ? 1.777   0.372   1.145   1.00 17.68 ? 263 HOH C O   1 
HETATM 1504 O O   . HOH J 3 .  ? 16.239  3.713   7.820   1.00 19.23 ? 264 HOH C O   1 
HETATM 1505 O O   . HOH J 3 .  ? 7.516   12.534  -10.475 1.00 32.51 ? 265 HOH C O   1 
HETATM 1506 O O   . HOH J 3 .  ? -1.674  13.153  6.305   1.00 31.63 ? 266 HOH C O   1 
HETATM 1507 O O   . HOH J 3 .  ? -0.857  4.420   6.167   1.00 11.52 ? 267 HOH C O   1 
HETATM 1508 O O   . HOH J 3 .  ? 9.917   11.413  8.996   1.00 23.89 ? 268 HOH C O   1 
HETATM 1509 O O   . HOH J 3 .  ? 0.679   15.385  -11.074 1.00 16.83 ? 269 HOH C O   1 
HETATM 1510 O O   . HOH J 3 .  ? 14.797  1.758   9.218   1.00 19.44 ? 270 HOH C O   1 
HETATM 1511 O O   . HOH J 3 .  ? -0.349  2.705   -3.144  1.00 26.16 ? 271 HOH C O   1 
HETATM 1512 O O   . HOH J 3 .  ? -3.337  11.305  -0.612  1.00 23.72 ? 272 HOH C O   1 
HETATM 1513 O O   . HOH J 3 .  ? 6.025   3.817   11.520  1.00 27.00 ? 273 HOH C O   1 
HETATM 1514 O O   . HOH J 3 .  ? 10.263  9.771   -8.572  1.00 24.66 ? 274 HOH C O   1 
HETATM 1515 O O   . HOH J 3 .  ? 20.128  6.828   -6.862  1.00 28.04 ? 275 HOH C O   1 
HETATM 1516 O O   . HOH J 3 .  ? 16.804  3.002   -6.312  1.00 16.24 ? 276 HOH C O   1 
HETATM 1517 O O   . HOH J 3 .  ? -2.061  8.605   5.954   1.00 24.96 ? 277 HOH C O   1 
HETATM 1518 O O   . HOH J 3 .  ? 14.954  3.930   -8.079  0.50 15.79 ? 278 HOH C O   1 
HETATM 1519 O O   . HOH J 3 .  ? -1.739  4.703   -2.006  1.00 17.51 ? 279 HOH C O   1 
HETATM 1520 O O   . HOH J 3 .  ? 8.661   13.640  8.607   1.00 23.62 ? 280 HOH C O   1 
HETATM 1521 O O   . HOH J 3 .  ? -1.270  5.906   1.856   1.00 14.24 ? 281 HOH C O   1 
HETATM 1522 O O   . HOH J 3 .  ? 9.902   15.531  6.587   1.00 28.84 ? 282 HOH C O   1 
HETATM 1523 O O   . HOH J 3 .  ? -3.400  12.290  1.983   1.00 26.57 ? 283 HOH C O   1 
HETATM 1524 O O   . HOH J 3 .  ? -1.122  5.447   10.605  1.00 21.13 ? 284 HOH C O   1 
# 
